data_3E0K
# 
_entry.id   3E0K 
# 
_audit_conform.dict_name       mmcif_pdbx.dic 
_audit_conform.dict_version    5.398 
_audit_conform.dict_location   http://mmcif.pdb.org/dictionaries/ascii/mmcif_pdbx.dic 
# 
loop_
_database_2.database_id 
_database_2.database_code 
_database_2.pdbx_database_accession 
_database_2.pdbx_DOI 
PDB   3E0K         pdb_00003e0k 10.2210/pdb3e0k/pdb 
RCSB  RCSB048722   ?            ?                   
WWPDB D_1000048722 ?            ?                   
# 
loop_
_pdbx_audit_revision_history.ordinal 
_pdbx_audit_revision_history.data_content_type 
_pdbx_audit_revision_history.major_revision 
_pdbx_audit_revision_history.minor_revision 
_pdbx_audit_revision_history.revision_date 
1 'Structure model' 1 0 2008-08-19 
2 'Structure model' 1 1 2011-07-13 
3 'Structure model' 1 2 2024-11-06 
# 
_pdbx_audit_revision_details.ordinal             1 
_pdbx_audit_revision_details.revision_ordinal    1 
_pdbx_audit_revision_details.data_content_type   'Structure model' 
_pdbx_audit_revision_details.provider            repository 
_pdbx_audit_revision_details.type                'Initial release' 
_pdbx_audit_revision_details.description         ? 
_pdbx_audit_revision_details.details             ? 
# 
loop_
_pdbx_audit_revision_group.ordinal 
_pdbx_audit_revision_group.revision_ordinal 
_pdbx_audit_revision_group.data_content_type 
_pdbx_audit_revision_group.group 
1 2 'Structure model' Advisory                    
2 2 'Structure model' 'Refinement description'    
3 2 'Structure model' 'Version format compliance' 
4 3 'Structure model' 'Data collection'           
5 3 'Structure model' 'Database references'       
6 3 'Structure model' 'Derived calculations'      
7 3 'Structure model' 'Structure summary'         
# 
loop_
_pdbx_audit_revision_category.ordinal 
_pdbx_audit_revision_category.revision_ordinal 
_pdbx_audit_revision_category.data_content_type 
_pdbx_audit_revision_category.category 
1 3 'Structure model' chem_comp_atom            
2 3 'Structure model' chem_comp_bond            
3 3 'Structure model' database_2                
4 3 'Structure model' pdbx_entry_details        
5 3 'Structure model' pdbx_modification_feature 
6 3 'Structure model' struct_conn               
7 3 'Structure model' struct_site               
# 
loop_
_pdbx_audit_revision_item.ordinal 
_pdbx_audit_revision_item.revision_ordinal 
_pdbx_audit_revision_item.data_content_type 
_pdbx_audit_revision_item.item 
1 3 'Structure model' '_database_2.pdbx_DOI'                
2 3 'Structure model' '_database_2.pdbx_database_accession' 
3 3 'Structure model' '_struct_conn.pdbx_leaving_atom_flag' 
4 3 'Structure model' '_struct_site.pdbx_auth_asym_id'      
5 3 'Structure model' '_struct_site.pdbx_auth_comp_id'      
6 3 'Structure model' '_struct_site.pdbx_auth_seq_id'       
# 
_pdbx_database_status.status_code                     REL 
_pdbx_database_status.entry_id                        3E0K 
_pdbx_database_status.recvd_initial_deposition_date   2008-07-31 
_pdbx_database_status.deposit_site                    RCSB 
_pdbx_database_status.process_site                    RCSB 
_pdbx_database_status.status_code_sf                  REL 
_pdbx_database_status.status_code_mr                  ? 
_pdbx_database_status.SG_entry                        Y 
_pdbx_database_status.pdb_format_compatible           Y 
_pdbx_database_status.status_code_cs                  ? 
_pdbx_database_status.status_code_nmr_data            ? 
_pdbx_database_status.methods_development_category    ? 
# 
_pdbx_database_related.db_name        TargetDB 
_pdbx_database_related.db_id          APC61276.2 
_pdbx_database_related.details        . 
_pdbx_database_related.content_type   unspecified 
# 
loop_
_audit_author.name 
_audit_author.pdbx_ordinal 
'Chang, C.'                                     1 
'Shackelford, G.'                               2 
'Joachimiak, A.'                                3 
'Midwest Center for Structural Genomics (MCSG)' 4 
# 
_citation.id                        primary 
_citation.title                     
'Crystal structure of C-termianl domain of N-acetylglutamate synthase from Vibrio parahaemolyticus' 
_citation.journal_abbrev            'To be Published' 
_citation.journal_volume            ? 
_citation.page_first                ? 
_citation.page_last                 ? 
_citation.year                      ? 
_citation.journal_id_ASTM           ? 
_citation.country                   ? 
_citation.journal_id_ISSN           ? 
_citation.journal_id_CSD            0353 
_citation.book_publisher            ? 
_citation.pdbx_database_id_PubMed   ? 
_citation.pdbx_database_id_DOI      ? 
# 
loop_
_citation_author.citation_id 
_citation_author.name 
_citation_author.ordinal 
_citation_author.identifier_ORCID 
primary 'Chang, C.'       1 ? 
primary 'Shackelford, G.' 2 ? 
primary 'Joachimiak, A.'  3 ? 
# 
loop_
_entity.id 
_entity.type 
_entity.src_method 
_entity.pdbx_description 
_entity.formula_weight 
_entity.pdbx_number_of_molecules 
_entity.pdbx_ec 
_entity.pdbx_mutation 
_entity.pdbx_fragment 
_entity.details 
1 polymer     man 'Amino-acid acetyltransferase' 17290.406 1  2.3.1.1 ? 'residues 298-445' ? 
2 non-polymer syn 'SULFATE ION'                  96.063    1  ?       ? ?                  ? 
3 non-polymer syn 1,2-ETHANEDIOL                 62.068    2  ?       ? ?                  ? 
4 water       nat water                          18.015    51 ?       ? ?                  ? 
# 
_entity_name_com.entity_id   1 
_entity_name_com.name        'N-acetylglutamate synthase, AGS, NAGS' 
# 
_entity_poly.entity_id                      1 
_entity_poly.type                           'polypeptide(L)' 
_entity_poly.nstd_linkage                   no 
_entity_poly.nstd_monomer                   yes 
_entity_poly.pdbx_seq_one_letter_code       
;SNAEQVRQAGIDDIGGILELIHPLEEQGILVRRSREQLEQEIGKFTIIEKDGLIIGCAALYPYSEERKAE(MSE)ACVAI
HPDYRDGNRGLLLLNY(MSE)KHRSKSENINQIFVLTTHSLHWFREQGFYEVGVDYLPGAKQGLYNFQRKSKILALDL
;
_entity_poly.pdbx_seq_one_letter_code_can   
;SNAEQVRQAGIDDIGGILELIHPLEEQGILVRRSREQLEQEIGKFTIIEKDGLIIGCAALYPYSEERKAEMACVAIHPDY
RDGNRGLLLLNYMKHRSKSENINQIFVLTTHSLHWFREQGFYEVGVDYLPGAKQGLYNFQRKSKILALDL
;
_entity_poly.pdbx_strand_id                 A 
_entity_poly.pdbx_target_identifier         APC61276.2 
# 
loop_
_pdbx_entity_nonpoly.entity_id 
_pdbx_entity_nonpoly.name 
_pdbx_entity_nonpoly.comp_id 
2 'SULFATE ION'  SO4 
3 1,2-ETHANEDIOL EDO 
4 water          HOH 
# 
loop_
_entity_poly_seq.entity_id 
_entity_poly_seq.num 
_entity_poly_seq.mon_id 
_entity_poly_seq.hetero 
1 1   SER n 
1 2   ASN n 
1 3   ALA n 
1 4   GLU n 
1 5   GLN n 
1 6   VAL n 
1 7   ARG n 
1 8   GLN n 
1 9   ALA n 
1 10  GLY n 
1 11  ILE n 
1 12  ASP n 
1 13  ASP n 
1 14  ILE n 
1 15  GLY n 
1 16  GLY n 
1 17  ILE n 
1 18  LEU n 
1 19  GLU n 
1 20  LEU n 
1 21  ILE n 
1 22  HIS n 
1 23  PRO n 
1 24  LEU n 
1 25  GLU n 
1 26  GLU n 
1 27  GLN n 
1 28  GLY n 
1 29  ILE n 
1 30  LEU n 
1 31  VAL n 
1 32  ARG n 
1 33  ARG n 
1 34  SER n 
1 35  ARG n 
1 36  GLU n 
1 37  GLN n 
1 38  LEU n 
1 39  GLU n 
1 40  GLN n 
1 41  GLU n 
1 42  ILE n 
1 43  GLY n 
1 44  LYS n 
1 45  PHE n 
1 46  THR n 
1 47  ILE n 
1 48  ILE n 
1 49  GLU n 
1 50  LYS n 
1 51  ASP n 
1 52  GLY n 
1 53  LEU n 
1 54  ILE n 
1 55  ILE n 
1 56  GLY n 
1 57  CYS n 
1 58  ALA n 
1 59  ALA n 
1 60  LEU n 
1 61  TYR n 
1 62  PRO n 
1 63  TYR n 
1 64  SER n 
1 65  GLU n 
1 66  GLU n 
1 67  ARG n 
1 68  LYS n 
1 69  ALA n 
1 70  GLU n 
1 71  MSE n 
1 72  ALA n 
1 73  CYS n 
1 74  VAL n 
1 75  ALA n 
1 76  ILE n 
1 77  HIS n 
1 78  PRO n 
1 79  ASP n 
1 80  TYR n 
1 81  ARG n 
1 82  ASP n 
1 83  GLY n 
1 84  ASN n 
1 85  ARG n 
1 86  GLY n 
1 87  LEU n 
1 88  LEU n 
1 89  LEU n 
1 90  LEU n 
1 91  ASN n 
1 92  TYR n 
1 93  MSE n 
1 94  LYS n 
1 95  HIS n 
1 96  ARG n 
1 97  SER n 
1 98  LYS n 
1 99  SER n 
1 100 GLU n 
1 101 ASN n 
1 102 ILE n 
1 103 ASN n 
1 104 GLN n 
1 105 ILE n 
1 106 PHE n 
1 107 VAL n 
1 108 LEU n 
1 109 THR n 
1 110 THR n 
1 111 HIS n 
1 112 SER n 
1 113 LEU n 
1 114 HIS n 
1 115 TRP n 
1 116 PHE n 
1 117 ARG n 
1 118 GLU n 
1 119 GLN n 
1 120 GLY n 
1 121 PHE n 
1 122 TYR n 
1 123 GLU n 
1 124 VAL n 
1 125 GLY n 
1 126 VAL n 
1 127 ASP n 
1 128 TYR n 
1 129 LEU n 
1 130 PRO n 
1 131 GLY n 
1 132 ALA n 
1 133 LYS n 
1 134 GLN n 
1 135 GLY n 
1 136 LEU n 
1 137 TYR n 
1 138 ASN n 
1 139 PHE n 
1 140 GLN n 
1 141 ARG n 
1 142 LYS n 
1 143 SER n 
1 144 LYS n 
1 145 ILE n 
1 146 LEU n 
1 147 ALA n 
1 148 LEU n 
1 149 ASP n 
1 150 LEU n 
# 
_entity_src_gen.entity_id                          1 
_entity_src_gen.pdbx_src_id                        1 
_entity_src_gen.pdbx_alt_source_flag               sample 
_entity_src_gen.pdbx_seq_type                      ? 
_entity_src_gen.pdbx_beg_seq_num                   ? 
_entity_src_gen.pdbx_end_seq_num                   ? 
_entity_src_gen.gene_src_common_name               ? 
_entity_src_gen.gene_src_genus                     ? 
_entity_src_gen.pdbx_gene_src_gene                 'argA, VP2371' 
_entity_src_gen.gene_src_species                   ? 
_entity_src_gen.gene_src_strain                    ? 
_entity_src_gen.gene_src_tissue                    ? 
_entity_src_gen.gene_src_tissue_fraction           ? 
_entity_src_gen.gene_src_details                   ? 
_entity_src_gen.pdbx_gene_src_fragment             ? 
_entity_src_gen.pdbx_gene_src_scientific_name      'Vibrio parahaemolyticus' 
_entity_src_gen.pdbx_gene_src_ncbi_taxonomy_id     670 
_entity_src_gen.pdbx_gene_src_variant              ? 
_entity_src_gen.pdbx_gene_src_cell_line            ? 
_entity_src_gen.pdbx_gene_src_atcc                 ? 
_entity_src_gen.pdbx_gene_src_organ                ? 
_entity_src_gen.pdbx_gene_src_organelle            ? 
_entity_src_gen.pdbx_gene_src_cell                 ? 
_entity_src_gen.pdbx_gene_src_cellular_location    ? 
_entity_src_gen.host_org_common_name               ? 
_entity_src_gen.pdbx_host_org_scientific_name      'Escherichia coli' 
_entity_src_gen.pdbx_host_org_ncbi_taxonomy_id     ? 
_entity_src_gen.host_org_genus                     ? 
_entity_src_gen.pdbx_host_org_gene                 ? 
_entity_src_gen.pdbx_host_org_organ                ? 
_entity_src_gen.host_org_species                   ? 
_entity_src_gen.pdbx_host_org_tissue               ? 
_entity_src_gen.pdbx_host_org_tissue_fraction      ? 
_entity_src_gen.pdbx_host_org_strain               'BL21(DE3) derivative' 
_entity_src_gen.pdbx_host_org_variant              ? 
_entity_src_gen.pdbx_host_org_cell_line            ? 
_entity_src_gen.pdbx_host_org_atcc                 ? 
_entity_src_gen.pdbx_host_org_culture_collection   ? 
_entity_src_gen.pdbx_host_org_cell                 ? 
_entity_src_gen.pdbx_host_org_organelle            ? 
_entity_src_gen.pdbx_host_org_cellular_location    ? 
_entity_src_gen.pdbx_host_org_vector_type          plasmid 
_entity_src_gen.pdbx_host_org_vector               ? 
_entity_src_gen.host_org_details                   ? 
_entity_src_gen.expression_system_id               ? 
_entity_src_gen.plasmid_name                       pMCSG19 
_entity_src_gen.plasmid_details                    ? 
_entity_src_gen.pdbx_description                   ? 
# 
loop_
_chem_comp.id 
_chem_comp.type 
_chem_comp.mon_nstd_flag 
_chem_comp.name 
_chem_comp.pdbx_synonyms 
_chem_comp.formula 
_chem_comp.formula_weight 
ALA 'L-peptide linking' y ALANINE          ?                 'C3 H7 N O2'     89.093  
ARG 'L-peptide linking' y ARGININE         ?                 'C6 H15 N4 O2 1' 175.209 
ASN 'L-peptide linking' y ASPARAGINE       ?                 'C4 H8 N2 O3'    132.118 
ASP 'L-peptide linking' y 'ASPARTIC ACID'  ?                 'C4 H7 N O4'     133.103 
CYS 'L-peptide linking' y CYSTEINE         ?                 'C3 H7 N O2 S'   121.158 
EDO non-polymer         . 1,2-ETHANEDIOL   'ETHYLENE GLYCOL' 'C2 H6 O2'       62.068  
GLN 'L-peptide linking' y GLUTAMINE        ?                 'C5 H10 N2 O3'   146.144 
GLU 'L-peptide linking' y 'GLUTAMIC ACID'  ?                 'C5 H9 N O4'     147.129 
GLY 'peptide linking'   y GLYCINE          ?                 'C2 H5 N O2'     75.067  
HIS 'L-peptide linking' y HISTIDINE        ?                 'C6 H10 N3 O2 1' 156.162 
HOH non-polymer         . WATER            ?                 'H2 O'           18.015  
ILE 'L-peptide linking' y ISOLEUCINE       ?                 'C6 H13 N O2'    131.173 
LEU 'L-peptide linking' y LEUCINE          ?                 'C6 H13 N O2'    131.173 
LYS 'L-peptide linking' y LYSINE           ?                 'C6 H15 N2 O2 1' 147.195 
MSE 'L-peptide linking' n SELENOMETHIONINE ?                 'C5 H11 N O2 Se' 196.106 
PHE 'L-peptide linking' y PHENYLALANINE    ?                 'C9 H11 N O2'    165.189 
PRO 'L-peptide linking' y PROLINE          ?                 'C5 H9 N O2'     115.130 
SER 'L-peptide linking' y SERINE           ?                 'C3 H7 N O3'     105.093 
SO4 non-polymer         . 'SULFATE ION'    ?                 'O4 S -2'        96.063  
THR 'L-peptide linking' y THREONINE        ?                 'C4 H9 N O3'     119.119 
TRP 'L-peptide linking' y TRYPTOPHAN       ?                 'C11 H12 N2 O2'  204.225 
TYR 'L-peptide linking' y TYROSINE         ?                 'C9 H11 N O3'    181.189 
VAL 'L-peptide linking' y VALINE           ?                 'C5 H11 N O2'    117.146 
# 
loop_
_pdbx_poly_seq_scheme.asym_id 
_pdbx_poly_seq_scheme.entity_id 
_pdbx_poly_seq_scheme.seq_id 
_pdbx_poly_seq_scheme.mon_id 
_pdbx_poly_seq_scheme.ndb_seq_num 
_pdbx_poly_seq_scheme.pdb_seq_num 
_pdbx_poly_seq_scheme.auth_seq_num 
_pdbx_poly_seq_scheme.pdb_mon_id 
_pdbx_poly_seq_scheme.auth_mon_id 
_pdbx_poly_seq_scheme.pdb_strand_id 
_pdbx_poly_seq_scheme.pdb_ins_code 
_pdbx_poly_seq_scheme.hetero 
A 1 1   SER 1   296 ?   ?   ?   A . n 
A 1 2   ASN 2   297 ?   ?   ?   A . n 
A 1 3   ALA 3   298 298 ALA ALA A . n 
A 1 4   GLU 4   299 299 GLU GLU A . n 
A 1 5   GLN 5   300 300 GLN GLN A . n 
A 1 6   VAL 6   301 301 VAL VAL A . n 
A 1 7   ARG 7   302 302 ARG ARG A . n 
A 1 8   GLN 8   303 303 GLN GLN A . n 
A 1 9   ALA 9   304 304 ALA ALA A . n 
A 1 10  GLY 10  305 305 GLY GLY A . n 
A 1 11  ILE 11  306 306 ILE ILE A . n 
A 1 12  ASP 12  307 307 ASP ASP A . n 
A 1 13  ASP 13  308 308 ASP ASP A . n 
A 1 14  ILE 14  309 309 ILE ILE A . n 
A 1 15  GLY 15  310 310 GLY GLY A . n 
A 1 16  GLY 16  311 311 GLY GLY A . n 
A 1 17  ILE 17  312 312 ILE ILE A . n 
A 1 18  LEU 18  313 313 LEU LEU A . n 
A 1 19  GLU 19  314 314 GLU GLU A . n 
A 1 20  LEU 20  315 315 LEU LEU A . n 
A 1 21  ILE 21  316 316 ILE ILE A . n 
A 1 22  HIS 22  317 317 HIS HIS A . n 
A 1 23  PRO 23  318 318 PRO PRO A . n 
A 1 24  LEU 24  319 319 LEU LEU A . n 
A 1 25  GLU 25  320 320 GLU GLU A . n 
A 1 26  GLU 26  321 321 GLU GLU A . n 
A 1 27  GLN 27  322 322 GLN GLN A . n 
A 1 28  GLY 28  323 323 GLY GLY A . n 
A 1 29  ILE 29  324 324 ILE ILE A . n 
A 1 30  LEU 30  325 325 LEU LEU A . n 
A 1 31  VAL 31  326 ?   ?   ?   A . n 
A 1 32  ARG 32  327 327 ARG ARG A . n 
A 1 33  ARG 33  328 328 ARG ARG A . n 
A 1 34  SER 34  329 329 SER SER A . n 
A 1 35  ARG 35  330 330 ARG ARG A . n 
A 1 36  GLU 36  331 331 GLU GLU A . n 
A 1 37  GLN 37  332 332 GLN GLN A . n 
A 1 38  LEU 38  333 333 LEU LEU A . n 
A 1 39  GLU 39  334 334 GLU GLU A . n 
A 1 40  GLN 40  335 335 GLN GLN A . n 
A 1 41  GLU 41  336 336 GLU GLU A . n 
A 1 42  ILE 42  337 337 ILE ILE A . n 
A 1 43  GLY 43  338 338 GLY GLY A . n 
A 1 44  LYS 44  339 339 LYS LYS A . n 
A 1 45  PHE 45  340 340 PHE PHE A . n 
A 1 46  THR 46  341 341 THR THR A . n 
A 1 47  ILE 47  342 342 ILE ILE A . n 
A 1 48  ILE 48  343 343 ILE ILE A . n 
A 1 49  GLU 49  344 344 GLU GLU A . n 
A 1 50  LYS 50  345 345 LYS LYS A . n 
A 1 51  ASP 51  346 346 ASP ASP A . n 
A 1 52  GLY 52  347 347 GLY GLY A . n 
A 1 53  LEU 53  348 348 LEU LEU A . n 
A 1 54  ILE 54  349 349 ILE ILE A . n 
A 1 55  ILE 55  350 350 ILE ILE A . n 
A 1 56  GLY 56  351 351 GLY GLY A . n 
A 1 57  CYS 57  352 352 CYS CYS A . n 
A 1 58  ALA 58  353 353 ALA ALA A . n 
A 1 59  ALA 59  354 354 ALA ALA A . n 
A 1 60  LEU 60  355 355 LEU LEU A . n 
A 1 61  TYR 61  356 356 TYR TYR A . n 
A 1 62  PRO 62  357 357 PRO PRO A . n 
A 1 63  TYR 63  358 358 TYR TYR A . n 
A 1 64  SER 64  359 359 SER SER A . n 
A 1 65  GLU 65  360 360 GLU GLU A . n 
A 1 66  GLU 66  361 361 GLU GLU A . n 
A 1 67  ARG 67  362 362 ARG ARG A . n 
A 1 68  LYS 68  363 363 LYS LYS A . n 
A 1 69  ALA 69  364 364 ALA ALA A . n 
A 1 70  GLU 70  365 365 GLU GLU A . n 
A 1 71  MSE 71  366 366 MSE MSE A . n 
A 1 72  ALA 72  367 367 ALA ALA A . n 
A 1 73  CYS 73  368 368 CYS CYS A . n 
A 1 74  VAL 74  369 369 VAL VAL A . n 
A 1 75  ALA 75  370 370 ALA ALA A . n 
A 1 76  ILE 76  371 371 ILE ILE A . n 
A 1 77  HIS 77  372 372 HIS HIS A . n 
A 1 78  PRO 78  373 373 PRO PRO A . n 
A 1 79  ASP 79  374 374 ASP ASP A . n 
A 1 80  TYR 80  375 375 TYR TYR A . n 
A 1 81  ARG 81  376 376 ARG ARG A . n 
A 1 82  ASP 82  377 377 ASP ASP A . n 
A 1 83  GLY 83  378 378 GLY GLY A . n 
A 1 84  ASN 84  379 379 ASN ASN A . n 
A 1 85  ARG 85  380 380 ARG ARG A . n 
A 1 86  GLY 86  381 381 GLY GLY A . n 
A 1 87  LEU 87  382 382 LEU LEU A . n 
A 1 88  LEU 88  383 383 LEU LEU A . n 
A 1 89  LEU 89  384 384 LEU LEU A . n 
A 1 90  LEU 90  385 385 LEU LEU A . n 
A 1 91  ASN 91  386 386 ASN ASN A . n 
A 1 92  TYR 92  387 387 TYR TYR A . n 
A 1 93  MSE 93  388 388 MSE MSE A . n 
A 1 94  LYS 94  389 389 LYS LYS A . n 
A 1 95  HIS 95  390 390 HIS HIS A . n 
A 1 96  ARG 96  391 391 ARG ARG A . n 
A 1 97  SER 97  392 392 SER SER A . n 
A 1 98  LYS 98  393 393 LYS LYS A . n 
A 1 99  SER 99  394 394 SER SER A . n 
A 1 100 GLU 100 395 395 GLU GLU A . n 
A 1 101 ASN 101 396 396 ASN ASN A . n 
A 1 102 ILE 102 397 397 ILE ILE A . n 
A 1 103 ASN 103 398 398 ASN ASN A . n 
A 1 104 GLN 104 399 399 GLN GLN A . n 
A 1 105 ILE 105 400 400 ILE ILE A . n 
A 1 106 PHE 106 401 401 PHE PHE A . n 
A 1 107 VAL 107 402 402 VAL VAL A . n 
A 1 108 LEU 108 403 403 LEU LEU A . n 
A 1 109 THR 109 404 404 THR THR A . n 
A 1 110 THR 110 405 405 THR THR A . n 
A 1 111 HIS 111 406 406 HIS HIS A . n 
A 1 112 SER 112 407 407 SER SER A . n 
A 1 113 LEU 113 408 408 LEU LEU A . n 
A 1 114 HIS 114 409 409 HIS HIS A . n 
A 1 115 TRP 115 410 410 TRP TRP A . n 
A 1 116 PHE 116 411 411 PHE PHE A . n 
A 1 117 ARG 117 412 412 ARG ARG A . n 
A 1 118 GLU 118 413 413 GLU GLU A . n 
A 1 119 GLN 119 414 414 GLN GLN A . n 
A 1 120 GLY 120 415 415 GLY GLY A . n 
A 1 121 PHE 121 416 416 PHE PHE A . n 
A 1 122 TYR 122 417 417 TYR TYR A . n 
A 1 123 GLU 123 418 418 GLU GLU A . n 
A 1 124 VAL 124 419 419 VAL VAL A . n 
A 1 125 GLY 125 420 420 GLY GLY A . n 
A 1 126 VAL 126 421 421 VAL VAL A . n 
A 1 127 ASP 127 422 422 ASP ASP A . n 
A 1 128 TYR 128 423 423 TYR TYR A . n 
A 1 129 LEU 129 424 424 LEU LEU A . n 
A 1 130 PRO 130 425 425 PRO PRO A . n 
A 1 131 GLY 131 426 426 GLY GLY A . n 
A 1 132 ALA 132 427 427 ALA ALA A . n 
A 1 133 LYS 133 428 428 LYS LYS A . n 
A 1 134 GLN 134 429 429 GLN GLN A . n 
A 1 135 GLY 135 430 430 GLY GLY A . n 
A 1 136 LEU 136 431 431 LEU ALA A . n 
A 1 137 TYR 137 432 432 TYR ALA A . n 
A 1 138 ASN 138 433 433 ASN ALA A . n 
A 1 139 PHE 139 434 434 PHE PHE A . n 
A 1 140 GLN 140 435 ?   ?   ?   A . n 
A 1 141 ARG 141 436 436 ARG ARG A . n 
A 1 142 LYS 142 437 437 LYS ALA A . n 
A 1 143 SER 143 438 438 SER SER A . n 
A 1 144 LYS 144 439 439 LYS LYS A . n 
A 1 145 ILE 145 440 440 ILE ILE A . n 
A 1 146 LEU 146 441 441 LEU LEU A . n 
A 1 147 ALA 147 442 442 ALA ALA A . n 
A 1 148 LEU 148 443 443 LEU LEU A . n 
A 1 149 ASP 149 444 444 ASP ASP A . n 
A 1 150 LEU 150 445 445 LEU LEU A . n 
# 
loop_
_pdbx_nonpoly_scheme.asym_id 
_pdbx_nonpoly_scheme.entity_id 
_pdbx_nonpoly_scheme.mon_id 
_pdbx_nonpoly_scheme.ndb_seq_num 
_pdbx_nonpoly_scheme.pdb_seq_num 
_pdbx_nonpoly_scheme.auth_seq_num 
_pdbx_nonpoly_scheme.pdb_mon_id 
_pdbx_nonpoly_scheme.auth_mon_id 
_pdbx_nonpoly_scheme.pdb_strand_id 
_pdbx_nonpoly_scheme.pdb_ins_code 
B 2 SO4 1  501 501 SO4 SO4 A . 
C 3 EDO 1  502 502 EDO EDO A . 
D 3 EDO 1  503 503 EDO EDO A . 
E 4 HOH 1  1   1   HOH HOH A . 
E 4 HOH 2  2   2   HOH HOH A . 
E 4 HOH 3  3   3   HOH HOH A . 
E 4 HOH 4  4   4   HOH HOH A . 
E 4 HOH 5  5   5   HOH HOH A . 
E 4 HOH 6  6   6   HOH HOH A . 
E 4 HOH 7  7   7   HOH HOH A . 
E 4 HOH 8  8   8   HOH HOH A . 
E 4 HOH 9  9   9   HOH HOH A . 
E 4 HOH 10 10  10  HOH HOH A . 
E 4 HOH 11 11  11  HOH HOH A . 
E 4 HOH 12 12  12  HOH HOH A . 
E 4 HOH 13 13  13  HOH HOH A . 
E 4 HOH 14 14  14  HOH HOH A . 
E 4 HOH 15 15  15  HOH HOH A . 
E 4 HOH 16 16  16  HOH HOH A . 
E 4 HOH 17 17  17  HOH HOH A . 
E 4 HOH 18 18  18  HOH HOH A . 
E 4 HOH 19 19  19  HOH HOH A . 
E 4 HOH 20 20  20  HOH HOH A . 
E 4 HOH 21 21  21  HOH HOH A . 
E 4 HOH 22 22  22  HOH HOH A . 
E 4 HOH 23 23  23  HOH HOH A . 
E 4 HOH 24 24  24  HOH HOH A . 
E 4 HOH 25 25  25  HOH HOH A . 
E 4 HOH 26 26  26  HOH HOH A . 
E 4 HOH 27 27  27  HOH HOH A . 
E 4 HOH 28 28  28  HOH HOH A . 
E 4 HOH 29 29  29  HOH HOH A . 
E 4 HOH 30 30  30  HOH HOH A . 
E 4 HOH 31 31  31  HOH HOH A . 
E 4 HOH 32 32  32  HOH HOH A . 
E 4 HOH 33 33  33  HOH HOH A . 
E 4 HOH 34 34  34  HOH HOH A . 
E 4 HOH 35 35  35  HOH HOH A . 
E 4 HOH 36 36  36  HOH HOH A . 
E 4 HOH 37 37  37  HOH HOH A . 
E 4 HOH 38 38  38  HOH HOH A . 
E 4 HOH 39 39  39  HOH HOH A . 
E 4 HOH 40 40  40  HOH HOH A . 
E 4 HOH 41 41  41  HOH HOH A . 
E 4 HOH 42 42  42  HOH HOH A . 
E 4 HOH 43 43  43  HOH HOH A . 
E 4 HOH 44 44  44  HOH HOH A . 
E 4 HOH 45 45  45  HOH HOH A . 
E 4 HOH 46 46  46  HOH HOH A . 
E 4 HOH 47 47  47  HOH HOH A . 
E 4 HOH 48 48  48  HOH HOH A . 
E 4 HOH 49 49  49  HOH HOH A . 
E 4 HOH 50 50  50  HOH HOH A . 
E 4 HOH 51 51  51  HOH HOH A . 
# 
loop_
_pdbx_unobs_or_zero_occ_atoms.id 
_pdbx_unobs_or_zero_occ_atoms.PDB_model_num 
_pdbx_unobs_or_zero_occ_atoms.polymer_flag 
_pdbx_unobs_or_zero_occ_atoms.occupancy_flag 
_pdbx_unobs_or_zero_occ_atoms.auth_asym_id 
_pdbx_unobs_or_zero_occ_atoms.auth_comp_id 
_pdbx_unobs_or_zero_occ_atoms.auth_seq_id 
_pdbx_unobs_or_zero_occ_atoms.PDB_ins_code 
_pdbx_unobs_or_zero_occ_atoms.auth_atom_id 
_pdbx_unobs_or_zero_occ_atoms.label_alt_id 
_pdbx_unobs_or_zero_occ_atoms.label_asym_id 
_pdbx_unobs_or_zero_occ_atoms.label_comp_id 
_pdbx_unobs_or_zero_occ_atoms.label_seq_id 
_pdbx_unobs_or_zero_occ_atoms.label_atom_id 
1  1 Y 0 A GLN 303 ? CA  A A GLN 8   CA  
2  1 Y 0 A GLN 303 ? CB  A A GLN 8   CB  
3  1 Y 0 A GLN 303 ? CG  A A GLN 8   CG  
4  1 Y 0 A GLN 303 ? CD  A A GLN 8   CD  
5  1 Y 0 A GLN 303 ? OE1 A A GLN 8   OE1 
6  1 Y 0 A GLN 303 ? NE2 A A GLN 8   NE2 
7  1 Y 1 A LEU 431 ? CG  ? A LEU 136 CG  
8  1 Y 1 A LEU 431 ? CD1 ? A LEU 136 CD1 
9  1 Y 1 A LEU 431 ? CD2 ? A LEU 136 CD2 
10 1 Y 1 A TYR 432 ? CG  ? A TYR 137 CG  
11 1 Y 1 A TYR 432 ? CD1 ? A TYR 137 CD1 
12 1 Y 1 A TYR 432 ? CD2 ? A TYR 137 CD2 
13 1 Y 1 A TYR 432 ? CE1 ? A TYR 137 CE1 
14 1 Y 1 A TYR 432 ? CE2 ? A TYR 137 CE2 
15 1 Y 1 A TYR 432 ? CZ  ? A TYR 137 CZ  
16 1 Y 1 A TYR 432 ? OH  ? A TYR 137 OH  
17 1 Y 1 A ASN 433 ? CG  ? A ASN 138 CG  
18 1 Y 1 A ASN 433 ? OD1 ? A ASN 138 OD1 
19 1 Y 1 A ASN 433 ? ND2 ? A ASN 138 ND2 
20 1 Y 1 A LYS 437 ? CG  ? A LYS 142 CG  
21 1 Y 1 A LYS 437 ? CD  ? A LYS 142 CD  
22 1 Y 1 A LYS 437 ? CE  ? A LYS 142 CE  
23 1 Y 1 A LYS 437 ? NZ  ? A LYS 142 NZ  
# 
loop_
_software.name 
_software.classification 
_software.version 
_software.citation_id 
_software.pdbx_ordinal 
REFMAC      refinement        5.2.0019 ? 1 
SBC-Collect 'data collection' .        ? 2 
HKL-3000    'data reduction'  .        ? 3 
HKL-3000    'data scaling'    .        ? 4 
HKL-3000    phasing           .        ? 5 
# 
_cell.entry_id           3E0K 
_cell.length_a           64.232 
_cell.length_b           64.232 
_cell.length_c           112.718 
_cell.angle_alpha        90.00 
_cell.angle_beta         90.00 
_cell.angle_gamma        90.00 
_cell.Z_PDB              8 
_cell.pdbx_unique_axis   ? 
_cell.length_a_esd       ? 
_cell.length_b_esd       ? 
_cell.length_c_esd       ? 
_cell.angle_alpha_esd    ? 
_cell.angle_beta_esd     ? 
_cell.angle_gamma_esd    ? 
# 
_symmetry.entry_id                         3E0K 
_symmetry.space_group_name_H-M             'P 41 21 2' 
_symmetry.pdbx_full_space_group_name_H-M   ? 
_symmetry.cell_setting                     ? 
_symmetry.Int_Tables_number                92 
_symmetry.space_group_name_Hall            ? 
# 
_exptl.entry_id          3E0K 
_exptl.method            'X-RAY DIFFRACTION' 
_exptl.crystals_number   1 
# 
_exptl_crystal.id                    1 
_exptl_crystal.density_meas          ? 
_exptl_crystal.density_Matthews      3.36 
_exptl_crystal.density_percent_sol   63.41 
_exptl_crystal.description           ? 
_exptl_crystal.F_000                 ? 
_exptl_crystal.preparation           ? 
# 
_exptl_crystal_grow.crystal_id      1 
_exptl_crystal_grow.method          'VAPOR DIFFUSION, SITTING DROP' 
_exptl_crystal_grow.temp            289 
_exptl_crystal_grow.temp_details    ? 
_exptl_crystal_grow.pH              5.5 
_exptl_crystal_grow.pdbx_details    
'1.0 M Ammonium sulfate, 0.1 M Bis-Tris pH 5.5, 1% PEG3350, VAPOR DIFFUSION, SITTING DROP, temperature 289K' 
_exptl_crystal_grow.pdbx_pH_range   ? 
# 
_diffrn.id                     1 
_diffrn.ambient_temp           100 
_diffrn.ambient_temp_details   ? 
_diffrn.crystal_id             1 
# 
_diffrn_detector.diffrn_id              1 
_diffrn_detector.detector               CCD 
_diffrn_detector.type                   'ADSC QUANTUM 315' 
_diffrn_detector.pdbx_collection_date   2008-04-23 
_diffrn_detector.details                ? 
# 
_diffrn_radiation.diffrn_id                        1 
_diffrn_radiation.wavelength_id                    1 
_diffrn_radiation.pdbx_monochromatic_or_laue_m_l   M 
_diffrn_radiation.monochromator                    'double crystal' 
_diffrn_radiation.pdbx_diffrn_protocol             'SINGLE WAVELENGTH' 
_diffrn_radiation.pdbx_scattering_type             x-ray 
# 
_diffrn_radiation_wavelength.id           1 
_diffrn_radiation_wavelength.wavelength   0.97921 
_diffrn_radiation_wavelength.wt           1.0 
# 
_diffrn_source.diffrn_id                   1 
_diffrn_source.source                      SYNCHROTRON 
_diffrn_source.type                        'APS BEAMLINE 19-ID' 
_diffrn_source.pdbx_synchrotron_site       APS 
_diffrn_source.pdbx_synchrotron_beamline   19-ID 
_diffrn_source.pdbx_wavelength             ? 
_diffrn_source.pdbx_wavelength_list        0.97921 
# 
_reflns.entry_id                     3E0K 
_reflns.observed_criterion_sigma_F   ? 
_reflns.observed_criterion_sigma_I   -3 
_reflns.d_resolution_high            2.52 
_reflns.d_resolution_low             50 
_reflns.number_all                   8509 
_reflns.number_obs                   8366 
_reflns.percent_possible_obs         98.3 
_reflns.pdbx_Rmerge_I_obs            0.086 
_reflns.pdbx_Rsym_value              0.317 
_reflns.pdbx_netI_over_sigmaI        2.43 
_reflns.B_iso_Wilson_estimate        67.7 
_reflns.pdbx_redundancy              9.3 
_reflns.R_free_details               ? 
_reflns.limit_h_max                  ? 
_reflns.limit_h_min                  ? 
_reflns.limit_k_max                  ? 
_reflns.limit_k_min                  ? 
_reflns.limit_l_max                  ? 
_reflns.limit_l_min                  ? 
_reflns.observed_criterion_F_max     ? 
_reflns.observed_criterion_F_min     ? 
_reflns.pdbx_chi_squared             ? 
_reflns.pdbx_scaling_rejects         ? 
_reflns.pdbx_ordinal                 1 
_reflns.pdbx_diffrn_id               1 
# 
_reflns_shell.d_res_high             2.52 
_reflns_shell.d_res_low              2.54 
_reflns_shell.percent_possible_all   100.0 
_reflns_shell.Rmerge_I_obs           0.870 
_reflns_shell.pdbx_Rsym_value        ? 
_reflns_shell.meanI_over_sigI_obs    2.43 
_reflns_shell.pdbx_redundancy        9.7 
_reflns_shell.percent_possible_obs   ? 
_reflns_shell.number_unique_all      197 
_reflns_shell.number_measured_all    ? 
_reflns_shell.number_measured_obs    ? 
_reflns_shell.number_unique_obs      ? 
_reflns_shell.pdbx_chi_squared       ? 
_reflns_shell.pdbx_ordinal           1 
_reflns_shell.pdbx_diffrn_id         1 
# 
_refine.entry_id                                 3E0K 
_refine.ls_number_reflns_obs                     8351 
_refine.ls_number_reflns_all                     8351 
_refine.pdbx_ls_sigma_I                          ? 
_refine.pdbx_ls_sigma_F                          0 
_refine.pdbx_data_cutoff_high_absF               ? 
_refine.pdbx_data_cutoff_low_absF                ? 
_refine.pdbx_data_cutoff_high_rms_absF           ? 
_refine.ls_d_res_low                             50 
_refine.ls_d_res_high                            2.52 
_refine.ls_percent_reflns_obs                    98.62 
_refine.ls_R_factor_obs                          0.21684 
_refine.ls_R_factor_all                          0.21684 
_refine.ls_R_factor_R_work                       0.21512 
_refine.ls_R_factor_R_free                       0.25447 
_refine.ls_R_factor_R_free_error                 ? 
_refine.ls_R_factor_R_free_error_details         ? 
_refine.ls_percent_reflns_R_free                 4.7 
_refine.ls_number_reflns_R_free                  389 
_refine.ls_number_parameters                     ? 
_refine.ls_number_restraints                     ? 
_refine.occupancy_min                            ? 
_refine.occupancy_max                            ? 
_refine.correlation_coeff_Fo_to_Fc               0.936 
_refine.correlation_coeff_Fo_to_Fc_free          0.921 
_refine.B_iso_mean                               45.146 
_refine.aniso_B[1][1]                            0.83 
_refine.aniso_B[2][2]                            0.83 
_refine.aniso_B[3][3]                            -1.66 
_refine.aniso_B[1][2]                            0.00 
_refine.aniso_B[1][3]                            0.00 
_refine.aniso_B[2][3]                            0.00 
_refine.solvent_model_details                    MASK 
_refine.solvent_model_param_ksol                 ? 
_refine.solvent_model_param_bsol                 ? 
_refine.pdbx_solvent_vdw_probe_radii             1.20 
_refine.pdbx_solvent_ion_probe_radii             0.80 
_refine.pdbx_solvent_shrinkage_radii             0.80 
_refine.pdbx_ls_cross_valid_method               THROUGHOUT 
_refine.details                                  'HYDROGENS HAVE BEEN ADDED IN THE RIDING POSITIONS' 
_refine.pdbx_starting_model                      ? 
_refine.pdbx_method_to_determine_struct          SAD 
_refine.pdbx_isotropic_thermal_model             ? 
_refine.pdbx_stereochemistry_target_values       'MAXIMUM LIKELIHOOD' 
_refine.pdbx_stereochem_target_val_spec_case     ? 
_refine.pdbx_R_Free_selection_details            RANDOM 
_refine.pdbx_overall_ESU_R                       0.353 
_refine.pdbx_overall_ESU_R_Free                  0.258 
_refine.overall_SU_ML                            0.186 
_refine.overall_SU_B                             16.927 
_refine.ls_redundancy_reflns_obs                 ? 
_refine.B_iso_min                                ? 
_refine.B_iso_max                                ? 
_refine.overall_SU_R_Cruickshank_DPI             ? 
_refine.overall_SU_R_free                        ? 
_refine.ls_wR_factor_R_free                      ? 
_refine.ls_wR_factor_R_work                      ? 
_refine.overall_FOM_free_R_set                   ? 
_refine.overall_FOM_work_R_set                   ? 
_refine.pdbx_overall_phase_error                 ? 
_refine.pdbx_refine_id                           'X-RAY DIFFRACTION' 
_refine.pdbx_TLS_residual_ADP_flag               'LIKELY RESIDUAL' 
_refine.pdbx_diffrn_id                           1 
_refine.pdbx_overall_SU_R_free_Cruickshank_DPI   ? 
_refine.pdbx_overall_SU_R_Blow_DPI               ? 
_refine.pdbx_overall_SU_R_free_Blow_DPI          ? 
# 
_refine_hist.pdbx_refine_id                   'X-RAY DIFFRACTION' 
_refine_hist.cycle_id                         LAST 
_refine_hist.pdbx_number_atoms_protein        1164 
_refine_hist.pdbx_number_atoms_nucleic_acid   0 
_refine_hist.pdbx_number_atoms_ligand         13 
_refine_hist.number_atoms_solvent             51 
_refine_hist.number_atoms_total               1228 
_refine_hist.d_res_high                       2.52 
_refine_hist.d_res_low                        50 
# 
loop_
_refine_ls_restr.type 
_refine_ls_restr.dev_ideal 
_refine_ls_restr.dev_ideal_target 
_refine_ls_restr.weight 
_refine_ls_restr.number 
_refine_ls_restr.pdbx_refine_id 
_refine_ls_restr.pdbx_restraint_function 
r_bond_refined_d             0.013  0.022  ? 1199 'X-RAY DIFFRACTION' ? 
r_bond_other_d               ?      ?      ? ?    'X-RAY DIFFRACTION' ? 
r_angle_refined_deg          1.413  1.976  ? 1609 'X-RAY DIFFRACTION' ? 
r_angle_other_deg            ?      ?      ? ?    'X-RAY DIFFRACTION' ? 
r_dihedral_angle_1_deg       5.948  5.000  ? 145  'X-RAY DIFFRACTION' ? 
r_dihedral_angle_2_deg       31.382 23.833 ? 60   'X-RAY DIFFRACTION' ? 
r_dihedral_angle_3_deg       17.776 15.000 ? 217  'X-RAY DIFFRACTION' ? 
r_dihedral_angle_4_deg       15.550 15.000 ? 10   'X-RAY DIFFRACTION' ? 
r_chiral_restr               0.096  0.200  ? 173  'X-RAY DIFFRACTION' ? 
r_gen_planes_refined         0.004  0.020  ? 901  'X-RAY DIFFRACTION' ? 
r_gen_planes_other           ?      ?      ? ?    'X-RAY DIFFRACTION' ? 
r_nbd_refined                0.222  0.200  ? 489  'X-RAY DIFFRACTION' ? 
r_nbd_other                  ?      ?      ? ?    'X-RAY DIFFRACTION' ? 
r_nbtor_refined              0.313  0.200  ? 815  'X-RAY DIFFRACTION' ? 
r_nbtor_other                ?      ?      ? ?    'X-RAY DIFFRACTION' ? 
r_xyhbond_nbd_refined        0.166  0.200  ? 54   'X-RAY DIFFRACTION' ? 
r_xyhbond_nbd_other          ?      ?      ? ?    'X-RAY DIFFRACTION' ? 
r_metal_ion_refined          ?      ?      ? ?    'X-RAY DIFFRACTION' ? 
r_metal_ion_other            ?      ?      ? ?    'X-RAY DIFFRACTION' ? 
r_symmetry_vdw_refined       0.218  0.200  ? 58   'X-RAY DIFFRACTION' ? 
r_symmetry_vdw_other         ?      ?      ? ?    'X-RAY DIFFRACTION' ? 
r_symmetry_hbond_refined     0.183  0.200  ? 12   'X-RAY DIFFRACTION' ? 
r_symmetry_hbond_other       ?      ?      ? ?    'X-RAY DIFFRACTION' ? 
r_symmetry_metal_ion_refined ?      ?      ? ?    'X-RAY DIFFRACTION' ? 
r_symmetry_metal_ion_other   ?      ?      ? ?    'X-RAY DIFFRACTION' ? 
r_mcbond_it                  0.640  1.500  ? 751  'X-RAY DIFFRACTION' ? 
r_mcbond_other               ?      ?      ? ?    'X-RAY DIFFRACTION' ? 
r_mcangle_it                 1.110  2.000  ? 1149 'X-RAY DIFFRACTION' ? 
r_scbond_it                  1.425  3.000  ? 512  'X-RAY DIFFRACTION' ? 
r_scangle_it                 2.091  4.500  ? 459  'X-RAY DIFFRACTION' ? 
r_rigid_bond_restr           ?      ?      ? ?    'X-RAY DIFFRACTION' ? 
r_sphericity_free            ?      ?      ? ?    'X-RAY DIFFRACTION' ? 
r_sphericity_bonded          ?      ?      ? ?    'X-RAY DIFFRACTION' ? 
# 
_refine_ls_shell.pdbx_total_number_of_bins_used   20 
_refine_ls_shell.d_res_high                       2.521 
_refine_ls_shell.d_res_low                        2.586 
_refine_ls_shell.number_reflns_R_work             574 
_refine_ls_shell.R_factor_R_work                  0.312 
_refine_ls_shell.percent_reflns_obs               99.34 
_refine_ls_shell.R_factor_R_free                  0.372 
_refine_ls_shell.R_factor_R_free_error            ? 
_refine_ls_shell.percent_reflns_R_free            ? 
_refine_ls_shell.number_reflns_R_free             26 
_refine_ls_shell.number_reflns_all                ? 
_refine_ls_shell.R_factor_all                     ? 
_refine_ls_shell.number_reflns_obs                600 
_refine_ls_shell.redundancy_reflns_obs            ? 
_refine_ls_shell.pdbx_refine_id                   'X-RAY DIFFRACTION' 
# 
_struct.entry_id                  3E0K 
_struct.title                     
'Crystal structure of C-termianl domain of N-acetylglutamate synthase from Vibrio parahaemolyticus' 
_struct.pdbx_model_details        ? 
_struct.pdbx_CASP_flag            ? 
_struct.pdbx_model_type_details   ? 
# 
_struct_keywords.entry_id        3E0K 
_struct_keywords.pdbx_keywords   TRANSFERASE 
_struct_keywords.text            
;Vibrio parahaemolyticus, N-acetylglutamate synthase, Structural Genomics, PSI-2, Protein Structure Initiative, Midwest Center for Structural Genomics, MCSG, Acyltransferase, Amino-acid biosynthesis, Arginine biosynthesis, Transferase
;
# 
loop_
_struct_asym.id 
_struct_asym.pdbx_blank_PDB_chainid_flag 
_struct_asym.pdbx_modified 
_struct_asym.entity_id 
_struct_asym.details 
A N N 1 ? 
B N N 2 ? 
C N N 3 ? 
D N N 3 ? 
E N N 4 ? 
# 
_struct_ref.id                         1 
_struct_ref.db_name                    UNP 
_struct_ref.db_code                    ARGA_VIBPA 
_struct_ref.pdbx_db_accession          Q87M87 
_struct_ref.entity_id                  1 
_struct_ref.pdbx_seq_one_letter_code   
;AEQVRQAGIDDIGGILELIHPLEEQGILVRRSREQLEQEIGKFTIIEKDGLIIGCAALYPYSEERKAEMACVAIHPDYRD
GNRGLLLLNYMKHRSKSENINQIFVLTTHSLHWFREQGFYEVGVDYLPGAKQGLYNFQRKSKILALDL
;
_struct_ref.pdbx_align_begin           298 
_struct_ref.pdbx_db_isoform            ? 
# 
_struct_ref_seq.align_id                      1 
_struct_ref_seq.ref_id                        1 
_struct_ref_seq.pdbx_PDB_id_code              3E0K 
_struct_ref_seq.pdbx_strand_id                A 
_struct_ref_seq.seq_align_beg                 3 
_struct_ref_seq.pdbx_seq_align_beg_ins_code   ? 
_struct_ref_seq.seq_align_end                 150 
_struct_ref_seq.pdbx_seq_align_end_ins_code   ? 
_struct_ref_seq.pdbx_db_accession             Q87M87 
_struct_ref_seq.db_align_beg                  298 
_struct_ref_seq.pdbx_db_align_beg_ins_code    ? 
_struct_ref_seq.db_align_end                  445 
_struct_ref_seq.pdbx_db_align_end_ins_code    ? 
_struct_ref_seq.pdbx_auth_seq_align_beg       298 
_struct_ref_seq.pdbx_auth_seq_align_end       445 
# 
loop_
_struct_ref_seq_dif.align_id 
_struct_ref_seq_dif.pdbx_pdb_id_code 
_struct_ref_seq_dif.mon_id 
_struct_ref_seq_dif.pdbx_pdb_strand_id 
_struct_ref_seq_dif.seq_num 
_struct_ref_seq_dif.pdbx_pdb_ins_code 
_struct_ref_seq_dif.pdbx_seq_db_name 
_struct_ref_seq_dif.pdbx_seq_db_accession_code 
_struct_ref_seq_dif.db_mon_id 
_struct_ref_seq_dif.pdbx_seq_db_seq_num 
_struct_ref_seq_dif.details 
_struct_ref_seq_dif.pdbx_auth_seq_num 
_struct_ref_seq_dif.pdbx_ordinal 
1 3E0K SER A 1 ? UNP Q87M87 ? ? 'expression tag' 296 1 
1 3E0K ASN A 2 ? UNP Q87M87 ? ? 'expression tag' 297 2 
# 
_pdbx_struct_assembly.id                   1 
_pdbx_struct_assembly.details              author_and_software_defined_assembly 
_pdbx_struct_assembly.method_details       PISA 
_pdbx_struct_assembly.oligomeric_details   dimeric 
_pdbx_struct_assembly.oligomeric_count     2 
# 
loop_
_pdbx_struct_assembly_prop.biol_id 
_pdbx_struct_assembly_prop.type 
_pdbx_struct_assembly_prop.value 
_pdbx_struct_assembly_prop.details 
1 'ABSA (A^2)' 6370  ? 
1 MORE         -48   ? 
1 'SSA (A^2)'  14490 ? 
# 
_pdbx_struct_assembly_gen.assembly_id       1 
_pdbx_struct_assembly_gen.oper_expression   1,2 
_pdbx_struct_assembly_gen.asym_id_list      A,B,C,D,E 
# 
loop_
_pdbx_struct_oper_list.id 
_pdbx_struct_oper_list.type 
_pdbx_struct_oper_list.name 
_pdbx_struct_oper_list.symmetry_operation 
_pdbx_struct_oper_list.matrix[1][1] 
_pdbx_struct_oper_list.matrix[1][2] 
_pdbx_struct_oper_list.matrix[1][3] 
_pdbx_struct_oper_list.vector[1] 
_pdbx_struct_oper_list.matrix[2][1] 
_pdbx_struct_oper_list.matrix[2][2] 
_pdbx_struct_oper_list.matrix[2][3] 
_pdbx_struct_oper_list.vector[2] 
_pdbx_struct_oper_list.matrix[3][1] 
_pdbx_struct_oper_list.matrix[3][2] 
_pdbx_struct_oper_list.matrix[3][3] 
_pdbx_struct_oper_list.vector[3] 
1 'identity operation'         1_555 x,y,z    1.0000000000  0.0000000000 0.0000000000  0.0000000000   0.0000000000 1.0000000000  0.0000000000  0.0000000000   0.0000000000  0.0000000000  1.0000000000 0.0000000000  
2 'crystal symmetry operation' 7_556 y,x,-z+1 -0.9715932334 0.0021603076 -0.2366472521 -19.4387345031 0.0021603076 -0.9998357107 -0.0179967988 -15.3741703718 -0.2366472521 -0.0179967988 0.9714289440 -2.4737432058 
# 
_struct_biol.id   1 
# 
loop_
_struct_conf.conf_type_id 
_struct_conf.id 
_struct_conf.pdbx_PDB_helix_id 
_struct_conf.beg_label_comp_id 
_struct_conf.beg_label_asym_id 
_struct_conf.beg_label_seq_id 
_struct_conf.pdbx_beg_PDB_ins_code 
_struct_conf.end_label_comp_id 
_struct_conf.end_label_asym_id 
_struct_conf.end_label_seq_id 
_struct_conf.pdbx_end_PDB_ins_code 
_struct_conf.beg_auth_comp_id 
_struct_conf.beg_auth_asym_id 
_struct_conf.beg_auth_seq_id 
_struct_conf.end_auth_comp_id 
_struct_conf.end_auth_asym_id 
_struct_conf.end_auth_seq_id 
_struct_conf.pdbx_PDB_helix_class 
_struct_conf.details 
_struct_conf.pdbx_PDB_helix_length 
HELX_P HELX_P1 1 GLY A 10  ? ASP A 12  ? GLY A 305 ASP A 307 5 ? 3  
HELX_P HELX_P2 2 ASP A 13  ? GLN A 27  ? ASP A 308 GLN A 322 1 ? 15 
HELX_P HELX_P3 3 SER A 34  ? ILE A 42  ? SER A 329 ILE A 337 1 ? 9  
HELX_P HELX_P4 4 PRO A 78  ? ARG A 81  ? PRO A 373 ARG A 376 5 ? 4  
HELX_P HELX_P5 5 ASN A 84  ? SER A 99  ? ASN A 379 SER A 394 1 ? 16 
HELX_P HELX_P6 6 SER A 112 ? GLN A 119 ? SER A 407 GLN A 414 1 ? 8  
HELX_P HELX_P7 7 GLY A 125 ? LEU A 129 ? GLY A 420 LEU A 424 5 ? 5  
HELX_P HELX_P8 8 PRO A 130 ? ALA A 132 ? PRO A 425 ALA A 427 5 ? 3  
HELX_P HELX_P9 9 LYS A 133 ? ASN A 138 ? LYS A 428 ASN A 433 1 ? 6  
# 
_struct_conf_type.id          HELX_P 
_struct_conf_type.criteria    ? 
_struct_conf_type.reference   ? 
# 
loop_
_struct_conn.id 
_struct_conn.conn_type_id 
_struct_conn.pdbx_leaving_atom_flag 
_struct_conn.pdbx_PDB_id 
_struct_conn.ptnr1_label_asym_id 
_struct_conn.ptnr1_label_comp_id 
_struct_conn.ptnr1_label_seq_id 
_struct_conn.ptnr1_label_atom_id 
_struct_conn.pdbx_ptnr1_label_alt_id 
_struct_conn.pdbx_ptnr1_PDB_ins_code 
_struct_conn.pdbx_ptnr1_standard_comp_id 
_struct_conn.ptnr1_symmetry 
_struct_conn.ptnr2_label_asym_id 
_struct_conn.ptnr2_label_comp_id 
_struct_conn.ptnr2_label_seq_id 
_struct_conn.ptnr2_label_atom_id 
_struct_conn.pdbx_ptnr2_label_alt_id 
_struct_conn.pdbx_ptnr2_PDB_ins_code 
_struct_conn.ptnr1_auth_asym_id 
_struct_conn.ptnr1_auth_comp_id 
_struct_conn.ptnr1_auth_seq_id 
_struct_conn.ptnr2_auth_asym_id 
_struct_conn.ptnr2_auth_comp_id 
_struct_conn.ptnr2_auth_seq_id 
_struct_conn.ptnr2_symmetry 
_struct_conn.pdbx_ptnr3_label_atom_id 
_struct_conn.pdbx_ptnr3_label_seq_id 
_struct_conn.pdbx_ptnr3_label_comp_id 
_struct_conn.pdbx_ptnr3_label_asym_id 
_struct_conn.pdbx_ptnr3_label_alt_id 
_struct_conn.pdbx_ptnr3_PDB_ins_code 
_struct_conn.details 
_struct_conn.pdbx_dist_value 
_struct_conn.pdbx_value_order 
_struct_conn.pdbx_role 
covale1 covale both ? A GLU 70 C ? ? ? 1_555 A MSE 71 N ? ? A GLU 365 A MSE 366 1_555 ? ? ? ? ? ? ? 1.321 ? ? 
covale2 covale both ? A MSE 71 C ? ? ? 1_555 A ALA 72 N ? ? A MSE 366 A ALA 367 1_555 ? ? ? ? ? ? ? 1.323 ? ? 
covale3 covale both ? A TYR 92 C ? ? ? 1_555 A MSE 93 N ? ? A TYR 387 A MSE 388 1_555 ? ? ? ? ? ? ? 1.326 ? ? 
covale4 covale both ? A MSE 93 C ? ? ? 1_555 A LYS 94 N ? ? A MSE 388 A LYS 389 1_555 ? ? ? ? ? ? ? 1.330 ? ? 
# 
_struct_conn_type.id          covale 
_struct_conn_type.criteria    ? 
_struct_conn_type.reference   ? 
# 
loop_
_pdbx_modification_feature.ordinal 
_pdbx_modification_feature.label_comp_id 
_pdbx_modification_feature.label_asym_id 
_pdbx_modification_feature.label_seq_id 
_pdbx_modification_feature.label_alt_id 
_pdbx_modification_feature.modified_residue_label_comp_id 
_pdbx_modification_feature.modified_residue_label_asym_id 
_pdbx_modification_feature.modified_residue_label_seq_id 
_pdbx_modification_feature.modified_residue_label_alt_id 
_pdbx_modification_feature.auth_comp_id 
_pdbx_modification_feature.auth_asym_id 
_pdbx_modification_feature.auth_seq_id 
_pdbx_modification_feature.PDB_ins_code 
_pdbx_modification_feature.symmetry 
_pdbx_modification_feature.modified_residue_auth_comp_id 
_pdbx_modification_feature.modified_residue_auth_asym_id 
_pdbx_modification_feature.modified_residue_auth_seq_id 
_pdbx_modification_feature.modified_residue_PDB_ins_code 
_pdbx_modification_feature.modified_residue_symmetry 
_pdbx_modification_feature.comp_id_linking_atom 
_pdbx_modification_feature.modified_residue_id_linking_atom 
_pdbx_modification_feature.modified_residue_id 
_pdbx_modification_feature.ref_pcm_id 
_pdbx_modification_feature.ref_comp_id 
_pdbx_modification_feature.type 
_pdbx_modification_feature.category 
1 MSE A 71 ? . . . . MSE A 366 ? 1_555 . . . . . . . MET 1 MSE Selenomethionine 'Named protein modification' 
2 MSE A 93 ? . . . . MSE A 388 ? 1_555 . . . . . . . MET 1 MSE Selenomethionine 'Named protein modification' 
# 
_struct_sheet.id               A 
_struct_sheet.type             ? 
_struct_sheet.number_strands   5 
_struct_sheet.details          ? 
# 
loop_
_struct_sheet_order.sheet_id 
_struct_sheet_order.range_id_1 
_struct_sheet_order.range_id_2 
_struct_sheet_order.offset 
_struct_sheet_order.sense 
A 1 2 ? anti-parallel 
A 2 3 ? anti-parallel 
A 3 4 ? anti-parallel 
A 4 5 ? parallel      
# 
loop_
_struct_sheet_range.sheet_id 
_struct_sheet_range.id 
_struct_sheet_range.beg_label_comp_id 
_struct_sheet_range.beg_label_asym_id 
_struct_sheet_range.beg_label_seq_id 
_struct_sheet_range.pdbx_beg_PDB_ins_code 
_struct_sheet_range.end_label_comp_id 
_struct_sheet_range.end_label_asym_id 
_struct_sheet_range.end_label_seq_id 
_struct_sheet_range.pdbx_end_PDB_ins_code 
_struct_sheet_range.beg_auth_comp_id 
_struct_sheet_range.beg_auth_asym_id 
_struct_sheet_range.beg_auth_seq_id 
_struct_sheet_range.end_auth_comp_id 
_struct_sheet_range.end_auth_asym_id 
_struct_sheet_range.end_auth_seq_id 
A 1 GLU A 4   ? GLN A 8   ? GLU A 299 GLN A 303 
A 2 PHE A 45  ? LYS A 50  ? PHE A 340 LYS A 345 
A 3 LEU A 53  ? TYR A 63  ? LEU A 348 TYR A 358 
A 4 LYS A 68  ? ILE A 76  ? LYS A 363 ILE A 371 
A 5 GLN A 104 ? PHE A 106 ? GLN A 399 PHE A 401 
# 
loop_
_pdbx_struct_sheet_hbond.sheet_id 
_pdbx_struct_sheet_hbond.range_id_1 
_pdbx_struct_sheet_hbond.range_id_2 
_pdbx_struct_sheet_hbond.range_1_label_atom_id 
_pdbx_struct_sheet_hbond.range_1_label_comp_id 
_pdbx_struct_sheet_hbond.range_1_label_asym_id 
_pdbx_struct_sheet_hbond.range_1_label_seq_id 
_pdbx_struct_sheet_hbond.range_1_PDB_ins_code 
_pdbx_struct_sheet_hbond.range_1_auth_atom_id 
_pdbx_struct_sheet_hbond.range_1_auth_comp_id 
_pdbx_struct_sheet_hbond.range_1_auth_asym_id 
_pdbx_struct_sheet_hbond.range_1_auth_seq_id 
_pdbx_struct_sheet_hbond.range_2_label_atom_id 
_pdbx_struct_sheet_hbond.range_2_label_comp_id 
_pdbx_struct_sheet_hbond.range_2_label_asym_id 
_pdbx_struct_sheet_hbond.range_2_label_seq_id 
_pdbx_struct_sheet_hbond.range_2_PDB_ins_code 
_pdbx_struct_sheet_hbond.range_2_auth_atom_id 
_pdbx_struct_sheet_hbond.range_2_auth_comp_id 
_pdbx_struct_sheet_hbond.range_2_auth_asym_id 
_pdbx_struct_sheet_hbond.range_2_auth_seq_id 
A 1 2 N GLN A 5  ? N GLN A 300 O GLU A 49  ? O GLU A 344 
A 2 3 N THR A 46 ? N THR A 341 O ALA A 58  ? O ALA A 353 
A 3 4 N TYR A 63 ? N TYR A 358 O LYS A 68  ? O LYS A 363 
A 4 5 N ALA A 69 ? N ALA A 364 O PHE A 106 ? O PHE A 401 
# 
loop_
_struct_site.id 
_struct_site.pdbx_evidence_code 
_struct_site.pdbx_auth_asym_id 
_struct_site.pdbx_auth_comp_id 
_struct_site.pdbx_auth_seq_id 
_struct_site.pdbx_auth_ins_code 
_struct_site.pdbx_num_residues 
_struct_site.details 
AC1 Software A SO4 501 ? 5 'BINDING SITE FOR RESIDUE SO4 A 501' 
AC2 Software A EDO 502 ? 4 'BINDING SITE FOR RESIDUE EDO A 502' 
# 
loop_
_struct_site_gen.id 
_struct_site_gen.site_id 
_struct_site_gen.pdbx_num_res 
_struct_site_gen.label_comp_id 
_struct_site_gen.label_asym_id 
_struct_site_gen.label_seq_id 
_struct_site_gen.pdbx_auth_ins_code 
_struct_site_gen.auth_comp_id 
_struct_site_gen.auth_asym_id 
_struct_site_gen.auth_seq_id 
_struct_site_gen.label_atom_id 
_struct_site_gen.label_alt_id 
_struct_site_gen.symmetry 
_struct_site_gen.details 
1 AC1 5 HOH E .   ? HOH A 24  . ? 1_555 ? 
2 AC1 5 ARG A 81  ? ARG A 376 . ? 1_555 ? 
3 AC1 5 ASP A 82  ? ASP A 377 . ? 1_555 ? 
4 AC1 5 ARG A 85  ? ARG A 380 . ? 1_555 ? 
5 AC1 5 GLY A 86  ? GLY A 381 . ? 1_555 ? 
6 AC2 4 TYR A 61  ? TYR A 356 . ? 1_555 ? 
7 AC2 4 PRO A 62  ? PRO A 357 . ? 1_555 ? 
8 AC2 4 TYR A 63  ? TYR A 358 . ? 1_555 ? 
9 AC2 4 ALA A 132 ? ALA A 427 . ? 1_555 ? 
# 
_pdbx_entry_details.entry_id                   3E0K 
_pdbx_entry_details.compound_details           ? 
_pdbx_entry_details.source_details             ? 
_pdbx_entry_details.nonpolymer_details         ? 
_pdbx_entry_details.sequence_details           ? 
_pdbx_entry_details.has_ligand_of_interest     ? 
_pdbx_entry_details.has_protein_modification   Y 
# 
_pdbx_validate_close_contact.id               1 
_pdbx_validate_close_contact.PDB_model_num    1 
_pdbx_validate_close_contact.auth_atom_id_1   OE2 
_pdbx_validate_close_contact.auth_asym_id_1   A 
_pdbx_validate_close_contact.auth_comp_id_1   GLU 
_pdbx_validate_close_contact.auth_seq_id_1    336 
_pdbx_validate_close_contact.PDB_ins_code_1   ? 
_pdbx_validate_close_contact.label_alt_id_1   ? 
_pdbx_validate_close_contact.auth_atom_id_2   OH 
_pdbx_validate_close_contact.auth_asym_id_2   A 
_pdbx_validate_close_contact.auth_comp_id_2   TYR 
_pdbx_validate_close_contact.auth_seq_id_2    356 
_pdbx_validate_close_contact.PDB_ins_code_2   ? 
_pdbx_validate_close_contact.label_alt_id_2   ? 
_pdbx_validate_close_contact.dist             2.18 
# 
loop_
_pdbx_validate_torsion.id 
_pdbx_validate_torsion.PDB_model_num 
_pdbx_validate_torsion.auth_comp_id 
_pdbx_validate_torsion.auth_asym_id 
_pdbx_validate_torsion.auth_seq_id 
_pdbx_validate_torsion.PDB_ins_code 
_pdbx_validate_torsion.label_alt_id 
_pdbx_validate_torsion.phi 
_pdbx_validate_torsion.psi 
1 1 ASN A 433 ? ? -90.82 33.95 
2 1 LYS A 437 ? ? -73.99 38.00 
# 
_pdbx_SG_project.id                    1 
_pdbx_SG_project.project_name          'PSI, Protein Structure Initiative' 
_pdbx_SG_project.full_name_of_center   'Midwest Center for Structural Genomics' 
_pdbx_SG_project.initial_of_center     MCSG 
# 
loop_
_pdbx_struct_mod_residue.id 
_pdbx_struct_mod_residue.label_asym_id 
_pdbx_struct_mod_residue.label_comp_id 
_pdbx_struct_mod_residue.label_seq_id 
_pdbx_struct_mod_residue.auth_asym_id 
_pdbx_struct_mod_residue.auth_comp_id 
_pdbx_struct_mod_residue.auth_seq_id 
_pdbx_struct_mod_residue.PDB_ins_code 
_pdbx_struct_mod_residue.parent_comp_id 
_pdbx_struct_mod_residue.details 
1 A MSE 71 A MSE 366 ? MET SELENOMETHIONINE 
2 A MSE 93 A MSE 388 ? MET SELENOMETHIONINE 
# 
loop_
_pdbx_refine_tls.pdbx_refine_id 
_pdbx_refine_tls.id 
_pdbx_refine_tls.details 
_pdbx_refine_tls.method 
_pdbx_refine_tls.origin_x 
_pdbx_refine_tls.origin_y 
_pdbx_refine_tls.origin_z 
_pdbx_refine_tls.T[1][1] 
_pdbx_refine_tls.T[2][2] 
_pdbx_refine_tls.T[3][3] 
_pdbx_refine_tls.T[1][2] 
_pdbx_refine_tls.T[1][3] 
_pdbx_refine_tls.T[2][3] 
_pdbx_refine_tls.L[1][1] 
_pdbx_refine_tls.L[2][2] 
_pdbx_refine_tls.L[3][3] 
_pdbx_refine_tls.L[1][2] 
_pdbx_refine_tls.L[1][3] 
_pdbx_refine_tls.L[2][3] 
_pdbx_refine_tls.S[1][1] 
_pdbx_refine_tls.S[2][2] 
_pdbx_refine_tls.S[3][3] 
_pdbx_refine_tls.S[1][2] 
_pdbx_refine_tls.S[1][3] 
_pdbx_refine_tls.S[2][3] 
_pdbx_refine_tls.S[2][1] 
_pdbx_refine_tls.S[3][1] 
_pdbx_refine_tls.S[3][2] 
'X-RAY DIFFRACTION' 1 ? refined -3.7077 9.5090   0.3698  0.1105 -0.1295 -0.0113 0.0002  -0.0134 -0.0570 11.6744 8.6054  2.4410 4.1162  0.5050  -1.5669 -0.3366 0.2239  0.1127  0.7619  0.8873  0.6101  -0.3929 -0.0160 -0.1581 
'X-RAY DIFFRACTION' 2 ? refined 1.6259  2.0694   3.3288  0.1021 -0.0764 -0.0635 0.0289  -0.0143 -0.0145 2.5417  12.3449 1.2278 3.6117  -0.2382 0.0527  0.1101  -0.1765 0.0664  -0.1139 -0.0492 -0.2398 0.3378  -0.0858 0.1016  
'X-RAY DIFFRACTION' 3 ? refined 8.7024  -0.4412  5.7695  0.1627 0.0041  0.0220  0.0344  -0.1474 -0.0335 3.8174  26.3963 4.9597 7.3660  -1.9449 -6.7744 0.3857  -0.1749 -0.2108 -0.2242 -0.3320 -1.0863 1.4000  -0.2389 0.1770  
'X-RAY DIFFRACTION' 4 ? refined -0.7249 -7.4971  -6.1927 0.0759 -0.1402 -0.0497 -0.0434 0.0298  -0.0053 9.4070  2.8163  1.9842 -2.0752 0.7967  0.0936  0.0003  0.0295  -0.0297 0.7447  0.1774  -0.3459 -0.0007 -0.0262 0.3333  
'X-RAY DIFFRACTION' 5 ? refined -7.0122 -13.3841 -6.3178 0.2507 0.2334  0.1785  0.0167  0.0859  -0.1151 15.6121 11.1958 2.4666 -0.3006 1.9183  4.1253  0.4520  -0.4539 0.0020  0.7534  0.2963  1.2038  -0.5844 -0.7996 -0.7070  
# 
loop_
_pdbx_refine_tls_group.pdbx_refine_id 
_pdbx_refine_tls_group.id 
_pdbx_refine_tls_group.refine_tls_id 
_pdbx_refine_tls_group.beg_auth_asym_id 
_pdbx_refine_tls_group.beg_auth_seq_id 
_pdbx_refine_tls_group.end_auth_asym_id 
_pdbx_refine_tls_group.end_auth_seq_id 
_pdbx_refine_tls_group.selection_details 
_pdbx_refine_tls_group.beg_label_asym_id 
_pdbx_refine_tls_group.beg_label_seq_id 
_pdbx_refine_tls_group.end_label_asym_id 
_pdbx_refine_tls_group.end_label_seq_id 
_pdbx_refine_tls_group.selection 
'X-RAY DIFFRACTION' 1 1 A 298 A 337 ? . . . . ? 
'X-RAY DIFFRACTION' 2 2 A 338 A 374 ? . . . . ? 
'X-RAY DIFFRACTION' 3 3 A 375 A 397 ? . . . . ? 
'X-RAY DIFFRACTION' 4 4 A 398 A 419 ? . . . . ? 
'X-RAY DIFFRACTION' 5 4 A 436 A 445 ? . . . . ? 
'X-RAY DIFFRACTION' 6 5 A 420 A 434 ? . . . . ? 
# 
loop_
_pdbx_unobs_or_zero_occ_residues.id 
_pdbx_unobs_or_zero_occ_residues.PDB_model_num 
_pdbx_unobs_or_zero_occ_residues.polymer_flag 
_pdbx_unobs_or_zero_occ_residues.occupancy_flag 
_pdbx_unobs_or_zero_occ_residues.auth_asym_id 
_pdbx_unobs_or_zero_occ_residues.auth_comp_id 
_pdbx_unobs_or_zero_occ_residues.auth_seq_id 
_pdbx_unobs_or_zero_occ_residues.PDB_ins_code 
_pdbx_unobs_or_zero_occ_residues.label_asym_id 
_pdbx_unobs_or_zero_occ_residues.label_comp_id 
_pdbx_unobs_or_zero_occ_residues.label_seq_id 
1 1 Y 1 A SER 296 ? A SER 1   
2 1 Y 1 A ASN 297 ? A ASN 2   
3 1 Y 1 A VAL 326 ? A VAL 31  
4 1 Y 1 A GLN 435 ? A GLN 140 
# 
loop_
_chem_comp_atom.comp_id 
_chem_comp_atom.atom_id 
_chem_comp_atom.type_symbol 
_chem_comp_atom.pdbx_aromatic_flag 
_chem_comp_atom.pdbx_stereo_config 
_chem_comp_atom.pdbx_ordinal 
ALA N    N  N N 1   
ALA CA   C  N S 2   
ALA C    C  N N 3   
ALA O    O  N N 4   
ALA CB   C  N N 5   
ALA OXT  O  N N 6   
ALA H    H  N N 7   
ALA H2   H  N N 8   
ALA HA   H  N N 9   
ALA HB1  H  N N 10  
ALA HB2  H  N N 11  
ALA HB3  H  N N 12  
ALA HXT  H  N N 13  
ARG N    N  N N 14  
ARG CA   C  N S 15  
ARG C    C  N N 16  
ARG O    O  N N 17  
ARG CB   C  N N 18  
ARG CG   C  N N 19  
ARG CD   C  N N 20  
ARG NE   N  N N 21  
ARG CZ   C  N N 22  
ARG NH1  N  N N 23  
ARG NH2  N  N N 24  
ARG OXT  O  N N 25  
ARG H    H  N N 26  
ARG H2   H  N N 27  
ARG HA   H  N N 28  
ARG HB2  H  N N 29  
ARG HB3  H  N N 30  
ARG HG2  H  N N 31  
ARG HG3  H  N N 32  
ARG HD2  H  N N 33  
ARG HD3  H  N N 34  
ARG HE   H  N N 35  
ARG HH11 H  N N 36  
ARG HH12 H  N N 37  
ARG HH21 H  N N 38  
ARG HH22 H  N N 39  
ARG HXT  H  N N 40  
ASN N    N  N N 41  
ASN CA   C  N S 42  
ASN C    C  N N 43  
ASN O    O  N N 44  
ASN CB   C  N N 45  
ASN CG   C  N N 46  
ASN OD1  O  N N 47  
ASN ND2  N  N N 48  
ASN OXT  O  N N 49  
ASN H    H  N N 50  
ASN H2   H  N N 51  
ASN HA   H  N N 52  
ASN HB2  H  N N 53  
ASN HB3  H  N N 54  
ASN HD21 H  N N 55  
ASN HD22 H  N N 56  
ASN HXT  H  N N 57  
ASP N    N  N N 58  
ASP CA   C  N S 59  
ASP C    C  N N 60  
ASP O    O  N N 61  
ASP CB   C  N N 62  
ASP CG   C  N N 63  
ASP OD1  O  N N 64  
ASP OD2  O  N N 65  
ASP OXT  O  N N 66  
ASP H    H  N N 67  
ASP H2   H  N N 68  
ASP HA   H  N N 69  
ASP HB2  H  N N 70  
ASP HB3  H  N N 71  
ASP HD2  H  N N 72  
ASP HXT  H  N N 73  
CYS N    N  N N 74  
CYS CA   C  N R 75  
CYS C    C  N N 76  
CYS O    O  N N 77  
CYS CB   C  N N 78  
CYS SG   S  N N 79  
CYS OXT  O  N N 80  
CYS H    H  N N 81  
CYS H2   H  N N 82  
CYS HA   H  N N 83  
CYS HB2  H  N N 84  
CYS HB3  H  N N 85  
CYS HG   H  N N 86  
CYS HXT  H  N N 87  
EDO C1   C  N N 88  
EDO O1   O  N N 89  
EDO C2   C  N N 90  
EDO O2   O  N N 91  
EDO H11  H  N N 92  
EDO H12  H  N N 93  
EDO HO1  H  N N 94  
EDO H21  H  N N 95  
EDO H22  H  N N 96  
EDO HO2  H  N N 97  
GLN N    N  N N 98  
GLN CA   C  N S 99  
GLN C    C  N N 100 
GLN O    O  N N 101 
GLN CB   C  N N 102 
GLN CG   C  N N 103 
GLN CD   C  N N 104 
GLN OE1  O  N N 105 
GLN NE2  N  N N 106 
GLN OXT  O  N N 107 
GLN H    H  N N 108 
GLN H2   H  N N 109 
GLN HA   H  N N 110 
GLN HB2  H  N N 111 
GLN HB3  H  N N 112 
GLN HG2  H  N N 113 
GLN HG3  H  N N 114 
GLN HE21 H  N N 115 
GLN HE22 H  N N 116 
GLN HXT  H  N N 117 
GLU N    N  N N 118 
GLU CA   C  N S 119 
GLU C    C  N N 120 
GLU O    O  N N 121 
GLU CB   C  N N 122 
GLU CG   C  N N 123 
GLU CD   C  N N 124 
GLU OE1  O  N N 125 
GLU OE2  O  N N 126 
GLU OXT  O  N N 127 
GLU H    H  N N 128 
GLU H2   H  N N 129 
GLU HA   H  N N 130 
GLU HB2  H  N N 131 
GLU HB3  H  N N 132 
GLU HG2  H  N N 133 
GLU HG3  H  N N 134 
GLU HE2  H  N N 135 
GLU HXT  H  N N 136 
GLY N    N  N N 137 
GLY CA   C  N N 138 
GLY C    C  N N 139 
GLY O    O  N N 140 
GLY OXT  O  N N 141 
GLY H    H  N N 142 
GLY H2   H  N N 143 
GLY HA2  H  N N 144 
GLY HA3  H  N N 145 
GLY HXT  H  N N 146 
HIS N    N  N N 147 
HIS CA   C  N S 148 
HIS C    C  N N 149 
HIS O    O  N N 150 
HIS CB   C  N N 151 
HIS CG   C  Y N 152 
HIS ND1  N  Y N 153 
HIS CD2  C  Y N 154 
HIS CE1  C  Y N 155 
HIS NE2  N  Y N 156 
HIS OXT  O  N N 157 
HIS H    H  N N 158 
HIS H2   H  N N 159 
HIS HA   H  N N 160 
HIS HB2  H  N N 161 
HIS HB3  H  N N 162 
HIS HD1  H  N N 163 
HIS HD2  H  N N 164 
HIS HE1  H  N N 165 
HIS HE2  H  N N 166 
HIS HXT  H  N N 167 
HOH O    O  N N 168 
HOH H1   H  N N 169 
HOH H2   H  N N 170 
ILE N    N  N N 171 
ILE CA   C  N S 172 
ILE C    C  N N 173 
ILE O    O  N N 174 
ILE CB   C  N S 175 
ILE CG1  C  N N 176 
ILE CG2  C  N N 177 
ILE CD1  C  N N 178 
ILE OXT  O  N N 179 
ILE H    H  N N 180 
ILE H2   H  N N 181 
ILE HA   H  N N 182 
ILE HB   H  N N 183 
ILE HG12 H  N N 184 
ILE HG13 H  N N 185 
ILE HG21 H  N N 186 
ILE HG22 H  N N 187 
ILE HG23 H  N N 188 
ILE HD11 H  N N 189 
ILE HD12 H  N N 190 
ILE HD13 H  N N 191 
ILE HXT  H  N N 192 
LEU N    N  N N 193 
LEU CA   C  N S 194 
LEU C    C  N N 195 
LEU O    O  N N 196 
LEU CB   C  N N 197 
LEU CG   C  N N 198 
LEU CD1  C  N N 199 
LEU CD2  C  N N 200 
LEU OXT  O  N N 201 
LEU H    H  N N 202 
LEU H2   H  N N 203 
LEU HA   H  N N 204 
LEU HB2  H  N N 205 
LEU HB3  H  N N 206 
LEU HG   H  N N 207 
LEU HD11 H  N N 208 
LEU HD12 H  N N 209 
LEU HD13 H  N N 210 
LEU HD21 H  N N 211 
LEU HD22 H  N N 212 
LEU HD23 H  N N 213 
LEU HXT  H  N N 214 
LYS N    N  N N 215 
LYS CA   C  N S 216 
LYS C    C  N N 217 
LYS O    O  N N 218 
LYS CB   C  N N 219 
LYS CG   C  N N 220 
LYS CD   C  N N 221 
LYS CE   C  N N 222 
LYS NZ   N  N N 223 
LYS OXT  O  N N 224 
LYS H    H  N N 225 
LYS H2   H  N N 226 
LYS HA   H  N N 227 
LYS HB2  H  N N 228 
LYS HB3  H  N N 229 
LYS HG2  H  N N 230 
LYS HG3  H  N N 231 
LYS HD2  H  N N 232 
LYS HD3  H  N N 233 
LYS HE2  H  N N 234 
LYS HE3  H  N N 235 
LYS HZ1  H  N N 236 
LYS HZ2  H  N N 237 
LYS HZ3  H  N N 238 
LYS HXT  H  N N 239 
MSE N    N  N N 240 
MSE CA   C  N S 241 
MSE C    C  N N 242 
MSE O    O  N N 243 
MSE OXT  O  N N 244 
MSE CB   C  N N 245 
MSE CG   C  N N 246 
MSE SE   SE N N 247 
MSE CE   C  N N 248 
MSE H    H  N N 249 
MSE H2   H  N N 250 
MSE HA   H  N N 251 
MSE HXT  H  N N 252 
MSE HB2  H  N N 253 
MSE HB3  H  N N 254 
MSE HG2  H  N N 255 
MSE HG3  H  N N 256 
MSE HE1  H  N N 257 
MSE HE2  H  N N 258 
MSE HE3  H  N N 259 
PHE N    N  N N 260 
PHE CA   C  N S 261 
PHE C    C  N N 262 
PHE O    O  N N 263 
PHE CB   C  N N 264 
PHE CG   C  Y N 265 
PHE CD1  C  Y N 266 
PHE CD2  C  Y N 267 
PHE CE1  C  Y N 268 
PHE CE2  C  Y N 269 
PHE CZ   C  Y N 270 
PHE OXT  O  N N 271 
PHE H    H  N N 272 
PHE H2   H  N N 273 
PHE HA   H  N N 274 
PHE HB2  H  N N 275 
PHE HB3  H  N N 276 
PHE HD1  H  N N 277 
PHE HD2  H  N N 278 
PHE HE1  H  N N 279 
PHE HE2  H  N N 280 
PHE HZ   H  N N 281 
PHE HXT  H  N N 282 
PRO N    N  N N 283 
PRO CA   C  N S 284 
PRO C    C  N N 285 
PRO O    O  N N 286 
PRO CB   C  N N 287 
PRO CG   C  N N 288 
PRO CD   C  N N 289 
PRO OXT  O  N N 290 
PRO H    H  N N 291 
PRO HA   H  N N 292 
PRO HB2  H  N N 293 
PRO HB3  H  N N 294 
PRO HG2  H  N N 295 
PRO HG3  H  N N 296 
PRO HD2  H  N N 297 
PRO HD3  H  N N 298 
PRO HXT  H  N N 299 
SER N    N  N N 300 
SER CA   C  N S 301 
SER C    C  N N 302 
SER O    O  N N 303 
SER CB   C  N N 304 
SER OG   O  N N 305 
SER OXT  O  N N 306 
SER H    H  N N 307 
SER H2   H  N N 308 
SER HA   H  N N 309 
SER HB2  H  N N 310 
SER HB3  H  N N 311 
SER HG   H  N N 312 
SER HXT  H  N N 313 
SO4 S    S  N N 314 
SO4 O1   O  N N 315 
SO4 O2   O  N N 316 
SO4 O3   O  N N 317 
SO4 O4   O  N N 318 
THR N    N  N N 319 
THR CA   C  N S 320 
THR C    C  N N 321 
THR O    O  N N 322 
THR CB   C  N R 323 
THR OG1  O  N N 324 
THR CG2  C  N N 325 
THR OXT  O  N N 326 
THR H    H  N N 327 
THR H2   H  N N 328 
THR HA   H  N N 329 
THR HB   H  N N 330 
THR HG1  H  N N 331 
THR HG21 H  N N 332 
THR HG22 H  N N 333 
THR HG23 H  N N 334 
THR HXT  H  N N 335 
TRP N    N  N N 336 
TRP CA   C  N S 337 
TRP C    C  N N 338 
TRP O    O  N N 339 
TRP CB   C  N N 340 
TRP CG   C  Y N 341 
TRP CD1  C  Y N 342 
TRP CD2  C  Y N 343 
TRP NE1  N  Y N 344 
TRP CE2  C  Y N 345 
TRP CE3  C  Y N 346 
TRP CZ2  C  Y N 347 
TRP CZ3  C  Y N 348 
TRP CH2  C  Y N 349 
TRP OXT  O  N N 350 
TRP H    H  N N 351 
TRP H2   H  N N 352 
TRP HA   H  N N 353 
TRP HB2  H  N N 354 
TRP HB3  H  N N 355 
TRP HD1  H  N N 356 
TRP HE1  H  N N 357 
TRP HE3  H  N N 358 
TRP HZ2  H  N N 359 
TRP HZ3  H  N N 360 
TRP HH2  H  N N 361 
TRP HXT  H  N N 362 
TYR N    N  N N 363 
TYR CA   C  N S 364 
TYR C    C  N N 365 
TYR O    O  N N 366 
TYR CB   C  N N 367 
TYR CG   C  Y N 368 
TYR CD1  C  Y N 369 
TYR CD2  C  Y N 370 
TYR CE1  C  Y N 371 
TYR CE2  C  Y N 372 
TYR CZ   C  Y N 373 
TYR OH   O  N N 374 
TYR OXT  O  N N 375 
TYR H    H  N N 376 
TYR H2   H  N N 377 
TYR HA   H  N N 378 
TYR HB2  H  N N 379 
TYR HB3  H  N N 380 
TYR HD1  H  N N 381 
TYR HD2  H  N N 382 
TYR HE1  H  N N 383 
TYR HE2  H  N N 384 
TYR HH   H  N N 385 
TYR HXT  H  N N 386 
VAL N    N  N N 387 
VAL CA   C  N S 388 
VAL C    C  N N 389 
VAL O    O  N N 390 
VAL CB   C  N N 391 
VAL CG1  C  N N 392 
VAL CG2  C  N N 393 
VAL OXT  O  N N 394 
VAL H    H  N N 395 
VAL H2   H  N N 396 
VAL HA   H  N N 397 
VAL HB   H  N N 398 
VAL HG11 H  N N 399 
VAL HG12 H  N N 400 
VAL HG13 H  N N 401 
VAL HG21 H  N N 402 
VAL HG22 H  N N 403 
VAL HG23 H  N N 404 
VAL HXT  H  N N 405 
# 
loop_
_chem_comp_bond.comp_id 
_chem_comp_bond.atom_id_1 
_chem_comp_bond.atom_id_2 
_chem_comp_bond.value_order 
_chem_comp_bond.pdbx_aromatic_flag 
_chem_comp_bond.pdbx_stereo_config 
_chem_comp_bond.pdbx_ordinal 
ALA N   CA   sing N N 1   
ALA N   H    sing N N 2   
ALA N   H2   sing N N 3   
ALA CA  C    sing N N 4   
ALA CA  CB   sing N N 5   
ALA CA  HA   sing N N 6   
ALA C   O    doub N N 7   
ALA C   OXT  sing N N 8   
ALA CB  HB1  sing N N 9   
ALA CB  HB2  sing N N 10  
ALA CB  HB3  sing N N 11  
ALA OXT HXT  sing N N 12  
ARG N   CA   sing N N 13  
ARG N   H    sing N N 14  
ARG N   H2   sing N N 15  
ARG CA  C    sing N N 16  
ARG CA  CB   sing N N 17  
ARG CA  HA   sing N N 18  
ARG C   O    doub N N 19  
ARG C   OXT  sing N N 20  
ARG CB  CG   sing N N 21  
ARG CB  HB2  sing N N 22  
ARG CB  HB3  sing N N 23  
ARG CG  CD   sing N N 24  
ARG CG  HG2  sing N N 25  
ARG CG  HG3  sing N N 26  
ARG CD  NE   sing N N 27  
ARG CD  HD2  sing N N 28  
ARG CD  HD3  sing N N 29  
ARG NE  CZ   sing N N 30  
ARG NE  HE   sing N N 31  
ARG CZ  NH1  sing N N 32  
ARG CZ  NH2  doub N N 33  
ARG NH1 HH11 sing N N 34  
ARG NH1 HH12 sing N N 35  
ARG NH2 HH21 sing N N 36  
ARG NH2 HH22 sing N N 37  
ARG OXT HXT  sing N N 38  
ASN N   CA   sing N N 39  
ASN N   H    sing N N 40  
ASN N   H2   sing N N 41  
ASN CA  C    sing N N 42  
ASN CA  CB   sing N N 43  
ASN CA  HA   sing N N 44  
ASN C   O    doub N N 45  
ASN C   OXT  sing N N 46  
ASN CB  CG   sing N N 47  
ASN CB  HB2  sing N N 48  
ASN CB  HB3  sing N N 49  
ASN CG  OD1  doub N N 50  
ASN CG  ND2  sing N N 51  
ASN ND2 HD21 sing N N 52  
ASN ND2 HD22 sing N N 53  
ASN OXT HXT  sing N N 54  
ASP N   CA   sing N N 55  
ASP N   H    sing N N 56  
ASP N   H2   sing N N 57  
ASP CA  C    sing N N 58  
ASP CA  CB   sing N N 59  
ASP CA  HA   sing N N 60  
ASP C   O    doub N N 61  
ASP C   OXT  sing N N 62  
ASP CB  CG   sing N N 63  
ASP CB  HB2  sing N N 64  
ASP CB  HB3  sing N N 65  
ASP CG  OD1  doub N N 66  
ASP CG  OD2  sing N N 67  
ASP OD2 HD2  sing N N 68  
ASP OXT HXT  sing N N 69  
CYS N   CA   sing N N 70  
CYS N   H    sing N N 71  
CYS N   H2   sing N N 72  
CYS CA  C    sing N N 73  
CYS CA  CB   sing N N 74  
CYS CA  HA   sing N N 75  
CYS C   O    doub N N 76  
CYS C   OXT  sing N N 77  
CYS CB  SG   sing N N 78  
CYS CB  HB2  sing N N 79  
CYS CB  HB3  sing N N 80  
CYS SG  HG   sing N N 81  
CYS OXT HXT  sing N N 82  
EDO C1  O1   sing N N 83  
EDO C1  C2   sing N N 84  
EDO C1  H11  sing N N 85  
EDO C1  H12  sing N N 86  
EDO O1  HO1  sing N N 87  
EDO C2  O2   sing N N 88  
EDO C2  H21  sing N N 89  
EDO C2  H22  sing N N 90  
EDO O2  HO2  sing N N 91  
GLN N   CA   sing N N 92  
GLN N   H    sing N N 93  
GLN N   H2   sing N N 94  
GLN CA  C    sing N N 95  
GLN CA  CB   sing N N 96  
GLN CA  HA   sing N N 97  
GLN C   O    doub N N 98  
GLN C   OXT  sing N N 99  
GLN CB  CG   sing N N 100 
GLN CB  HB2  sing N N 101 
GLN CB  HB3  sing N N 102 
GLN CG  CD   sing N N 103 
GLN CG  HG2  sing N N 104 
GLN CG  HG3  sing N N 105 
GLN CD  OE1  doub N N 106 
GLN CD  NE2  sing N N 107 
GLN NE2 HE21 sing N N 108 
GLN NE2 HE22 sing N N 109 
GLN OXT HXT  sing N N 110 
GLU N   CA   sing N N 111 
GLU N   H    sing N N 112 
GLU N   H2   sing N N 113 
GLU CA  C    sing N N 114 
GLU CA  CB   sing N N 115 
GLU CA  HA   sing N N 116 
GLU C   O    doub N N 117 
GLU C   OXT  sing N N 118 
GLU CB  CG   sing N N 119 
GLU CB  HB2  sing N N 120 
GLU CB  HB3  sing N N 121 
GLU CG  CD   sing N N 122 
GLU CG  HG2  sing N N 123 
GLU CG  HG3  sing N N 124 
GLU CD  OE1  doub N N 125 
GLU CD  OE2  sing N N 126 
GLU OE2 HE2  sing N N 127 
GLU OXT HXT  sing N N 128 
GLY N   CA   sing N N 129 
GLY N   H    sing N N 130 
GLY N   H2   sing N N 131 
GLY CA  C    sing N N 132 
GLY CA  HA2  sing N N 133 
GLY CA  HA3  sing N N 134 
GLY C   O    doub N N 135 
GLY C   OXT  sing N N 136 
GLY OXT HXT  sing N N 137 
HIS N   CA   sing N N 138 
HIS N   H    sing N N 139 
HIS N   H2   sing N N 140 
HIS CA  C    sing N N 141 
HIS CA  CB   sing N N 142 
HIS CA  HA   sing N N 143 
HIS C   O    doub N N 144 
HIS C   OXT  sing N N 145 
HIS CB  CG   sing N N 146 
HIS CB  HB2  sing N N 147 
HIS CB  HB3  sing N N 148 
HIS CG  ND1  sing Y N 149 
HIS CG  CD2  doub Y N 150 
HIS ND1 CE1  doub Y N 151 
HIS ND1 HD1  sing N N 152 
HIS CD2 NE2  sing Y N 153 
HIS CD2 HD2  sing N N 154 
HIS CE1 NE2  sing Y N 155 
HIS CE1 HE1  sing N N 156 
HIS NE2 HE2  sing N N 157 
HIS OXT HXT  sing N N 158 
HOH O   H1   sing N N 159 
HOH O   H2   sing N N 160 
ILE N   CA   sing N N 161 
ILE N   H    sing N N 162 
ILE N   H2   sing N N 163 
ILE CA  C    sing N N 164 
ILE CA  CB   sing N N 165 
ILE CA  HA   sing N N 166 
ILE C   O    doub N N 167 
ILE C   OXT  sing N N 168 
ILE CB  CG1  sing N N 169 
ILE CB  CG2  sing N N 170 
ILE CB  HB   sing N N 171 
ILE CG1 CD1  sing N N 172 
ILE CG1 HG12 sing N N 173 
ILE CG1 HG13 sing N N 174 
ILE CG2 HG21 sing N N 175 
ILE CG2 HG22 sing N N 176 
ILE CG2 HG23 sing N N 177 
ILE CD1 HD11 sing N N 178 
ILE CD1 HD12 sing N N 179 
ILE CD1 HD13 sing N N 180 
ILE OXT HXT  sing N N 181 
LEU N   CA   sing N N 182 
LEU N   H    sing N N 183 
LEU N   H2   sing N N 184 
LEU CA  C    sing N N 185 
LEU CA  CB   sing N N 186 
LEU CA  HA   sing N N 187 
LEU C   O    doub N N 188 
LEU C   OXT  sing N N 189 
LEU CB  CG   sing N N 190 
LEU CB  HB2  sing N N 191 
LEU CB  HB3  sing N N 192 
LEU CG  CD1  sing N N 193 
LEU CG  CD2  sing N N 194 
LEU CG  HG   sing N N 195 
LEU CD1 HD11 sing N N 196 
LEU CD1 HD12 sing N N 197 
LEU CD1 HD13 sing N N 198 
LEU CD2 HD21 sing N N 199 
LEU CD2 HD22 sing N N 200 
LEU CD2 HD23 sing N N 201 
LEU OXT HXT  sing N N 202 
LYS N   CA   sing N N 203 
LYS N   H    sing N N 204 
LYS N   H2   sing N N 205 
LYS CA  C    sing N N 206 
LYS CA  CB   sing N N 207 
LYS CA  HA   sing N N 208 
LYS C   O    doub N N 209 
LYS C   OXT  sing N N 210 
LYS CB  CG   sing N N 211 
LYS CB  HB2  sing N N 212 
LYS CB  HB3  sing N N 213 
LYS CG  CD   sing N N 214 
LYS CG  HG2  sing N N 215 
LYS CG  HG3  sing N N 216 
LYS CD  CE   sing N N 217 
LYS CD  HD2  sing N N 218 
LYS CD  HD3  sing N N 219 
LYS CE  NZ   sing N N 220 
LYS CE  HE2  sing N N 221 
LYS CE  HE3  sing N N 222 
LYS NZ  HZ1  sing N N 223 
LYS NZ  HZ2  sing N N 224 
LYS NZ  HZ3  sing N N 225 
LYS OXT HXT  sing N N 226 
MSE N   CA   sing N N 227 
MSE N   H    sing N N 228 
MSE N   H2   sing N N 229 
MSE CA  C    sing N N 230 
MSE CA  CB   sing N N 231 
MSE CA  HA   sing N N 232 
MSE C   O    doub N N 233 
MSE C   OXT  sing N N 234 
MSE OXT HXT  sing N N 235 
MSE CB  CG   sing N N 236 
MSE CB  HB2  sing N N 237 
MSE CB  HB3  sing N N 238 
MSE CG  SE   sing N N 239 
MSE CG  HG2  sing N N 240 
MSE CG  HG3  sing N N 241 
MSE SE  CE   sing N N 242 
MSE CE  HE1  sing N N 243 
MSE CE  HE2  sing N N 244 
MSE CE  HE3  sing N N 245 
PHE N   CA   sing N N 246 
PHE N   H    sing N N 247 
PHE N   H2   sing N N 248 
PHE CA  C    sing N N 249 
PHE CA  CB   sing N N 250 
PHE CA  HA   sing N N 251 
PHE C   O    doub N N 252 
PHE C   OXT  sing N N 253 
PHE CB  CG   sing N N 254 
PHE CB  HB2  sing N N 255 
PHE CB  HB3  sing N N 256 
PHE CG  CD1  doub Y N 257 
PHE CG  CD2  sing Y N 258 
PHE CD1 CE1  sing Y N 259 
PHE CD1 HD1  sing N N 260 
PHE CD2 CE2  doub Y N 261 
PHE CD2 HD2  sing N N 262 
PHE CE1 CZ   doub Y N 263 
PHE CE1 HE1  sing N N 264 
PHE CE2 CZ   sing Y N 265 
PHE CE2 HE2  sing N N 266 
PHE CZ  HZ   sing N N 267 
PHE OXT HXT  sing N N 268 
PRO N   CA   sing N N 269 
PRO N   CD   sing N N 270 
PRO N   H    sing N N 271 
PRO CA  C    sing N N 272 
PRO CA  CB   sing N N 273 
PRO CA  HA   sing N N 274 
PRO C   O    doub N N 275 
PRO C   OXT  sing N N 276 
PRO CB  CG   sing N N 277 
PRO CB  HB2  sing N N 278 
PRO CB  HB3  sing N N 279 
PRO CG  CD   sing N N 280 
PRO CG  HG2  sing N N 281 
PRO CG  HG3  sing N N 282 
PRO CD  HD2  sing N N 283 
PRO CD  HD3  sing N N 284 
PRO OXT HXT  sing N N 285 
SER N   CA   sing N N 286 
SER N   H    sing N N 287 
SER N   H2   sing N N 288 
SER CA  C    sing N N 289 
SER CA  CB   sing N N 290 
SER CA  HA   sing N N 291 
SER C   O    doub N N 292 
SER C   OXT  sing N N 293 
SER CB  OG   sing N N 294 
SER CB  HB2  sing N N 295 
SER CB  HB3  sing N N 296 
SER OG  HG   sing N N 297 
SER OXT HXT  sing N N 298 
SO4 S   O1   doub N N 299 
SO4 S   O2   doub N N 300 
SO4 S   O3   sing N N 301 
SO4 S   O4   sing N N 302 
THR N   CA   sing N N 303 
THR N   H    sing N N 304 
THR N   H2   sing N N 305 
THR CA  C    sing N N 306 
THR CA  CB   sing N N 307 
THR CA  HA   sing N N 308 
THR C   O    doub N N 309 
THR C   OXT  sing N N 310 
THR CB  OG1  sing N N 311 
THR CB  CG2  sing N N 312 
THR CB  HB   sing N N 313 
THR OG1 HG1  sing N N 314 
THR CG2 HG21 sing N N 315 
THR CG2 HG22 sing N N 316 
THR CG2 HG23 sing N N 317 
THR OXT HXT  sing N N 318 
TRP N   CA   sing N N 319 
TRP N   H    sing N N 320 
TRP N   H2   sing N N 321 
TRP CA  C    sing N N 322 
TRP CA  CB   sing N N 323 
TRP CA  HA   sing N N 324 
TRP C   O    doub N N 325 
TRP C   OXT  sing N N 326 
TRP CB  CG   sing N N 327 
TRP CB  HB2  sing N N 328 
TRP CB  HB3  sing N N 329 
TRP CG  CD1  doub Y N 330 
TRP CG  CD2  sing Y N 331 
TRP CD1 NE1  sing Y N 332 
TRP CD1 HD1  sing N N 333 
TRP CD2 CE2  doub Y N 334 
TRP CD2 CE3  sing Y N 335 
TRP NE1 CE2  sing Y N 336 
TRP NE1 HE1  sing N N 337 
TRP CE2 CZ2  sing Y N 338 
TRP CE3 CZ3  doub Y N 339 
TRP CE3 HE3  sing N N 340 
TRP CZ2 CH2  doub Y N 341 
TRP CZ2 HZ2  sing N N 342 
TRP CZ3 CH2  sing Y N 343 
TRP CZ3 HZ3  sing N N 344 
TRP CH2 HH2  sing N N 345 
TRP OXT HXT  sing N N 346 
TYR N   CA   sing N N 347 
TYR N   H    sing N N 348 
TYR N   H2   sing N N 349 
TYR CA  C    sing N N 350 
TYR CA  CB   sing N N 351 
TYR CA  HA   sing N N 352 
TYR C   O    doub N N 353 
TYR C   OXT  sing N N 354 
TYR CB  CG   sing N N 355 
TYR CB  HB2  sing N N 356 
TYR CB  HB3  sing N N 357 
TYR CG  CD1  doub Y N 358 
TYR CG  CD2  sing Y N 359 
TYR CD1 CE1  sing Y N 360 
TYR CD1 HD1  sing N N 361 
TYR CD2 CE2  doub Y N 362 
TYR CD2 HD2  sing N N 363 
TYR CE1 CZ   doub Y N 364 
TYR CE1 HE1  sing N N 365 
TYR CE2 CZ   sing Y N 366 
TYR CE2 HE2  sing N N 367 
TYR CZ  OH   sing N N 368 
TYR OH  HH   sing N N 369 
TYR OXT HXT  sing N N 370 
VAL N   CA   sing N N 371 
VAL N   H    sing N N 372 
VAL N   H2   sing N N 373 
VAL CA  C    sing N N 374 
VAL CA  CB   sing N N 375 
VAL CA  HA   sing N N 376 
VAL C   O    doub N N 377 
VAL C   OXT  sing N N 378 
VAL CB  CG1  sing N N 379 
VAL CB  CG2  sing N N 380 
VAL CB  HB   sing N N 381 
VAL CG1 HG11 sing N N 382 
VAL CG1 HG12 sing N N 383 
VAL CG1 HG13 sing N N 384 
VAL CG2 HG21 sing N N 385 
VAL CG2 HG22 sing N N 386 
VAL CG2 HG23 sing N N 387 
VAL OXT HXT  sing N N 388 
# 
_atom_sites.entry_id                    3E0K 
_atom_sites.fract_transf_matrix[1][1]   -0.01059427 
_atom_sites.fract_transf_matrix[1][2]   -0.00590275 
_atom_sites.fract_transf_matrix[1][3]   0.00976283 
_atom_sites.fract_transf_matrix[2][1]   0.00797022 
_atom_sites.fract_transf_matrix[2][2]   0.00570319 
_atom_sites.fract_transf_matrix[2][3]   0.01209723 
_atom_sites.fract_transf_matrix[3][1]   -0.00465156 
_atom_sites.fract_transf_matrix[3][2]   0.00753895 
_atom_sites.fract_transf_matrix[3][3]   -0.00048954 
_atom_sites.fract_transf_vector[1]      0.299012 
_atom_sites.fract_transf_vector[2]      0.571550 
_atom_sites.fract_transf_vector[3]      0.512154 
# 
loop_
_atom_type.symbol 
C  
N  
O  
S  
SE 
# 
loop_
_atom_site.group_PDB 
_atom_site.id 
_atom_site.type_symbol 
_atom_site.label_atom_id 
_atom_site.label_alt_id 
_atom_site.label_comp_id 
_atom_site.label_asym_id 
_atom_site.label_entity_id 
_atom_site.label_seq_id 
_atom_site.pdbx_PDB_ins_code 
_atom_site.Cartn_x 
_atom_site.Cartn_y 
_atom_site.Cartn_z 
_atom_site.occupancy 
_atom_site.B_iso_or_equiv 
_atom_site.pdbx_formal_charge 
_atom_site.auth_seq_id 
_atom_site.auth_comp_id 
_atom_site.auth_asym_id 
_atom_site.auth_atom_id 
_atom_site.pdbx_PDB_model_num 
ATOM   1    N  N   . ALA A 1 3   ? 14.587  15.397  12.386  1.00 49.05 ? 298 ALA A N   1 
ATOM   2    C  CA  . ALA A 1 3   ? 14.747  14.127  11.609  1.00 49.62 ? 298 ALA A CA  1 
ATOM   3    C  C   . ALA A 1 3   ? 13.613  13.906  10.579  1.00 49.66 ? 298 ALA A C   1 
ATOM   4    O  O   . ALA A 1 3   ? 13.007  14.857  10.066  1.00 50.43 ? 298 ALA A O   1 
ATOM   5    C  CB  . ALA A 1 3   ? 14.877  12.902  12.567  1.00 49.27 ? 298 ALA A CB  1 
ATOM   6    N  N   . GLU A 1 4   ? 13.331  12.639  10.300  1.00 49.08 ? 299 GLU A N   1 
ATOM   7    C  CA  . GLU A 1 4   ? 12.357  12.227  9.299   1.00 48.28 ? 299 GLU A CA  1 
ATOM   8    C  C   . GLU A 1 4   ? 11.570  11.116  9.982   1.00 46.78 ? 299 GLU A C   1 
ATOM   9    O  O   . GLU A 1 4   ? 12.170  10.195  10.528  1.00 47.17 ? 299 GLU A O   1 
ATOM   10   C  CB  . GLU A 1 4   ? 13.136  11.711  8.090   1.00 48.47 ? 299 GLU A CB  1 
ATOM   11   C  CG  . GLU A 1 4   ? 12.338  11.262  6.904   1.00 49.21 ? 299 GLU A CG  1 
ATOM   12   C  CD  . GLU A 1 4   ? 13.253  10.883  5.748   1.00 50.25 ? 299 GLU A CD  1 
ATOM   13   O  OE1 . GLU A 1 4   ? 13.211  9.705   5.324   1.00 49.60 ? 299 GLU A OE1 1 
ATOM   14   O  OE2 . GLU A 1 4   ? 14.033  11.763  5.294   1.00 50.54 ? 299 GLU A OE2 1 
ATOM   15   N  N   . GLN A 1 5   ? 10.252  11.205  10.002  0.50 45.05 ? 300 GLN A N   1 
ATOM   16   C  CA  . GLN A 1 5   ? 9.494   10.243  10.777  0.50 43.56 ? 300 GLN A CA  1 
ATOM   17   C  C   . GLN A 1 5   ? 8.742   9.248   9.928   0.50 42.89 ? 300 GLN A C   1 
ATOM   18   O  O   . GLN A 1 5   ? 8.101   9.613   8.952   0.50 42.31 ? 300 GLN A O   1 
ATOM   19   C  CB  . GLN A 1 5   ? 8.530   10.950  11.713  0.50 43.48 ? 300 GLN A CB  1 
ATOM   20   C  CG  . GLN A 1 5   ? 9.201   11.673  12.854  0.50 43.26 ? 300 GLN A CG  1 
ATOM   21   C  CD  . GLN A 1 5   ? 8.212   12.457  13.685  0.50 43.67 ? 300 GLN A CD  1 
ATOM   22   O  OE1 . GLN A 1 5   ? 7.007   12.181  13.664  0.50 44.03 ? 300 GLN A OE1 1 
ATOM   23   N  NE2 . GLN A 1 5   ? 8.708   13.444  14.419  0.50 42.57 ? 300 GLN A NE2 1 
ATOM   24   N  N   . VAL A 1 6   ? 8.848   7.982   10.308  1.00 42.36 ? 301 VAL A N   1 
ATOM   25   C  CA  . VAL A 1 6   ? 7.982   6.925   9.793   1.00 42.49 ? 301 VAL A CA  1 
ATOM   26   C  C   . VAL A 1 6   ? 7.000   6.540   10.900  1.00 42.34 ? 301 VAL A C   1 
ATOM   27   O  O   . VAL A 1 6   ? 7.440   6.143   11.978  1.00 42.60 ? 301 VAL A O   1 
ATOM   28   C  CB  . VAL A 1 6   ? 8.772   5.661   9.340   1.00 42.44 ? 301 VAL A CB  1 
ATOM   29   C  CG1 . VAL A 1 6   ? 7.879   4.761   8.455   1.00 42.36 ? 301 VAL A CG1 1 
ATOM   30   C  CG2 . VAL A 1 6   ? 10.001  6.050   8.578   1.00 42.46 ? 301 VAL A CG2 1 
ATOM   31   N  N   . ARG A 1 7   ? 5.689   6.662   10.645  1.00 41.96 ? 302 ARG A N   1 
ATOM   32   C  CA  . ARG A 1 7   ? 4.647   6.462   11.691  1.00 41.75 ? 302 ARG A CA  1 
ATOM   33   C  C   . ARG A 1 7   ? 3.290   6.092   11.086  1.00 42.53 ? 302 ARG A C   1 
ATOM   34   O  O   . ARG A 1 7   ? 3.088   6.320   9.893   1.00 43.19 ? 302 ARG A O   1 
ATOM   35   C  CB  . ARG A 1 7   ? 4.496   7.707   12.569  1.00 41.55 ? 302 ARG A CB  1 
ATOM   36   C  CG  . ARG A 1 7   ? 4.044   8.983   11.842  1.00 40.90 ? 302 ARG A CG  1 
ATOM   37   C  CD  . ARG A 1 7   ? 3.680   10.072  12.851  1.00 40.69 ? 302 ARG A CD  1 
ATOM   38   N  NE  . ARG A 1 7   ? 3.318   11.346  12.226  1.00 39.22 ? 302 ARG A NE  1 
ATOM   39   C  CZ  . ARG A 1 7   ? 2.242   11.533  11.453  1.00 41.38 ? 302 ARG A CZ  1 
ATOM   40   N  NH1 . ARG A 1 7   ? 1.414   10.525  11.162  1.00 38.39 ? 302 ARG A NH1 1 
ATOM   41   N  NH2 . ARG A 1 7   ? 1.995   12.733  10.942  1.00 40.70 ? 302 ARG A NH2 1 
ATOM   42   N  N   . GLN A 1 8   ? 2.377   5.518   11.878  1.00 42.40 ? 303 GLN A N   1 
ATOM   43   C  CA  A GLN A 1 8   ? 0.950   5.245   11.448  0.00 40.49 ? 303 GLN A CA  1 
ATOM   44   C  CA  B GLN A 1 8   ? 1.064   5.162   11.374  0.50 43.10 ? 303 GLN A CA  1 
ATOM   45   C  C   . GLN A 1 8   ? 0.395   6.481   11.042  1.00 43.45 ? 303 GLN A C   1 
ATOM   46   O  O   . GLN A 1 8   ? 0.696   7.498   11.654  1.00 44.30 ? 303 GLN A O   1 
ATOM   47   C  CB  A GLN A 1 8   ? 0.102   4.664   12.572  0.00 40.01 ? 303 GLN A CB  1 
ATOM   48   C  CB  B GLN A 1 8   ? 0.276   4.357   12.412  0.50 42.93 ? 303 GLN A CB  1 
ATOM   49   C  CG  A GLN A 1 8   ? 0.338   3.203   12.754  0.00 38.12 ? 303 GLN A CG  1 
ATOM   50   C  CG  B GLN A 1 8   ? -0.446  3.128   11.833  0.50 43.63 ? 303 GLN A CG  1 
ATOM   51   C  CD  A GLN A 1 8   ? 0.408   2.510   11.429  0.00 35.75 ? 303 GLN A CD  1 
ATOM   52   C  CD  B GLN A 1 8   ? -1.955  3.337   11.706  0.50 44.66 ? 303 GLN A CD  1 
ATOM   53   O  OE1 A GLN A 1 8   ? -0.608  2.093   10.888  0.00 33.99 ? 303 GLN A OE1 1 
ATOM   54   O  OE1 B GLN A 1 8   ? -2.729  2.781   12.485  0.50 44.46 ? 303 GLN A OE1 1 
ATOM   55   N  NE2 A GLN A 1 8   ? 1.611   2.403   10.880  0.00 34.24 ? 303 GLN A NE2 1 
ATOM   56   N  NE2 B GLN A 1 8   ? -2.376  4.147   10.734  0.50 44.29 ? 303 GLN A NE2 1 
ATOM   57   N  N   . ALA A 1 9   ? -0.464  6.509   10.038  1.00 44.44 ? 304 ALA A N   1 
ATOM   58   C  CA  . ALA A 1 9   ? -1.104  7.777   9.640   1.00 44.80 ? 304 ALA A CA  1 
ATOM   59   C  C   . ALA A 1 9   ? -2.306  8.130   10.514  1.00 45.44 ? 304 ALA A C   1 
ATOM   60   O  O   . ALA A 1 9   ? -2.905  7.266   11.170  1.00 45.63 ? 304 ALA A O   1 
ATOM   61   C  CB  . ALA A 1 9   ? -1.506  7.749   8.180   1.00 44.45 ? 304 ALA A CB  1 
ATOM   62   N  N   . GLY A 1 10  ? -2.623  9.422   10.526  1.00 46.45 ? 305 GLY A N   1 
ATOM   63   C  CA  . GLY A 1 10  ? -3.804  9.964   11.185  1.00 46.88 ? 305 GLY A CA  1 
ATOM   64   C  C   . GLY A 1 10  ? -4.647  10.777  10.210  1.00 47.59 ? 305 GLY A C   1 
ATOM   65   O  O   . GLY A 1 10  ? -4.289  10.946  9.027   1.00 47.61 ? 305 GLY A O   1 
ATOM   66   N  N   . ILE A 1 11  ? -5.765  11.288  10.715  1.00 47.91 ? 306 ILE A N   1 
ATOM   67   C  CA  . ILE A 1 11  ? -6.725  12.022  9.901   1.00 48.31 ? 306 ILE A CA  1 
ATOM   68   C  C   . ILE A 1 11  ? -6.121  13.317  9.321   1.00 47.87 ? 306 ILE A C   1 
ATOM   69   O  O   . ILE A 1 11  ? -6.380  13.654  8.165   1.00 48.06 ? 306 ILE A O   1 
ATOM   70   C  CB  . ILE A 1 11  ? -8.076  12.254  10.692  1.00 48.83 ? 306 ILE A CB  1 
ATOM   71   C  CG1 . ILE A 1 11  ? -9.300  12.275  9.745   1.00 49.97 ? 306 ILE A CG1 1 
ATOM   72   C  CG2 . ILE A 1 11  ? -7.977  13.460  11.742  1.00 48.80 ? 306 ILE A CG2 1 
ATOM   73   C  CD1 . ILE A 1 11  ? -9.618  13.644  9.072   1.00 51.23 ? 306 ILE A CD1 1 
ATOM   74   N  N   . ASP A 1 12  ? -5.295  14.015  10.100  1.00 46.95 ? 307 ASP A N   1 
ATOM   75   C  CA  . ASP A 1 12  ? -4.625  15.222  9.604   1.00 46.42 ? 307 ASP A CA  1 
ATOM   76   C  C   . ASP A 1 12  ? -3.615  14.982  8.478   1.00 46.26 ? 307 ASP A C   1 
ATOM   77   O  O   . ASP A 1 12  ? -3.167  15.936  7.856   1.00 46.03 ? 307 ASP A O   1 
ATOM   78   C  CB  . ASP A 1 12  ? -3.946  15.967  10.742  1.00 46.39 ? 307 ASP A CB  1 
ATOM   79   C  CG  . ASP A 1 12  ? -4.917  16.380  11.833  1.00 46.52 ? 307 ASP A CG  1 
ATOM   80   O  OD1 . ASP A 1 12  ? -6.140  16.509  11.574  1.00 45.63 ? 307 ASP A OD1 1 
ATOM   81   O  OD2 . ASP A 1 12  ? -4.442  16.570  12.963  1.00 46.37 ? 307 ASP A OD2 1 
ATOM   82   N  N   . ASP A 1 13  ? -3.282  13.714  8.213   1.00 46.37 ? 308 ASP A N   1 
ATOM   83   C  CA  . ASP A 1 13  ? -2.401  13.310  7.086   1.00 46.42 ? 308 ASP A CA  1 
ATOM   84   C  C   . ASP A 1 13  ? -3.085  13.057  5.729   1.00 46.19 ? 308 ASP A C   1 
ATOM   85   O  O   . ASP A 1 13  ? -2.385  12.840  4.736   1.00 46.43 ? 308 ASP A O   1 
ATOM   86   C  CB  . ASP A 1 13  ? -1.596  12.043  7.420   1.00 45.90 ? 308 ASP A CB  1 
ATOM   87   C  CG  . ASP A 1 13  ? -0.883  12.136  8.744   1.00 46.11 ? 308 ASP A CG  1 
ATOM   88   O  OD1 . ASP A 1 13  ? -0.342  13.206  9.079   1.00 44.22 ? 308 ASP A OD1 1 
ATOM   89   O  OD2 . ASP A 1 13  ? -0.864  11.122  9.464   1.00 46.56 ? 308 ASP A OD2 1 
ATOM   90   N  N   . ILE A 1 14  ? -4.420  13.062  5.678   1.00 46.02 ? 309 ILE A N   1 
ATOM   91   C  CA  . ILE A 1 14  ? -5.144  12.749  4.424   1.00 45.54 ? 309 ILE A CA  1 
ATOM   92   C  C   . ILE A 1 14  ? -4.727  13.688  3.284   1.00 45.20 ? 309 ILE A C   1 
ATOM   93   O  O   . ILE A 1 14  ? -4.337  13.217  2.224   1.00 45.61 ? 309 ILE A O   1 
ATOM   94   C  CB  . ILE A 1 14  ? -6.694  12.838  4.550   1.00 45.39 ? 309 ILE A CB  1 
ATOM   95   C  CG1 . ILE A 1 14  ? -7.256  12.015  5.716   1.00 44.34 ? 309 ILE A CG1 1 
ATOM   96   C  CG2 . ILE A 1 14  ? -7.344  12.457  3.237   1.00 46.24 ? 309 ILE A CG2 1 
ATOM   97   C  CD1 . ILE A 1 14  ? -6.846  10.637  5.720   1.00 43.39 ? 309 ILE A CD1 1 
ATOM   98   N  N   . GLY A 1 15  ? -4.823  15.001  3.505   1.00 44.56 ? 310 GLY A N   1 
ATOM   99   C  CA  . GLY A 1 15  ? -4.386  15.988  2.519   1.00 44.19 ? 310 GLY A CA  1 
ATOM   100  C  C   . GLY A 1 15  ? -3.042  15.652  1.886   1.00 43.86 ? 310 GLY A C   1 
ATOM   101  O  O   . GLY A 1 15  ? -2.922  15.607  0.655   1.00 44.03 ? 310 GLY A O   1 
ATOM   102  N  N   . GLY A 1 16  ? -2.042  15.398  2.733   1.00 43.18 ? 311 GLY A N   1 
ATOM   103  C  CA  . GLY A 1 16  ? -0.692  15.025  2.298   1.00 42.69 ? 311 GLY A CA  1 
ATOM   104  C  C   . GLY A 1 16  ? -0.605  13.698  1.559   1.00 42.44 ? 311 GLY A C   1 
ATOM   105  O  O   . GLY A 1 16  ? 0.185   13.556  0.639   1.00 42.58 ? 311 GLY A O   1 
ATOM   106  N  N   . ILE A 1 17  ? -1.404  12.712  1.955   1.00 42.32 ? 312 ILE A N   1 
ATOM   107  C  CA  . ILE A 1 17  ? -1.427  11.428  1.239   1.00 41.80 ? 312 ILE A CA  1 
ATOM   108  C  C   . ILE A 1 17  ? -2.002  11.634  -0.154  1.00 42.22 ? 312 ILE A C   1 
ATOM   109  O  O   . ILE A 1 17  ? -1.451  11.139  -1.155  1.00 41.93 ? 312 ILE A O   1 
ATOM   110  C  CB  . ILE A 1 17  ? -2.232  10.373  1.988   1.00 41.58 ? 312 ILE A CB  1 
ATOM   111  C  CG1 . ILE A 1 17  ? -1.581  10.085  3.344   1.00 41.30 ? 312 ILE A CG1 1 
ATOM   112  C  CG2 . ILE A 1 17  ? -2.303  9.087   1.172   1.00 41.92 ? 312 ILE A CG2 1 
ATOM   113  C  CD1 . ILE A 1 17  ? -2.298  9.058   4.175   1.00 39.64 ? 312 ILE A CD1 1 
ATOM   114  N  N   . LEU A 1 18  ? -3.079  12.419  -0.222  1.00 42.24 ? 313 LEU A N   1 
ATOM   115  C  CA  . LEU A 1 18  ? -3.750  12.704  -1.493  1.00 42.24 ? 313 LEU A CA  1 
ATOM   116  C  C   . LEU A 1 18  ? -2.808  13.347  -2.507  1.00 42.54 ? 313 LEU A C   1 
ATOM   117  O  O   . LEU A 1 18  ? -2.873  13.066  -3.710  1.00 42.78 ? 313 LEU A O   1 
ATOM   118  C  CB  . LEU A 1 18  ? -4.991  13.586  -1.272  1.00 41.64 ? 313 LEU A CB  1 
ATOM   119  C  CG  . LEU A 1 18  ? -6.185  12.866  -0.626  1.00 41.04 ? 313 LEU A CG  1 
ATOM   120  C  CD1 . LEU A 1 18  ? -7.313  13.835  -0.399  1.00 38.53 ? 313 LEU A CD1 1 
ATOM   121  C  CD2 . LEU A 1 18  ? -6.660  11.643  -1.444  1.00 39.58 ? 313 LEU A CD2 1 
ATOM   122  N  N   . GLU A 1 19  ? -1.929  14.206  -2.015  1.00 42.31 ? 314 GLU A N   1 
ATOM   123  C  CA  . GLU A 1 19  ? -1.001  14.881  -2.886  1.00 42.49 ? 314 GLU A CA  1 
ATOM   124  C  C   . GLU A 1 19  ? 0.001   13.881  -3.439  1.00 42.72 ? 314 GLU A C   1 
ATOM   125  O  O   . GLU A 1 19  ? 0.428   14.013  -4.566  1.00 42.76 ? 314 GLU A O   1 
ATOM   126  C  CB  . GLU A 1 19  ? -0.285  16.003  -2.136  1.00 42.54 ? 314 GLU A CB  1 
ATOM   127  C  CG  . GLU A 1 19  ? -1.198  17.138  -1.701  1.00 42.82 ? 314 GLU A CG  1 
ATOM   128  C  CD  . GLU A 1 19  ? -1.706  17.928  -2.869  1.00 43.39 ? 314 GLU A CD  1 
ATOM   129  O  OE1 . GLU A 1 19  ? -0.926  18.704  -3.448  1.00 44.13 ? 314 GLU A OE1 1 
ATOM   130  O  OE2 . GLU A 1 19  ? -2.886  17.765  -3.221  1.00 45.22 ? 314 GLU A OE2 1 
ATOM   131  N  N   . LEU A 1 20  ? 0.377   12.879  -2.654  1.00 43.08 ? 315 LEU A N   1 
ATOM   132  C  CA  . LEU A 1 20  ? 1.344   11.907  -3.138  1.00 44.12 ? 315 LEU A CA  1 
ATOM   133  C  C   . LEU A 1 20  ? 0.704   11.002  -4.164  1.00 45.12 ? 315 LEU A C   1 
ATOM   134  O  O   . LEU A 1 20  ? 1.320   10.635  -5.145  1.00 45.30 ? 315 LEU A O   1 
ATOM   135  C  CB  . LEU A 1 20  ? 1.869   11.047  -1.994  1.00 43.75 ? 315 LEU A CB  1 
ATOM   136  C  CG  . LEU A 1 20  ? 3.014   11.580  -1.172  1.00 42.54 ? 315 LEU A CG  1 
ATOM   137  C  CD1 . LEU A 1 20  ? 3.346   10.514  -0.187  1.00 42.93 ? 315 LEU A CD1 1 
ATOM   138  C  CD2 . LEU A 1 20  ? 4.199   11.862  -2.067  1.00 42.48 ? 315 LEU A CD2 1 
ATOM   139  N  N   . ILE A 1 21  ? -0.553  10.669  -3.919  1.00 46.67 ? 316 ILE A N   1 
ATOM   140  C  CA  . ILE A 1 21  ? -1.286  9.685   -4.683  1.00 48.28 ? 316 ILE A CA  1 
ATOM   141  C  C   . ILE A 1 21  ? -1.821  10.274  -5.964  1.00 49.26 ? 316 ILE A C   1 
ATOM   142  O  O   . ILE A 1 21  ? -1.775  9.611   -6.987  1.00 49.72 ? 316 ILE A O   1 
ATOM   143  C  CB  . ILE A 1 21  ? -2.471  9.138   -3.849  1.00 48.62 ? 316 ILE A CB  1 
ATOM   144  C  CG1 . ILE A 1 21  ? -2.006  8.142   -2.811  1.00 49.24 ? 316 ILE A CG1 1 
ATOM   145  C  CG2 . ILE A 1 21  ? -3.482  8.430   -4.674  1.00 49.19 ? 316 ILE A CG2 1 
ATOM   146  C  CD1 . ILE A 1 21  ? -3.123  7.894   -1.810  1.00 53.85 ? 316 ILE A CD1 1 
ATOM   147  N  N   . HIS A 1 22  ? -2.331  11.505  -5.918  1.00 50.78 ? 317 HIS A N   1 
ATOM   148  C  CA  . HIS A 1 22  ? -3.006  12.097  -7.086  1.00 52.29 ? 317 HIS A CA  1 
ATOM   149  C  C   . HIS A 1 22  ? -2.225  12.011  -8.397  1.00 52.47 ? 317 HIS A C   1 
ATOM   150  O  O   . HIS A 1 22  ? -2.793  11.611  -9.407  1.00 52.71 ? 317 HIS A O   1 
ATOM   151  C  CB  . HIS A 1 22  ? -3.504  13.530  -6.823  1.00 53.08 ? 317 HIS A CB  1 
ATOM   152  C  CG  . HIS A 1 22  ? -4.769  13.600  -6.007  1.00 55.84 ? 317 HIS A CG  1 
ATOM   153  N  ND1 . HIS A 1 22  ? -5.343  14.796  -5.617  1.00 58.33 ? 317 HIS A ND1 1 
ATOM   154  C  CD2 . HIS A 1 22  ? -5.561  12.623  -5.492  1.00 57.19 ? 317 HIS A CD2 1 
ATOM   155  C  CE1 . HIS A 1 22  ? -6.439  14.552  -4.915  1.00 58.61 ? 317 HIS A CE1 1 
ATOM   156  N  NE2 . HIS A 1 22  ? -6.592  13.241  -4.822  1.00 57.88 ? 317 HIS A NE2 1 
ATOM   157  N  N   . PRO A 1 23  ? -0.932  12.382  -8.400  1.00 53.02 ? 318 PRO A N   1 
ATOM   158  C  CA  . PRO A 1 23  ? -0.135  12.203  -9.620  1.00 53.70 ? 318 PRO A CA  1 
ATOM   159  C  C   . PRO A 1 23  ? 0.033   10.745  -10.049 1.00 54.60 ? 318 PRO A C   1 
ATOM   160  O  O   . PRO A 1 23  ? 0.314   10.482  -11.205 1.00 54.72 ? 318 PRO A O   1 
ATOM   161  C  CB  . PRO A 1 23  ? 1.220   12.786  -9.238  1.00 53.33 ? 318 PRO A CB  1 
ATOM   162  C  CG  . PRO A 1 23  ? 0.928   13.703  -8.124  1.00 53.13 ? 318 PRO A CG  1 
ATOM   163  C  CD  . PRO A 1 23  ? -0.144  13.032  -7.348  1.00 52.87 ? 318 PRO A CD  1 
ATOM   164  N  N   . LEU A 1 24  ? -0.125  9.810   -9.121  1.00 55.99 ? 319 LEU A N   1 
ATOM   165  C  CA  . LEU A 1 24  ? -0.097  8.385   -9.455  1.00 57.40 ? 319 LEU A CA  1 
ATOM   166  C  C   . LEU A 1 24  ? -1.389  7.939   -10.125 1.00 58.06 ? 319 LEU A C   1 
ATOM   167  O  O   . LEU A 1 24  ? -1.360  7.086   -11.022 1.00 58.50 ? 319 LEU A O   1 
ATOM   168  C  CB  . LEU A 1 24  ? 0.137   7.542   -8.206  1.00 57.38 ? 319 LEU A CB  1 
ATOM   169  C  CG  . LEU A 1 24  ? 1.552   7.073   -7.860  1.00 58.34 ? 319 LEU A CG  1 
ATOM   170  C  CD1 . LEU A 1 24  ? 2.559   8.234   -7.707  1.00 59.30 ? 319 LEU A CD1 1 
ATOM   171  C  CD2 . LEU A 1 24  ? 1.499   6.213   -6.595  1.00 57.94 ? 319 LEU A CD2 1 
ATOM   172  N  N   . GLU A 1 25  ? -2.511  8.510   -9.671  1.00 58.63 ? 320 GLU A N   1 
ATOM   173  C  CA  . GLU A 1 25  ? -3.843  8.269   -10.245 1.00 59.20 ? 320 GLU A CA  1 
ATOM   174  C  C   . GLU A 1 25  ? -3.986  8.790   -11.696 1.00 59.93 ? 320 GLU A C   1 
ATOM   175  O  O   . GLU A 1 25  ? -4.537  8.095   -12.569 1.00 59.59 ? 320 GLU A O   1 
ATOM   176  C  CB  . GLU A 1 25  ? -4.927  8.860   -9.332  1.00 59.19 ? 320 GLU A CB  1 
ATOM   177  C  CG  . GLU A 1 25  ? -5.039  8.167   -7.963  1.00 58.87 ? 320 GLU A CG  1 
ATOM   178  C  CD  . GLU A 1 25  ? -5.985  8.876   -6.996  1.00 58.64 ? 320 GLU A CD  1 
ATOM   179  O  OE1 . GLU A 1 25  ? -6.489  9.966   -7.334  1.00 57.81 ? 320 GLU A OE1 1 
ATOM   180  O  OE2 . GLU A 1 25  ? -6.237  8.334   -5.892  1.00 57.73 ? 320 GLU A OE2 1 
ATOM   181  N  N   . GLU A 1 26  ? -3.482  10.006  -11.935 1.00 60.80 ? 321 GLU A N   1 
ATOM   182  C  CA  . GLU A 1 26  ? -3.383  10.600  -13.278 1.00 61.58 ? 321 GLU A CA  1 
ATOM   183  C  C   . GLU A 1 26  ? -2.530  9.736   -14.206 1.00 61.85 ? 321 GLU A C   1 
ATOM   184  O  O   . GLU A 1 26  ? -2.826  9.602   -15.390 1.00 61.95 ? 321 GLU A O   1 
ATOM   185  C  CB  . GLU A 1 26  ? -2.773  12.002  -13.201 1.00 61.48 ? 321 GLU A CB  1 
ATOM   186  C  CG  . GLU A 1 26  ? -3.766  13.150  -13.037 1.00 61.98 ? 321 GLU A CG  1 
ATOM   187  C  CD  . GLU A 1 26  ? -3.110  14.519  -13.264 1.00 62.28 ? 321 GLU A CD  1 
ATOM   188  O  OE1 . GLU A 1 26  ? -3.485  15.214  -14.244 1.00 61.93 ? 321 GLU A OE1 1 
ATOM   189  O  OE2 . GLU A 1 26  ? -2.209  14.887  -12.466 1.00 63.45 ? 321 GLU A OE2 1 
ATOM   190  N  N   . GLN A 1 27  ? -1.478  9.148   -13.643 1.00 62.47 ? 322 GLN A N   1 
ATOM   191  C  CA  . GLN A 1 27  ? -0.539  8.298   -14.374 1.00 62.92 ? 322 GLN A CA  1 
ATOM   192  C  C   . GLN A 1 27  ? -1.058  6.868   -14.634 1.00 63.19 ? 322 GLN A C   1 
ATOM   193  O  O   . GLN A 1 27  ? -0.343  6.036   -15.209 1.00 63.11 ? 322 GLN A O   1 
ATOM   194  C  CB  . GLN A 1 27  ? 0.814   8.278   -13.645 1.00 63.06 ? 322 GLN A CB  1 
ATOM   195  C  CG  . GLN A 1 27  ? 1.812   9.288   -14.174 1.00 62.69 ? 322 GLN A CG  1 
ATOM   196  C  CD  . GLN A 1 27  ? 2.438   8.815   -15.473 1.00 63.95 ? 322 GLN A CD  1 
ATOM   197  O  OE1 . GLN A 1 27  ? 2.915   7.682   -15.555 1.00 64.05 ? 322 GLN A OE1 1 
ATOM   198  N  NE2 . GLN A 1 27  ? 2.429   9.672   -16.501 1.00 63.78 ? 322 GLN A NE2 1 
ATOM   199  N  N   . GLY A 1 28  ? -2.296  6.595   -14.209 1.00 63.50 ? 323 GLY A N   1 
ATOM   200  C  CA  . GLY A 1 28  ? -2.969  5.311   -14.465 1.00 63.66 ? 323 GLY A CA  1 
ATOM   201  C  C   . GLY A 1 28  ? -2.602  4.192   -13.506 1.00 63.91 ? 323 GLY A C   1 
ATOM   202  O  O   . GLY A 1 28  ? -3.079  3.064   -13.649 1.00 63.75 ? 323 GLY A O   1 
ATOM   203  N  N   . ILE A 1 29  ? -1.769  4.521   -12.519 1.00 64.18 ? 324 ILE A N   1 
ATOM   204  C  CA  . ILE A 1 29  ? -1.212  3.549   -11.578 1.00 64.55 ? 324 ILE A CA  1 
ATOM   205  C  C   . ILE A 1 29  ? -2.224  3.046   -10.516 1.00 64.71 ? 324 ILE A C   1 
ATOM   206  O  O   . ILE A 1 29  ? -2.363  1.838   -10.330 1.00 65.06 ? 324 ILE A O   1 
ATOM   207  C  CB  . ILE A 1 29  ? 0.098   4.091   -10.907 1.00 64.55 ? 324 ILE A CB  1 
ATOM   208  C  CG1 . ILE A 1 29  ? 1.116   4.511   -11.979 1.00 64.64 ? 324 ILE A CG1 1 
ATOM   209  C  CG2 . ILE A 1 29  ? 0.705   3.053   -9.947  1.00 64.58 ? 324 ILE A CG2 1 
ATOM   210  C  CD1 . ILE A 1 29  ? 2.372   5.169   -11.427 1.00 64.44 ? 324 ILE A CD1 1 
ATOM   211  N  N   . LEU A 1 30  ? -2.917  3.962   -9.835  1.00 64.55 ? 325 LEU A N   1 
ATOM   212  C  CA  . LEU A 1 30  ? -3.818  3.619   -8.727  1.00 64.28 ? 325 LEU A CA  1 
ATOM   213  C  C   . LEU A 1 30  ? -5.294  3.739   -9.104  1.00 64.71 ? 325 LEU A C   1 
ATOM   214  O  O   . LEU A 1 30  ? -6.183  3.276   -8.374  1.00 65.14 ? 325 LEU A O   1 
ATOM   215  C  CB  . LEU A 1 30  ? -3.515  4.495   -7.508  1.00 64.00 ? 325 LEU A CB  1 
ATOM   216  C  CG  . LEU A 1 30  ? -2.687  3.939   -6.341  1.00 63.32 ? 325 LEU A CG  1 
ATOM   217  C  CD1 . LEU A 1 30  ? -1.642  2.911   -6.748  1.00 63.17 ? 325 LEU A CD1 1 
ATOM   218  C  CD2 . LEU A 1 30  ? -2.032  5.080   -5.612  1.00 62.59 ? 325 LEU A CD2 1 
ATOM   219  N  N   . ARG A 1 32  ? -8.835  4.891   -8.029  1.00 60.49 ? 327 ARG A N   1 
ATOM   220  C  CA  . ARG A 1 32  ? -8.416  6.098   -7.311  1.00 60.92 ? 327 ARG A CA  1 
ATOM   221  C  C   . ARG A 1 32  ? -9.094  6.263   -5.926  1.00 60.54 ? 327 ARG A C   1 
ATOM   222  O  O   . ARG A 1 32  ? -10.229 5.807   -5.719  1.00 60.68 ? 327 ARG A O   1 
ATOM   223  C  CB  . ARG A 1 32  ? -8.678  7.340   -8.163  1.00 60.73 ? 327 ARG A CB  1 
ATOM   224  C  CG  . ARG A 1 32  ? -10.007 8.042   -7.873  1.00 61.45 ? 327 ARG A CG  1 
ATOM   225  C  CD  . ARG A 1 32  ? -10.086 9.432   -8.496  1.00 62.09 ? 327 ARG A CD  1 
ATOM   226  N  NE  . ARG A 1 32  ? -9.350  9.533   -9.764  1.00 64.60 ? 327 ARG A NE  1 
ATOM   227  C  CZ  . ARG A 1 32  ? -9.769  9.073   -10.944 1.00 65.50 ? 327 ARG A CZ  1 
ATOM   228  N  NH1 . ARG A 1 32  ? -10.942 8.455   -11.059 1.00 66.61 ? 327 ARG A NH1 1 
ATOM   229  N  NH2 . ARG A 1 32  ? -9.003  9.232   -12.020 1.00 65.79 ? 327 ARG A NH2 1 
ATOM   230  N  N   . ARG A 1 33  ? -8.398  6.933   -4.999  1.00 59.89 ? 328 ARG A N   1 
ATOM   231  C  CA  . ARG A 1 33  ? -8.887  7.140   -3.618  1.00 58.99 ? 328 ARG A CA  1 
ATOM   232  C  C   . ARG A 1 33  ? -9.478  8.534   -3.372  1.00 58.55 ? 328 ARG A C   1 
ATOM   233  O  O   . ARG A 1 33  ? -8.745  9.537   -3.383  1.00 58.66 ? 328 ARG A O   1 
ATOM   234  C  CB  . ARG A 1 33  ? -7.774  6.834   -2.582  1.00 58.69 ? 328 ARG A CB  1 
ATOM   235  C  CG  . ARG A 1 33  ? -7.678  5.344   -2.237  1.00 58.77 ? 328 ARG A CG  1 
ATOM   236  C  CD  . ARG A 1 33  ? -6.434  4.973   -1.482  1.00 58.02 ? 328 ARG A CD  1 
ATOM   237  N  NE  . ARG A 1 33  ? -6.329  3.537   -1.227  1.00 56.08 ? 328 ARG A NE  1 
ATOM   238  C  CZ  . ARG A 1 33  ? -5.870  2.654   -2.112  1.00 56.87 ? 328 ARG A CZ  1 
ATOM   239  N  NH1 . ARG A 1 33  ? -5.509  3.059   -3.316  1.00 56.76 ? 328 ARG A NH1 1 
ATOM   240  N  NH2 . ARG A 1 33  ? -5.779  1.361   -1.808  1.00 55.66 ? 328 ARG A NH2 1 
ATOM   241  N  N   . SER A 1 34  ? -10.796 8.587   -3.154  1.00 57.67 ? 329 SER A N   1 
ATOM   242  C  CA  . SER A 1 34  ? -11.448 9.788   -2.600  1.00 56.75 ? 329 SER A CA  1 
ATOM   243  C  C   . SER A 1 34  ? -11.012 10.068  -1.143  1.00 55.93 ? 329 SER A C   1 
ATOM   244  O  O   . SER A 1 34  ? -10.494 9.177   -0.452  1.00 55.80 ? 329 SER A O   1 
ATOM   245  C  CB  . SER A 1 34  ? -12.973 9.658   -2.672  1.00 56.75 ? 329 SER A CB  1 
ATOM   246  O  OG  . SER A 1 34  ? -13.442 8.699   -1.740  1.00 56.50 ? 329 SER A OG  1 
ATOM   247  N  N   . ARG A 1 35  ? -11.228 11.298  -0.677  1.00 54.83 ? 330 ARG A N   1 
ATOM   248  C  CA  . ARG A 1 35  ? -10.932 11.643  0.712   1.00 53.77 ? 330 ARG A CA  1 
ATOM   249  C  C   . ARG A 1 35  ? -11.724 10.759  1.686   1.00 53.24 ? 330 ARG A C   1 
ATOM   250  O  O   . ARG A 1 35  ? -11.154 10.249  2.641   1.00 52.82 ? 330 ARG A O   1 
ATOM   251  C  CB  . ARG A 1 35  ? -11.168 13.140  0.990   1.00 53.50 ? 330 ARG A CB  1 
ATOM   252  C  CG  . ARG A 1 35  ? -11.100 13.526  2.476   1.00 53.34 ? 330 ARG A CG  1 
ATOM   253  C  CD  . ARG A 1 35  ? -11.235 15.029  2.708   1.00 53.88 ? 330 ARG A CD  1 
ATOM   254  N  NE  . ARG A 1 35  ? -9.957  15.629  3.106   1.00 53.40 ? 330 ARG A NE  1 
ATOM   255  C  CZ  . ARG A 1 35  ? -9.170  16.343  2.304   1.00 52.91 ? 330 ARG A CZ  1 
ATOM   256  N  NH1 . ARG A 1 35  ? -8.033  16.843  2.778   1.00 51.51 ? 330 ARG A NH1 1 
ATOM   257  N  NH2 . ARG A 1 35  ? -9.522  16.569  1.033   1.00 52.77 ? 330 ARG A NH2 1 
ATOM   258  N  N   . GLU A 1 36  ? -13.022 10.575  1.432   1.00 52.86 ? 331 GLU A N   1 
ATOM   259  C  CA  . GLU A 1 36  ? -13.865 9.754   2.291   1.00 52.83 ? 331 GLU A CA  1 
ATOM   260  C  C   . GLU A 1 36  ? -13.327 8.325   2.358   1.00 52.67 ? 331 GLU A C   1 
ATOM   261  O  O   . GLU A 1 36  ? -13.299 7.721   3.432   1.00 52.90 ? 331 GLU A O   1 
ATOM   262  C  CB  . GLU A 1 36  ? -15.317 9.751   1.806   1.00 53.02 ? 331 GLU A CB  1 
ATOM   263  C  CG  . GLU A 1 36  ? -16.278 8.881   2.651   1.00 53.32 ? 331 GLU A CG  1 
ATOM   264  C  CD  . GLU A 1 36  ? -17.671 8.733   2.031   1.00 53.82 ? 331 GLU A CD  1 
ATOM   265  O  OE1 . GLU A 1 36  ? -18.249 9.728   1.530   1.00 55.15 ? 331 GLU A OE1 1 
ATOM   266  O  OE2 . GLU A 1 36  ? -18.208 7.611   2.059   1.00 55.91 ? 331 GLU A OE2 1 
ATOM   267  N  N   . GLN A 1 37  ? -12.896 7.791   1.216   1.00 52.25 ? 332 GLN A N   1 
ATOM   268  C  CA  . GLN A 1 37  ? -12.268 6.472   1.176   1.00 51.64 ? 332 GLN A CA  1 
ATOM   269  C  C   . GLN A 1 37  ? -11.025 6.429   2.019   1.00 50.57 ? 332 GLN A C   1 
ATOM   270  O  O   . GLN A 1 37  ? -10.803 5.472   2.761   1.00 50.62 ? 332 GLN A O   1 
ATOM   271  C  CB  . GLN A 1 37  ? -11.898 6.080   -0.240  1.00 51.90 ? 332 GLN A CB  1 
ATOM   272  C  CG  . GLN A 1 37  ? -12.753 4.980   -0.784  1.00 54.12 ? 332 GLN A CG  1 
ATOM   273  C  CD  . GLN A 1 37  ? -12.762 4.965   -2.297  1.00 56.90 ? 332 GLN A CD  1 
ATOM   274  O  OE1 . GLN A 1 37  ? -11.834 5.476   -2.952  1.00 57.63 ? 332 GLN A OE1 1 
ATOM   275  N  NE2 . GLN A 1 37  ? -13.817 4.390   -2.864  1.00 56.25 ? 332 GLN A NE2 1 
ATOM   276  N  N   . LEU A 1 38  ? -10.205 7.460   1.899   1.00 49.38 ? 333 LEU A N   1 
ATOM   277  C  CA  . LEU A 1 38  ? -9.018  7.546   2.719   1.00 48.50 ? 333 LEU A CA  1 
ATOM   278  C  C   . LEU A 1 38  ? -9.366  7.709   4.213   1.00 48.38 ? 333 LEU A C   1 
ATOM   279  O  O   . LEU A 1 38  ? -8.719  7.099   5.062   1.00 48.61 ? 333 LEU A O   1 
ATOM   280  C  CB  . LEU A 1 38  ? -8.146  8.673   2.232   1.00 48.18 ? 333 LEU A CB  1 
ATOM   281  C  CG  . LEU A 1 38  ? -6.658  8.411   2.159   1.00 48.66 ? 333 LEU A CG  1 
ATOM   282  C  CD1 . LEU A 1 38  ? -6.377  7.071   1.512   1.00 47.10 ? 333 LEU A CD1 1 
ATOM   283  C  CD2 . LEU A 1 38  ? -6.060  9.535   1.331   1.00 49.01 ? 333 LEU A CD2 1 
ATOM   284  N  N   . GLU A 1 39  ? -10.402 8.488   4.538   1.00 47.50 ? 334 GLU A N   1 
ATOM   285  C  CA  . GLU A 1 39  ? -10.859 8.586   5.932   1.00 47.25 ? 334 GLU A CA  1 
ATOM   286  C  C   . GLU A 1 39  ? -11.242 7.214   6.498   1.00 46.47 ? 334 GLU A C   1 
ATOM   287  O  O   . GLU A 1 39  ? -10.987 6.928   7.664   1.00 46.60 ? 334 GLU A O   1 
ATOM   288  C  CB  . GLU A 1 39  ? -12.034 9.565   6.074   1.00 47.09 ? 334 GLU A CB  1 
ATOM   289  C  CG  . GLU A 1 39  ? -11.693 11.016  5.714   1.00 48.33 ? 334 GLU A CG  1 
ATOM   290  C  CD  . GLU A 1 39  ? -12.900 11.959  5.683   1.00 48.86 ? 334 GLU A CD  1 
ATOM   291  O  OE1 . GLU A 1 39  ? -14.056 11.492  5.478   1.00 50.69 ? 334 GLU A OE1 1 
ATOM   292  O  OE2 . GLU A 1 39  ? -12.676 13.186  5.854   1.00 50.96 ? 334 GLU A OE2 1 
ATOM   293  N  N   . GLN A 1 40  ? -11.839 6.365   5.665   1.00 45.56 ? 335 GLN A N   1 
ATOM   294  C  CA  . GLN A 1 40  ? -12.330 5.068   6.109   1.00 44.71 ? 335 GLN A CA  1 
ATOM   295  C  C   . GLN A 1 40  ? -11.220 4.022   6.309   1.00 44.47 ? 335 GLN A C   1 
ATOM   296  O  O   . GLN A 1 40  ? -11.398 3.069   7.056   1.00 44.35 ? 335 GLN A O   1 
ATOM   297  C  CB  . GLN A 1 40  ? -13.406 4.558   5.150   1.00 44.64 ? 335 GLN A CB  1 
ATOM   298  C  CG  . GLN A 1 40  ? -14.739 5.288   5.302   1.00 43.45 ? 335 GLN A CG  1 
ATOM   299  C  CD  . GLN A 1 40  ? -15.704 5.026   4.164   1.00 42.95 ? 335 GLN A CD  1 
ATOM   300  O  OE1 . GLN A 1 40  ? -15.541 4.105   3.374   1.00 43.78 ? 335 GLN A OE1 1 
ATOM   301  N  NE2 . GLN A 1 40  ? -16.717 5.843   4.078   1.00 44.35 ? 335 GLN A NE2 1 
ATOM   302  N  N   . GLU A 1 41  ? -10.075 4.230   5.668   1.00 44.03 ? 336 GLU A N   1 
ATOM   303  C  CA  . GLU A 1 41  ? -8.978  3.269   5.625   1.00 43.77 ? 336 GLU A CA  1 
ATOM   304  C  C   . GLU A 1 41  ? -7.753  3.790   6.328   1.00 43.20 ? 336 GLU A C   1 
ATOM   305  O  O   . GLU A 1 41  ? -6.693  3.139   6.307   1.00 42.83 ? 336 GLU A O   1 
ATOM   306  C  CB  . GLU A 1 41  ? -8.472  3.200   4.213   1.00 44.25 ? 336 GLU A CB  1 
ATOM   307  C  CG  . GLU A 1 41  ? -9.088  2.291   3.287   1.00 46.51 ? 336 GLU A CG  1 
ATOM   308  C  CD  . GLU A 1 41  ? -8.292  2.324   2.008   1.00 49.35 ? 336 GLU A CD  1 
ATOM   309  O  OE1 . GLU A 1 41  ? -8.056  3.438   1.461   1.00 48.34 ? 336 GLU A OE1 1 
ATOM   310  O  OE2 . GLU A 1 41  ? -7.878  1.228   1.574   1.00 50.36 ? 336 GLU A OE2 1 
ATOM   311  N  N   . ILE A 1 42  ? -7.840  5.002   6.850   1.00 42.63 ? 337 ILE A N   1 
ATOM   312  C  CA  . ILE A 1 42  ? -6.654  5.661   7.375   1.00 42.48 ? 337 ILE A CA  1 
ATOM   313  C  C   . ILE A 1 42  ? -5.788  4.780   8.288   1.00 42.63 ? 337 ILE A C   1 
ATOM   314  O  O   . ILE A 1 42  ? -4.552  4.819   8.195   1.00 43.41 ? 337 ILE A O   1 
ATOM   315  C  CB  . ILE A 1 42  ? -6.960  7.027   8.011   1.00 42.21 ? 337 ILE A CB  1 
ATOM   316  C  CG1 . ILE A 1 42  ? -5.660  7.811   8.132   1.00 42.54 ? 337 ILE A CG1 1 
ATOM   317  C  CG2 . ILE A 1 42  ? -7.724  6.884   9.321   1.00 41.28 ? 337 ILE A CG2 1 
ATOM   318  C  CD1 . ILE A 1 42  ? -5.033  8.056   6.759   1.00 42.12 ? 337 ILE A CD1 1 
ATOM   319  N  N   . GLY A 1 43  ? -6.439  3.962   9.117   1.00 42.05 ? 338 GLY A N   1 
ATOM   320  C  CA  . GLY A 1 43  ? -5.755  3.028   10.007  1.00 41.26 ? 338 GLY A CA  1 
ATOM   321  C  C   . GLY A 1 43  ? -4.791  2.088   9.316   1.00 40.89 ? 338 GLY A C   1 
ATOM   322  O  O   . GLY A 1 43  ? -3.900  1.558   9.960   1.00 41.37 ? 338 GLY A O   1 
ATOM   323  N  N   . LYS A 1 44  ? -4.965  1.877   8.013   1.00 40.56 ? 339 LYS A N   1 
ATOM   324  C  CA  . LYS A 1 44  ? -4.143  0.934   7.249   1.00 39.73 ? 339 LYS A CA  1 
ATOM   325  C  C   . LYS A 1 44  ? -2.879  1.609   6.740   1.00 39.44 ? 339 LYS A C   1 
ATOM   326  O  O   . LYS A 1 44  ? -1.962  0.920   6.297   1.00 39.74 ? 339 LYS A O   1 
ATOM   327  C  CB  . LYS A 1 44  ? -4.886  0.383   6.020   1.00 39.97 ? 339 LYS A CB  1 
ATOM   328  C  CG  . LYS A 1 44  ? -6.322  -0.092  6.210   1.00 40.82 ? 339 LYS A CG  1 
ATOM   329  C  CD  . LYS A 1 44  ? -6.366  -1.519  6.706   1.00 43.25 ? 339 LYS A CD  1 
ATOM   330  C  CE  . LYS A 1 44  ? -7.766  -2.103  6.588   1.00 43.36 ? 339 LYS A CE  1 
ATOM   331  N  NZ  . LYS A 1 44  ? -8.721  -1.277  7.359   1.00 44.52 ? 339 LYS A NZ  1 
ATOM   332  N  N   . PHE A 1 45  ? -2.838  2.947   6.784   1.00 38.37 ? 340 PHE A N   1 
ATOM   333  C  CA  . PHE A 1 45  ? -1.747  3.712   6.178   1.00 37.22 ? 340 PHE A CA  1 
ATOM   334  C  C   . PHE A 1 45  ? -0.617  4.076   7.125   1.00 37.68 ? 340 PHE A C   1 
ATOM   335  O  O   . PHE A 1 45  ? -0.831  4.460   8.291   1.00 37.61 ? 340 PHE A O   1 
ATOM   336  C  CB  . PHE A 1 45  ? -2.278  5.008   5.543   1.00 36.87 ? 340 PHE A CB  1 
ATOM   337  C  CG  . PHE A 1 45  ? -2.736  4.848   4.125   1.00 34.71 ? 340 PHE A CG  1 
ATOM   338  C  CD1 . PHE A 1 45  ? -1.881  5.126   3.074   1.00 34.49 ? 340 PHE A CD1 1 
ATOM   339  C  CD2 . PHE A 1 45  ? -4.011  4.384   3.840   1.00 33.04 ? 340 PHE A CD2 1 
ATOM   340  C  CE1 . PHE A 1 45  ? -2.306  4.954   1.745   1.00 34.81 ? 340 PHE A CE1 1 
ATOM   341  C  CE2 . PHE A 1 45  ? -4.438  4.215   2.532   1.00 33.49 ? 340 PHE A CE2 1 
ATOM   342  C  CZ  . PHE A 1 45  ? -3.581  4.508   1.483   1.00 33.33 ? 340 PHE A CZ  1 
ATOM   343  N  N   . THR A 1 46  ? 0.590   3.981   6.589   1.00 37.54 ? 341 THR A N   1 
ATOM   344  C  CA  . THR A 1 46  ? 1.800   4.501   7.210   1.00 37.53 ? 341 THR A CA  1 
ATOM   345  C  C   . THR A 1 46  ? 2.296   5.637   6.316   1.00 37.79 ? 341 THR A C   1 
ATOM   346  O  O   . THR A 1 46  ? 2.185   5.525   5.074   1.00 37.87 ? 341 THR A O   1 
ATOM   347  C  CB  . THR A 1 46  ? 2.865   3.420   7.156   1.00 37.71 ? 341 THR A CB  1 
ATOM   348  O  OG1 . THR A 1 46  ? 2.372   2.249   7.811   1.00 38.02 ? 341 THR A OG1 1 
ATOM   349  C  CG2 . THR A 1 46  ? 4.191   3.868   7.778   1.00 37.50 ? 341 THR A CG2 1 
ATOM   350  N  N   . ILE A 1 47  ? 2.852   6.702   6.911   1.00 37.08 ? 342 ILE A N   1 
ATOM   351  C  CA  . ILE A 1 47  ? 3.551   7.737   6.118   1.00 36.59 ? 342 ILE A CA  1 
ATOM   352  C  C   . ILE A 1 47  ? 4.989   8.039   6.572   1.00 36.20 ? 342 ILE A C   1 
ATOM   353  O  O   . ILE A 1 47  ? 5.400   7.629   7.658   1.00 35.99 ? 342 ILE A O   1 
ATOM   354  C  CB  . ILE A 1 47  ? 2.814   9.090   6.131   1.00 36.97 ? 342 ILE A CB  1 
ATOM   355  C  CG1 . ILE A 1 47  ? 3.129   9.851   7.441   1.00 37.13 ? 342 ILE A CG1 1 
ATOM   356  C  CG2 . ILE A 1 47  ? 1.303   8.926   5.784   1.00 36.44 ? 342 ILE A CG2 1 
ATOM   357  C  CD1 . ILE A 1 47  ? 2.172   9.619   8.500   1.00 40.52 ? 342 ILE A CD1 1 
ATOM   358  N  N   . ILE A 1 48  ? 5.721   8.773   5.724   1.00 35.54 ? 343 ILE A N   1 
ATOM   359  C  CA  . ILE A 1 48  ? 6.979   9.427   6.076   1.00 34.78 ? 343 ILE A CA  1 
ATOM   360  C  C   . ILE A 1 48  ? 6.781   10.955  6.022   1.00 35.28 ? 343 ILE A C   1 
ATOM   361  O  O   . ILE A 1 48  ? 6.306   11.474  4.996   1.00 35.92 ? 343 ILE A O   1 
ATOM   362  C  CB  . ILE A 1 48  ? 8.156   9.033   5.119   1.00 35.03 ? 343 ILE A CB  1 
ATOM   363  C  CG1 . ILE A 1 48  ? 8.233   7.513   4.875   1.00 34.54 ? 343 ILE A CG1 1 
ATOM   364  C  CG2 . ILE A 1 48  ? 9.506   9.535   5.664   1.00 34.01 ? 343 ILE A CG2 1 
ATOM   365  C  CD1 . ILE A 1 48  ? 9.082   7.146   3.655   1.00 33.81 ? 343 ILE A CD1 1 
ATOM   366  N  N   . GLU A 1 49  ? 7.151   11.649  7.112   1.00 34.64 ? 344 GLU A N   1 
ATOM   367  C  CA  . GLU A 1 49  ? 7.027   13.095  7.286   0.50 34.71 ? 344 GLU A CA  1 
ATOM   368  C  C   . GLU A 1 49  ? 8.450   13.654  7.383   1.00 35.38 ? 344 GLU A C   1 
ATOM   369  O  O   . GLU A 1 49  ? 9.272   13.127  8.136   1.00 36.21 ? 344 GLU A O   1 
ATOM   370  C  CB  . GLU A 1 49  ? 6.219   13.398  8.567   0.50 34.11 ? 344 GLU A CB  1 
ATOM   371  C  CG  . GLU A 1 49  ? 6.150   14.863  9.033   0.50 33.55 ? 344 GLU A CG  1 
ATOM   372  C  CD  . GLU A 1 49  ? 7.198   15.232  10.098  0.50 33.07 ? 344 GLU A CD  1 
ATOM   373  O  OE1 . GLU A 1 49  ? 7.303   14.532  11.120  0.50 34.73 ? 344 GLU A OE1 1 
ATOM   374  O  OE2 . GLU A 1 49  ? 7.922   16.232  9.935   0.50 31.55 ? 344 GLU A OE2 1 
ATOM   375  N  N   . LYS A 1 50  ? 8.769   14.678  6.593   1.00 35.53 ? 345 LYS A N   1 
ATOM   376  C  CA  . LYS A 1 50  ? 10.058  15.358  6.695   1.00 35.88 ? 345 LYS A CA  1 
ATOM   377  C  C   . LYS A 1 50  ? 9.741   16.835  6.765   1.00 36.06 ? 345 LYS A C   1 
ATOM   378  O  O   . LYS A 1 50  ? 9.059   17.356  5.896   1.00 36.16 ? 345 LYS A O   1 
ATOM   379  C  CB  . LYS A 1 50  ? 10.970  15.042  5.505   1.00 36.20 ? 345 LYS A CB  1 
ATOM   380  C  CG  . LYS A 1 50  ? 12.244  15.906  5.391   1.00 36.78 ? 345 LYS A CG  1 
ATOM   381  C  CD  . LYS A 1 50  ? 13.432  15.214  6.010   1.00 43.05 ? 345 LYS A CD  1 
ATOM   382  C  CE  . LYS A 1 50  ? 14.694  16.088  6.002   1.00 45.98 ? 345 LYS A CE  1 
ATOM   383  N  NZ  . LYS A 1 50  ? 15.217  16.285  4.615   1.00 48.05 ? 345 LYS A NZ  1 
ATOM   384  N  N   . ASP A 1 51  ? 10.183  17.486  7.835   1.00 36.18 ? 346 ASP A N   1 
ATOM   385  C  CA  . ASP A 1 51  ? 9.915   18.907  8.065   1.00 37.02 ? 346 ASP A CA  1 
ATOM   386  C  C   . ASP A 1 51  ? 8.445   19.305  7.924   1.00 36.71 ? 346 ASP A C   1 
ATOM   387  O  O   . ASP A 1 51  ? 8.135   20.423  7.499   1.00 36.60 ? 346 ASP A O   1 
ATOM   388  C  CB  . ASP A 1 51  ? 10.792  19.779  7.165   1.00 37.39 ? 346 ASP A CB  1 
ATOM   389  C  CG  . ASP A 1 51  ? 12.240  19.802  7.604   1.00 39.09 ? 346 ASP A CG  1 
ATOM   390  O  OD1 . ASP A 1 51  ? 12.578  19.171  8.635   1.00 39.31 ? 346 ASP A OD1 1 
ATOM   391  O  OD2 . ASP A 1 51  ? 13.041  20.483  6.918   1.00 43.21 ? 346 ASP A OD2 1 
ATOM   392  N  N   . GLY A 1 52  ? 7.558   18.376  8.275   1.00 36.37 ? 347 GLY A N   1 
ATOM   393  C  CA  . GLY A 1 52  ? 6.124   18.615  8.234   1.00 36.31 ? 347 GLY A CA  1 
ATOM   394  C  C   . GLY A 1 52  ? 5.499   18.305  6.886   1.00 36.69 ? 347 GLY A C   1 
ATOM   395  O  O   . GLY A 1 52  ? 4.319   18.590  6.693   1.00 37.09 ? 347 GLY A O   1 
ATOM   396  N  N   . LEU A 1 53  ? 6.277   17.742  5.952   1.00 36.22 ? 348 LEU A N   1 
ATOM   397  C  CA  . LEU A 1 53  ? 5.774   17.407  4.626   1.00 35.59 ? 348 LEU A CA  1 
ATOM   398  C  C   . LEU A 1 53  ? 5.658   15.913  4.518   1.00 36.39 ? 348 LEU A C   1 
ATOM   399  O  O   . LEU A 1 53  ? 6.608   15.183  4.861   1.00 36.47 ? 348 LEU A O   1 
ATOM   400  C  CB  . LEU A 1 53  ? 6.725   17.863  3.537   1.00 35.21 ? 348 LEU A CB  1 
ATOM   401  C  CG  . LEU A 1 53  ? 6.264   17.535  2.105   1.00 34.90 ? 348 LEU A CG  1 
ATOM   402  C  CD1 . LEU A 1 53  ? 5.084   18.422  1.683   1.00 34.63 ? 348 LEU A CD1 1 
ATOM   403  C  CD2 . LEU A 1 53  ? 7.411   17.693  1.130   1.00 33.42 ? 348 LEU A CD2 1 
ATOM   404  N  N   . ILE A 1 54  ? 4.516   15.449  4.020   1.00 36.07 ? 349 ILE A N   1 
ATOM   405  C  CA  . ILE A 1 54  ? 4.348   14.032  3.811   1.00 35.97 ? 349 ILE A CA  1 
ATOM   406  C  C   . ILE A 1 54  ? 5.047   13.657  2.535   1.00 36.26 ? 349 ILE A C   1 
ATOM   407  O  O   . ILE A 1 54  ? 4.631   14.084  1.443   1.00 36.85 ? 349 ILE A O   1 
ATOM   408  C  CB  . ILE A 1 54  ? 2.878   13.647  3.813   1.00 36.52 ? 349 ILE A CB  1 
ATOM   409  C  CG1 . ILE A 1 54  ? 2.402   13.670  5.277   1.00 37.20 ? 349 ILE A CG1 1 
ATOM   410  C  CG2 . ILE A 1 54  ? 2.669   12.256  3.201   1.00 34.61 ? 349 ILE A CG2 1 
ATOM   411  C  CD1 . ILE A 1 54  ? 0.940   13.861  5.429   1.00 38.86 ? 349 ILE A CD1 1 
ATOM   412  N  N   . ILE A 1 55  ? 6.115   12.863  2.667   1.00 35.91 ? 350 ILE A N   1 
ATOM   413  C  CA  . ILE A 1 55  ? 6.980   12.544  1.523   1.00 35.47 ? 350 ILE A CA  1 
ATOM   414  C  C   . ILE A 1 55  ? 6.936   11.069  1.141   1.00 35.59 ? 350 ILE A C   1 
ATOM   415  O  O   . ILE A 1 55  ? 7.661   10.634  0.238   1.00 35.28 ? 350 ILE A O   1 
ATOM   416  C  CB  . ILE A 1 55  ? 8.435   12.975  1.760   1.00 35.13 ? 350 ILE A CB  1 
ATOM   417  C  CG1 . ILE A 1 55  ? 8.980   12.349  3.044   1.00 34.56 ? 350 ILE A CG1 1 
ATOM   418  C  CG2 . ILE A 1 55  ? 8.510   14.468  1.870   1.00 34.78 ? 350 ILE A CG2 1 
ATOM   419  C  CD1 . ILE A 1 55  ? 10.478  12.238  3.081   1.00 32.62 ? 350 ILE A CD1 1 
ATOM   420  N  N   . GLY A 1 56  ? 6.087   10.309  1.832   1.00 35.43 ? 351 GLY A N   1 
ATOM   421  C  CA  . GLY A 1 56  ? 5.887   8.899   1.511   1.00 35.74 ? 351 GLY A CA  1 
ATOM   422  C  C   . GLY A 1 56  ? 4.666   8.357   2.222   1.00 36.24 ? 351 GLY A C   1 
ATOM   423  O  O   . GLY A 1 56  ? 4.308   8.858   3.282   1.00 36.09 ? 351 GLY A O   1 
ATOM   424  N  N   . CYS A 1 57  ? 4.022   7.348   1.633   1.00 36.85 ? 352 CYS A N   1 
ATOM   425  C  CA  . CYS A 1 57  ? 2.951   6.599   2.289   1.00 37.64 ? 352 CYS A CA  1 
ATOM   426  C  C   . CYS A 1 57  ? 2.939   5.171   1.764   1.00 38.64 ? 352 CYS A C   1 
ATOM   427  O  O   . CYS A 1 57  ? 3.559   4.871   0.741   1.00 40.09 ? 352 CYS A O   1 
ATOM   428  C  CB  . CYS A 1 57  ? 1.589   7.245   2.045   1.00 37.39 ? 352 CYS A CB  1 
ATOM   429  S  SG  . CYS A 1 57  ? 1.124   7.277   0.287   1.00 38.67 ? 352 CYS A SG  1 
ATOM   430  N  N   . ALA A 1 58  ? 2.215   4.293   2.450   1.00 38.78 ? 353 ALA A N   1 
ATOM   431  C  CA  . ALA A 1 58  ? 2.053   2.899   2.050   1.00 38.11 ? 353 ALA A CA  1 
ATOM   432  C  C   . ALA A 1 58  ? 0.920   2.378   2.900   1.00 37.90 ? 353 ALA A C   1 
ATOM   433  O  O   . ALA A 1 58  ? 0.742   2.815   4.041   1.00 37.43 ? 353 ALA A O   1 
ATOM   434  C  CB  . ALA A 1 58  ? 3.325   2.096   2.327   1.00 37.99 ? 353 ALA A CB  1 
ATOM   435  N  N   . ALA A 1 59  ? 0.158   1.453   2.332   1.00 37.91 ? 354 ALA A N   1 
ATOM   436  C  CA  . ALA A 1 59  ? -0.993  0.863   2.999   1.00 38.12 ? 354 ALA A CA  1 
ATOM   437  C  C   . ALA A 1 59  ? -0.737  -0.630  3.207   1.00 38.05 ? 354 ALA A C   1 
ATOM   438  O  O   . ALA A 1 59  ? -0.053  -1.265  2.387   1.00 38.07 ? 354 ALA A O   1 
ATOM   439  C  CB  . ALA A 1 59  ? -2.273  1.085   2.136   1.00 38.23 ? 354 ALA A CB  1 
ATOM   440  N  N   . LEU A 1 60  ? -1.283  -1.193  4.285   1.00 37.68 ? 355 LEU A N   1 
ATOM   441  C  CA  . LEU A 1 60  ? -1.162  -2.632  4.545   1.00 37.57 ? 355 LEU A CA  1 
ATOM   442  C  C   . LEU A 1 60  ? -2.535  -3.210  4.788   1.00 37.42 ? 355 LEU A C   1 
ATOM   443  O  O   . LEU A 1 60  ? -3.253  -2.745  5.679   1.00 37.82 ? 355 LEU A O   1 
ATOM   444  C  CB  . LEU A 1 60  ? -0.272  -2.880  5.761   1.00 37.96 ? 355 LEU A CB  1 
ATOM   445  C  CG  . LEU A 1 60  ? 0.262   -4.281  6.045   1.00 38.68 ? 355 LEU A CG  1 
ATOM   446  C  CD1 . LEU A 1 60  ? 1.281   -4.688  4.969   1.00 38.99 ? 355 LEU A CD1 1 
ATOM   447  C  CD2 . LEU A 1 60  ? 0.872   -4.333  7.436   1.00 37.67 ? 355 LEU A CD2 1 
ATOM   448  N  N   . TYR A 1 61  ? -2.913  -4.198  3.983   1.00 37.33 ? 356 TYR A N   1 
ATOM   449  C  CA  . TYR A 1 61  ? -4.224  -4.833  4.099   1.00 37.70 ? 356 TYR A CA  1 
ATOM   450  C  C   . TYR A 1 61  ? -4.084  -6.256  4.593   1.00 38.18 ? 356 TYR A C   1 
ATOM   451  O  O   . TYR A 1 61  ? -3.716  -7.148  3.824   1.00 38.20 ? 356 TYR A O   1 
ATOM   452  C  CB  . TYR A 1 61  ? -4.955  -4.830  2.770   1.00 37.54 ? 356 TYR A CB  1 
ATOM   453  C  CG  . TYR A 1 61  ? -5.233  -3.451  2.281   1.00 37.97 ? 356 TYR A CG  1 
ATOM   454  C  CD1 . TYR A 1 61  ? -6.257  -2.681  2.838   1.00 38.80 ? 356 TYR A CD1 1 
ATOM   455  C  CD2 . TYR A 1 61  ? -4.481  -2.903  1.262   1.00 38.14 ? 356 TYR A CD2 1 
ATOM   456  C  CE1 . TYR A 1 61  ? -6.524  -1.391  2.374   1.00 37.81 ? 356 TYR A CE1 1 
ATOM   457  C  CE2 . TYR A 1 61  ? -4.745  -1.632  0.788   1.00 39.40 ? 356 TYR A CE2 1 
ATOM   458  C  CZ  . TYR A 1 61  ? -5.761  -0.877  1.352   1.00 38.56 ? 356 TYR A CZ  1 
ATOM   459  O  OH  . TYR A 1 61  ? -6.006  0.386   0.856   1.00 39.25 ? 356 TYR A OH  1 
ATOM   460  N  N   . PRO A 1 62  ? -4.351  -6.462  5.890   1.00 38.62 ? 357 PRO A N   1 
ATOM   461  C  CA  . PRO A 1 62  ? -4.123  -7.775  6.472   1.00 39.22 ? 357 PRO A CA  1 
ATOM   462  C  C   . PRO A 1 62  ? -5.162  -8.806  6.027   1.00 39.99 ? 357 PRO A C   1 
ATOM   463  O  O   . PRO A 1 62  ? -6.340  -8.475  5.865   1.00 40.30 ? 357 PRO A O   1 
ATOM   464  C  CB  . PRO A 1 62  ? -4.193  -7.512  7.988   1.00 38.78 ? 357 PRO A CB  1 
ATOM   465  C  CG  . PRO A 1 62  ? -4.981  -6.240  8.139   1.00 38.63 ? 357 PRO A CG  1 
ATOM   466  C  CD  . PRO A 1 62  ? -4.838  -5.466  6.870   1.00 38.17 ? 357 PRO A CD  1 
ATOM   467  N  N   . TYR A 1 63  ? -4.706  -10.037 5.795   1.00 40.42 ? 358 TYR A N   1 
ATOM   468  C  CA  . TYR A 1 63  ? -5.588  -11.178 5.638   1.00 40.92 ? 358 TYR A CA  1 
ATOM   469  C  C   . TYR A 1 63  ? -5.265  -12.117 6.771   1.00 41.74 ? 358 TYR A C   1 
ATOM   470  O  O   . TYR A 1 63  ? -4.376  -12.975 6.672   1.00 42.36 ? 358 TYR A O   1 
ATOM   471  C  CB  . TYR A 1 63  ? -5.404  -11.833 4.275   1.00 40.50 ? 358 TYR A CB  1 
ATOM   472  C  CG  . TYR A 1 63  ? -5.916  -10.927 3.200   1.00 40.75 ? 358 TYR A CG  1 
ATOM   473  C  CD1 . TYR A 1 63  ? -7.244  -11.025 2.766   1.00 40.50 ? 358 TYR A CD1 1 
ATOM   474  C  CD2 . TYR A 1 63  ? -5.103  -9.917  2.659   1.00 40.08 ? 358 TYR A CD2 1 
ATOM   475  C  CE1 . TYR A 1 63  ? -7.741  -10.166 1.799   1.00 40.38 ? 358 TYR A CE1 1 
ATOM   476  C  CE2 . TYR A 1 63  ? -5.603  -9.031  1.693   1.00 39.30 ? 358 TYR A CE2 1 
ATOM   477  C  CZ  . TYR A 1 63  ? -6.918  -9.176  1.273   1.00 40.06 ? 358 TYR A CZ  1 
ATOM   478  O  OH  . TYR A 1 63  ? -7.433  -8.353  0.318   1.00 40.31 ? 358 TYR A OH  1 
ATOM   479  N  N   . SER A 1 64  ? -5.994  -11.940 7.860   1.00 42.33 ? 359 SER A N   1 
ATOM   480  C  CA  . SER A 1 64  ? -5.568  -12.453 9.143   1.00 43.32 ? 359 SER A CA  1 
ATOM   481  C  C   . SER A 1 64  ? -5.445  -13.964 9.200   1.00 43.66 ? 359 SER A C   1 
ATOM   482  O  O   . SER A 1 64  ? -4.385  -14.475 9.577   1.00 44.40 ? 359 SER A O   1 
ATOM   483  C  CB  . SER A 1 64  ? -6.510  -11.969 10.217  1.00 43.33 ? 359 SER A CB  1 
ATOM   484  O  OG  . SER A 1 64  ? -5.891  -12.166 11.454  1.00 46.21 ? 359 SER A OG  1 
ATOM   485  N  N   . GLU A 1 65  ? -6.523  -14.658 8.813   1.00 43.63 ? 360 GLU A N   1 
ATOM   486  C  CA  . GLU A 1 65  ? -6.630  -16.123 8.836   1.00 43.92 ? 360 GLU A CA  1 
ATOM   487  C  C   . GLU A 1 65  ? -5.712  -16.810 7.813   1.00 43.36 ? 360 GLU A C   1 
ATOM   488  O  O   . GLU A 1 65  ? -5.389  -17.995 7.972   1.00 42.92 ? 360 GLU A O   1 
ATOM   489  C  CB  . GLU A 1 65  ? -8.068  -16.565 8.533   1.00 44.49 ? 360 GLU A CB  1 
ATOM   490  C  CG  . GLU A 1 65  ? -9.177  -15.972 9.398   1.00 48.80 ? 360 GLU A CG  1 
ATOM   491  C  CD  . GLU A 1 65  ? -9.572  -14.532 8.979   1.00 53.71 ? 360 GLU A CD  1 
ATOM   492  O  OE1 . GLU A 1 65  ? -8.965  -13.965 8.036   1.00 54.71 ? 360 GLU A OE1 1 
ATOM   493  O  OE2 . GLU A 1 65  ? -10.495 -13.958 9.615   1.00 56.43 ? 360 GLU A OE2 1 
ATOM   494  N  N   . GLU A 1 66  ? -5.335  -16.084 6.753   1.00 42.52 ? 361 GLU A N   1 
ATOM   495  C  CA  . GLU A 1 66  ? -4.400  -16.591 5.738   1.00 41.86 ? 361 GLU A CA  1 
ATOM   496  C  C   . GLU A 1 66  ? -2.983  -16.148 6.121   1.00 41.73 ? 361 GLU A C   1 
ATOM   497  O  O   . GLU A 1 66  ? -2.004  -16.569 5.510   1.00 42.12 ? 361 GLU A O   1 
ATOM   498  C  CB  . GLU A 1 66  ? -4.762  -16.094 4.322   1.00 41.53 ? 361 GLU A CB  1 
ATOM   499  C  CG  . GLU A 1 66  ? -6.134  -16.512 3.769   1.00 42.00 ? 361 GLU A CG  1 
ATOM   500  C  CD  . GLU A 1 66  ? -7.313  -15.645 4.288   1.00 45.59 ? 361 GLU A CD  1 
ATOM   501  O  OE1 . GLU A 1 66  ? -7.105  -14.663 5.053   1.00 45.60 ? 361 GLU A OE1 1 
ATOM   502  O  OE2 . GLU A 1 66  ? -8.471  -15.953 3.925   1.00 47.68 ? 361 GLU A OE2 1 
ATOM   503  N  N   . ARG A 1 67  ? -2.887  -15.303 7.151   1.00 41.45 ? 362 ARG A N   1 
ATOM   504  C  CA  . ARG A 1 67  ? -1.607  -14.815 7.658   1.00 41.10 ? 362 ARG A CA  1 
ATOM   505  C  C   . ARG A 1 67  ? -0.798  -14.117 6.550   1.00 40.47 ? 362 ARG A C   1 
ATOM   506  O  O   . ARG A 1 67  ? 0.419   -14.249 6.470   1.00 40.67 ? 362 ARG A O   1 
ATOM   507  C  CB  . ARG A 1 67  ? -0.814  -15.961 8.307   1.00 41.20 ? 362 ARG A CB  1 
ATOM   508  C  CG  . ARG A 1 67  ? -1.542  -16.695 9.459   1.00 42.03 ? 362 ARG A CG  1 
ATOM   509  C  CD  . ARG A 1 67  ? -0.607  -17.651 10.212  1.00 41.89 ? 362 ARG A CD  1 
ATOM   510  N  NE  . ARG A 1 67  ? 0.611   -16.970 10.669  1.00 44.42 ? 362 ARG A NE  1 
ATOM   511  C  CZ  . ARG A 1 67  ? 1.631   -17.563 11.292  1.00 45.01 ? 362 ARG A CZ  1 
ATOM   512  N  NH1 . ARG A 1 67  ? 1.605   -18.863 11.546  1.00 44.29 ? 362 ARG A NH1 1 
ATOM   513  N  NH2 . ARG A 1 67  ? 2.689   -16.849 11.653  1.00 45.80 ? 362 ARG A NH2 1 
ATOM   514  N  N   . LYS A 1 68  ? -1.491  -13.381 5.691   1.00 40.03 ? 363 LYS A N   1 
ATOM   515  C  CA  . LYS A 1 68  ? -0.854  -12.637 4.611   1.00 39.69 ? 363 LYS A CA  1 
ATOM   516  C  C   . LYS A 1 68  ? -1.333  -11.217 4.721   1.00 39.30 ? 363 LYS A C   1 
ATOM   517  O  O   . LYS A 1 68  ? -2.362  -10.967 5.337   1.00 39.02 ? 363 LYS A O   1 
ATOM   518  C  CB  . LYS A 1 68  ? -1.230  -13.209 3.227   1.00 39.64 ? 363 LYS A CB  1 
ATOM   519  C  CG  . LYS A 1 68  ? -0.814  -14.685 3.008   1.00 40.07 ? 363 LYS A CG  1 
ATOM   520  C  CD  . LYS A 1 68  ? -1.396  -15.274 1.728   1.00 39.83 ? 363 LYS A CD  1 
ATOM   521  C  CE  . LYS A 1 68  ? -0.986  -16.744 1.565   1.00 39.96 ? 363 LYS A CE  1 
ATOM   522  N  NZ  . LYS A 1 68  ? -1.861  -17.468 0.568   1.00 38.88 ? 363 LYS A NZ  1 
ATOM   523  N  N   . ALA A 1 69  ? -0.585  -10.288 4.132   1.00 39.41 ? 364 ALA A N   1 
ATOM   524  C  CA  . ALA A 1 69  ? -1.034  -8.911  4.003   1.00 39.44 ? 364 ALA A CA  1 
ATOM   525  C  C   . ALA A 1 69  ? -0.510  -8.301  2.731   1.00 39.39 ? 364 ALA A C   1 
ATOM   526  O  O   . ALA A 1 69  ? 0.641   -8.514  2.341   1.00 38.99 ? 364 ALA A O   1 
ATOM   527  C  CB  . ALA A 1 69  ? -0.619  -8.082  5.196   1.00 39.61 ? 364 ALA A CB  1 
ATOM   528  N  N   . GLU A 1 70  ? -1.375  -7.544  2.078   1.00 39.42 ? 365 GLU A N   1 
ATOM   529  C  CA  . GLU A 1 70  ? -0.968  -6.848  0.883   1.00 39.28 ? 365 GLU A CA  1 
ATOM   530  C  C   . GLU A 1 70  ? -0.474  -5.466  1.230   1.00 38.65 ? 365 GLU A C   1 
ATOM   531  O  O   . GLU A 1 70  ? -1.157  -4.709  1.922   1.00 38.69 ? 365 GLU A O   1 
ATOM   532  C  CB  . GLU A 1 70  ? -2.128  -6.704  -0.087  1.00 39.03 ? 365 GLU A CB  1 
ATOM   533  C  CG  . GLU A 1 70  ? -1.723  -5.960  -1.351  1.00 40.96 ? 365 GLU A CG  1 
ATOM   534  C  CD  . GLU A 1 70  ? -2.860  -5.815  -2.350  1.00 43.99 ? 365 GLU A CD  1 
ATOM   535  O  OE1 . GLU A 1 70  ? -3.965  -6.347  -2.033  1.00 42.26 ? 365 GLU A OE1 1 
ATOM   536  O  OE2 . GLU A 1 70  ? -2.639  -5.179  -3.433  1.00 43.93 ? 365 GLU A OE2 1 
HETATM 537  N  N   . MSE A 1 71  ? 0.715   -5.150  0.750   1.00 38.42 ? 366 MSE A N   1 
HETATM 538  C  CA  A MSE A 1 71  ? 1.189   -3.778  0.796   0.50 38.16 ? 366 MSE A CA  1 
HETATM 539  C  CA  B MSE A 1 71  ? 1.232   -3.795  0.792   0.50 38.15 ? 366 MSE A CA  1 
HETATM 540  C  C   . MSE A 1 71  ? 0.824   -3.133  -0.510  1.00 38.10 ? 366 MSE A C   1 
HETATM 541  O  O   . MSE A 1 71  ? 1.230   -3.582  -1.580  1.00 38.13 ? 366 MSE A O   1 
HETATM 542  C  CB  A MSE A 1 71  ? 2.699   -3.675  1.017   0.50 38.17 ? 366 MSE A CB  1 
HETATM 543  C  CB  B MSE A 1 71  ? 2.759   -3.822  0.926   0.50 38.12 ? 366 MSE A CB  1 
HETATM 544  C  CG  A MSE A 1 71  ? 3.132   -2.236  1.327   0.50 38.22 ? 366 MSE A CG  1 
HETATM 545  C  CG  B MSE A 1 71  ? 3.430   -2.457  0.934   0.50 37.99 ? 366 MSE A CG  1 
HETATM 546  SE SE  A MSE A 1 71  ? 5.006   -1.962  1.751   0.10 37.63 ? 366 MSE A SE  1 
HETATM 547  SE SE  B MSE A 1 71  ? 5.336   -2.634  1.254   0.50 37.70 ? 366 MSE A SE  1 
HETATM 548  C  CE  A MSE A 1 71  ? 5.461   -3.808  2.124   0.50 37.38 ? 366 MSE A CE  1 
HETATM 549  C  CE  B MSE A 1 71  ? 5.905   -0.787  1.060   0.50 37.69 ? 366 MSE A CE  1 
ATOM   550  N  N   . ALA A 1 72  ? 0.033   -2.076  -0.415  1.00 38.35 ? 367 ALA A N   1 
ATOM   551  C  CA  . ALA A 1 72  ? -0.424  -1.368  -1.594  1.00 38.71 ? 367 ALA A CA  1 
ATOM   552  C  C   . ALA A 1 72  ? -0.222  0.128   -1.426  1.00 39.34 ? 367 ALA A C   1 
ATOM   553  O  O   . ALA A 1 72  ? 0.131   0.600   -0.342  1.00 39.48 ? 367 ALA A O   1 
ATOM   554  C  CB  . ALA A 1 72  ? -1.892  -1.656  -1.837  1.00 38.36 ? 367 ALA A CB  1 
ATOM   555  N  N   . CYS A 1 73  ? -0.461  0.854   -2.525  1.00 40.61 ? 368 CYS A N   1 
ATOM   556  C  CA  . CYS A 1 73  ? -0.591  2.300   -2.540  1.00 40.09 ? 368 CYS A CA  1 
ATOM   557  C  C   . CYS A 1 73  ? 0.670   2.950   -2.000  1.00 39.70 ? 368 CYS A C   1 
ATOM   558  O  O   . CYS A 1 73  ? 0.603   3.866   -1.172  1.00 39.80 ? 368 CYS A O   1 
ATOM   559  C  CB  . CYS A 1 73  ? -1.820  2.701   -1.720  1.00 40.23 ? 368 CYS A CB  1 
ATOM   560  S  SG  . CYS A 1 73  ? -2.330  4.349   -2.041  1.00 43.77 ? 368 CYS A SG  1 
ATOM   561  N  N   . VAL A 1 74  ? 1.811   2.436   -2.457  1.00 39.17 ? 369 VAL A N   1 
ATOM   562  C  CA  . VAL A 1 74  ? 3.149   2.854   -2.026  1.00 38.58 ? 369 VAL A CA  1 
ATOM   563  C  C   . VAL A 1 74  ? 3.618   3.995   -2.887  1.00 38.34 ? 369 VAL A C   1 
ATOM   564  O  O   . VAL A 1 74  ? 3.813   3.831   -4.096  1.00 38.61 ? 369 VAL A O   1 
ATOM   565  C  CB  . VAL A 1 74  ? 4.190   1.708   -2.216  1.00 38.63 ? 369 VAL A CB  1 
ATOM   566  C  CG1 . VAL A 1 74  ? 5.575   2.144   -1.737  1.00 38.50 ? 369 VAL A CG1 1 
ATOM   567  C  CG2 . VAL A 1 74  ? 3.741   0.431   -1.514  1.00 38.05 ? 369 VAL A CG2 1 
ATOM   568  N  N   . ALA A 1 75  ? 3.818   5.156   -2.275  1.00 38.45 ? 370 ALA A N   1 
ATOM   569  C  CA  . ALA A 1 75  ? 4.218   6.355   -3.037  1.00 37.76 ? 370 ALA A CA  1 
ATOM   570  C  C   . ALA A 1 75  ? 5.350   7.095   -2.325  1.00 37.85 ? 370 ALA A C   1 
ATOM   571  O  O   . ALA A 1 75  ? 5.325   7.250   -1.104  1.00 38.31 ? 370 ALA A O   1 
ATOM   572  C  CB  . ALA A 1 75  ? 3.017   7.261   -3.278  1.00 36.61 ? 370 ALA A CB  1 
ATOM   573  N  N   . ILE A 1 76  ? 6.359   7.509   -3.087  1.00 37.99 ? 371 ILE A N   1 
ATOM   574  C  CA  . ILE A 1 76  ? 7.431   8.363   -2.570  1.00 37.91 ? 371 ILE A CA  1 
ATOM   575  C  C   . ILE A 1 76  ? 7.376   9.699   -3.307  1.00 37.82 ? 371 ILE A C   1 
ATOM   576  O  O   . ILE A 1 76  ? 7.269   9.744   -4.537  1.00 38.00 ? 371 ILE A O   1 
ATOM   577  C  CB  . ILE A 1 76  ? 8.842   7.711   -2.739  1.00 37.74 ? 371 ILE A CB  1 
ATOM   578  C  CG1 . ILE A 1 76  ? 8.877   6.295   -2.142  1.00 37.90 ? 371 ILE A CG1 1 
ATOM   579  C  CG2 . ILE A 1 76  ? 9.908   8.567   -2.097  1.00 37.87 ? 371 ILE A CG2 1 
ATOM   580  C  CD1 . ILE A 1 76  ? 8.610   6.234   -0.618  1.00 37.56 ? 371 ILE A CD1 1 
ATOM   581  N  N   . HIS A 1 77  ? 7.451   10.782  -2.548  1.00 37.58 ? 372 HIS A N   1 
ATOM   582  C  CA  . HIS A 1 77  ? 7.430   12.115  -3.109  1.00 37.47 ? 372 HIS A CA  1 
ATOM   583  C  C   . HIS A 1 77  ? 8.460   12.202  -4.222  1.00 37.44 ? 372 HIS A C   1 
ATOM   584  O  O   . HIS A 1 77  ? 9.587   11.747  -4.052  1.00 37.21 ? 372 HIS A O   1 
ATOM   585  C  CB  . HIS A 1 77  ? 7.765   13.126  -2.026  1.00 37.31 ? 372 HIS A CB  1 
ATOM   586  C  CG  . HIS A 1 77  ? 7.508   14.533  -2.432  1.00 37.44 ? 372 HIS A CG  1 
ATOM   587  N  ND1 . HIS A 1 77  ? 8.297   15.197  -3.346  1.00 38.38 ? 372 HIS A ND1 1 
ATOM   588  C  CD2 . HIS A 1 77  ? 6.535   15.402  -2.069  1.00 37.47 ? 372 HIS A CD2 1 
ATOM   589  C  CE1 . HIS A 1 77  ? 7.826   16.420  -3.527  1.00 38.21 ? 372 HIS A CE1 1 
ATOM   590  N  NE2 . HIS A 1 77  ? 6.756   16.568  -2.767  1.00 38.37 ? 372 HIS A NE2 1 
ATOM   591  N  N   . PRO A 1 78  ? 8.086   12.800  -5.363  1.00 37.62 ? 373 PRO A N   1 
ATOM   592  C  CA  . PRO A 1 78  ? 9.026   12.841  -6.496  1.00 37.50 ? 373 PRO A CA  1 
ATOM   593  C  C   . PRO A 1 78  ? 10.406  13.499  -6.192  1.00 37.76 ? 373 PRO A C   1 
ATOM   594  O  O   . PRO A 1 78  ? 11.438  13.073  -6.745  1.00 37.87 ? 373 PRO A O   1 
ATOM   595  C  CB  . PRO A 1 78  ? 8.247   13.606  -7.580  1.00 37.32 ? 373 PRO A CB  1 
ATOM   596  C  CG  . PRO A 1 78  ? 7.132   14.307  -6.870  1.00 37.58 ? 373 PRO A CG  1 
ATOM   597  C  CD  . PRO A 1 78  ? 6.796   13.452  -5.676  1.00 37.47 ? 373 PRO A CD  1 
ATOM   598  N  N   . ASP A 1 79  ? 10.426  14.505  -5.318  1.00 37.31 ? 374 ASP A N   1 
ATOM   599  C  CA  . ASP A 1 79  ? 11.664  15.164  -4.923  1.00 37.12 ? 374 ASP A CA  1 
ATOM   600  C  C   . ASP A 1 79  ? 12.481  14.407  -3.863  1.00 37.16 ? 374 ASP A C   1 
ATOM   601  O  O   . ASP A 1 79  ? 13.537  14.885  -3.434  1.00 36.71 ? 374 ASP A O   1 
ATOM   602  C  CB  . ASP A 1 79  ? 11.351  16.552  -4.382  1.00 37.24 ? 374 ASP A CB  1 
ATOM   603  C  CG  . ASP A 1 79  ? 10.763  17.472  -5.424  1.00 38.21 ? 374 ASP A CG  1 
ATOM   604  O  OD1 . ASP A 1 79  ? 11.049  17.284  -6.634  1.00 39.54 ? 374 ASP A OD1 1 
ATOM   605  O  OD2 . ASP A 1 79  ? 10.027  18.406  -5.025  1.00 38.78 ? 374 ASP A OD2 1 
ATOM   606  N  N   . TYR A 1 80  ? 11.993  13.247  -3.429  1.00 37.35 ? 375 TYR A N   1 
ATOM   607  C  CA  . TYR A 1 80  ? 12.623  12.518  -2.325  1.00 38.09 ? 375 TYR A CA  1 
ATOM   608  C  C   . TYR A 1 80  ? 12.980  11.060  -2.656  1.00 39.44 ? 375 TYR A C   1 
ATOM   609  O  O   . TYR A 1 80  ? 13.135  10.229  -1.747  1.00 39.50 ? 375 TYR A O   1 
ATOM   610  C  CB  . TYR A 1 80  ? 11.744  12.597  -1.071  1.00 37.40 ? 375 TYR A CB  1 
ATOM   611  C  CG  . TYR A 1 80  ? 11.680  13.990  -0.499  1.00 36.51 ? 375 TYR A CG  1 
ATOM   612  C  CD1 . TYR A 1 80  ? 12.500  14.374  0.567   1.00 36.00 ? 375 TYR A CD1 1 
ATOM   613  C  CD2 . TYR A 1 80  ? 10.820  14.944  -1.041  1.00 36.08 ? 375 TYR A CD2 1 
ATOM   614  C  CE1 . TYR A 1 80  ? 12.448  15.674  1.079   1.00 35.54 ? 375 TYR A CE1 1 
ATOM   615  C  CE2 . TYR A 1 80  ? 10.763  16.234  -0.534  1.00 36.25 ? 375 TYR A CE2 1 
ATOM   616  C  CZ  . TYR A 1 80  ? 11.574  16.592  0.519   1.00 35.15 ? 375 TYR A CZ  1 
ATOM   617  O  OH  . TYR A 1 80  ? 11.502  17.877  0.985   1.00 35.46 ? 375 TYR A OH  1 
ATOM   618  N  N   . ARG A 1 81  ? 13.129  10.764  -3.952  1.00 40.83 ? 376 ARG A N   1 
ATOM   619  C  CA  . ARG A 1 81  ? 13.499  9.427   -4.406  1.00 42.33 ? 376 ARG A CA  1 
ATOM   620  C  C   . ARG A 1 81  ? 14.981  9.196   -4.175  1.00 43.28 ? 376 ARG A C   1 
ATOM   621  O  O   . ARG A 1 81  ? 15.690  10.095  -3.722  1.00 43.28 ? 376 ARG A O   1 
ATOM   622  C  CB  . ARG A 1 81  ? 13.208  9.239   -5.897  1.00 42.48 ? 376 ARG A CB  1 
ATOM   623  C  CG  . ARG A 1 81  ? 11.987  9.972   -6.457  1.00 43.52 ? 376 ARG A CG  1 
ATOM   624  C  CD  . ARG A 1 81  ? 10.671  9.419   -5.954  1.00 43.78 ? 376 ARG A CD  1 
ATOM   625  N  NE  . ARG A 1 81  ? 10.674  7.970   -5.849  1.00 44.42 ? 376 ARG A NE  1 
ATOM   626  C  CZ  . ARG A 1 81  ? 10.146  7.155   -6.756  1.00 46.41 ? 376 ARG A CZ  1 
ATOM   627  N  NH1 . ARG A 1 81  ? 9.575   7.661   -7.851  1.00 45.19 ? 376 ARG A NH1 1 
ATOM   628  N  NH2 . ARG A 1 81  ? 10.183  5.835   -6.564  1.00 45.22 ? 376 ARG A NH2 1 
ATOM   629  N  N   . ASP A 1 82  ? 15.445  7.996   -4.524  1.00 44.55 ? 377 ASP A N   1 
ATOM   630  C  CA  . ASP A 1 82  ? 16.840  7.583   -4.320  1.00 45.64 ? 377 ASP A CA  1 
ATOM   631  C  C   . ASP A 1 82  ? 17.380  7.962   -2.917  1.00 45.93 ? 377 ASP A C   1 
ATOM   632  O  O   . ASP A 1 82  ? 18.512  8.459   -2.783  1.00 45.99 ? 377 ASP A O   1 
ATOM   633  C  CB  . ASP A 1 82  ? 17.750  8.152   -5.426  1.00 46.03 ? 377 ASP A CB  1 
ATOM   634  C  CG  . ASP A 1 82  ? 17.152  8.008   -6.830  1.00 47.31 ? 377 ASP A CG  1 
ATOM   635  O  OD1 . ASP A 1 82  ? 16.726  6.891   -7.220  1.00 48.80 ? 377 ASP A OD1 1 
ATOM   636  O  OD2 . ASP A 1 82  ? 17.131  9.025   -7.555  1.00 47.80 ? 377 ASP A OD2 1 
ATOM   637  N  N   . GLY A 1 83  ? 16.556  7.737   -1.892  1.00 45.85 ? 378 GLY A N   1 
ATOM   638  C  CA  . GLY A 1 83  ? 16.947  7.940   -0.495  1.00 45.51 ? 378 GLY A CA  1 
ATOM   639  C  C   . GLY A 1 83  ? 16.525  6.736   0.333   1.00 45.27 ? 378 GLY A C   1 
ATOM   640  O  O   . GLY A 1 83  ? 16.323  6.839   1.549   1.00 45.47 ? 378 GLY A O   1 
ATOM   641  N  N   . ASN A 1 84  ? 16.372  5.592   -0.329  1.00 44.97 ? 379 ASN A N   1 
ATOM   642  C  CA  . ASN A 1 84  ? 16.004  4.344   0.347   1.00 44.74 ? 379 ASN A CA  1 
ATOM   643  C  C   . ASN A 1 84  ? 14.674  4.433   1.096   1.00 44.26 ? 379 ASN A C   1 
ATOM   644  O  O   . ASN A 1 84  ? 14.449  3.709   2.071   1.00 44.38 ? 379 ASN A O   1 
ATOM   645  C  CB  . ASN A 1 84  ? 17.107  3.916   1.322   1.00 44.89 ? 379 ASN A CB  1 
ATOM   646  C  CG  . ASN A 1 84  ? 18.473  3.825   0.655   1.00 46.14 ? 379 ASN A CG  1 
ATOM   647  O  OD1 . ASN A 1 84  ? 19.423  4.516   1.045   1.00 46.92 ? 379 ASN A OD1 1 
ATOM   648  N  ND2 . ASN A 1 84  ? 18.577  2.972   -0.357  1.00 47.23 ? 379 ASN A ND2 1 
ATOM   649  N  N   . ARG A 1 85  ? 13.783  5.309   0.639   1.00 43.41 ? 380 ARG A N   1 
ATOM   650  C  CA  . ARG A 1 85  ? 12.540  5.525   1.367   1.00 42.31 ? 380 ARG A CA  1 
ATOM   651  C  C   . ARG A 1 85  ? 11.541  4.411   1.140   1.00 42.07 ? 380 ARG A C   1 
ATOM   652  O  O   . ARG A 1 85  ? 10.783  4.058   2.043   1.00 42.56 ? 380 ARG A O   1 
ATOM   653  C  CB  . ARG A 1 85  ? 11.973  6.905   1.078   1.00 42.07 ? 380 ARG A CB  1 
ATOM   654  C  CG  . ARG A 1 85  ? 12.871  7.959   1.683   1.00 40.43 ? 380 ARG A CG  1 
ATOM   655  C  CD  . ARG A 1 85  ? 12.298  9.357   1.714   1.00 38.24 ? 380 ARG A CD  1 
ATOM   656  N  NE  . ARG A 1 85  ? 13.251  10.227  2.407   1.00 37.27 ? 380 ARG A NE  1 
ATOM   657  C  CZ  . ARG A 1 85  ? 14.274  10.845  1.821   1.00 36.54 ? 380 ARG A CZ  1 
ATOM   658  N  NH1 . ARG A 1 85  ? 14.475  10.732  0.509   1.00 35.69 ? 380 ARG A NH1 1 
ATOM   659  N  NH2 . ARG A 1 85  ? 15.090  11.593  2.546   1.00 34.40 ? 380 ARG A NH2 1 
ATOM   660  N  N   . GLY A 1 86  ? 11.566  3.830   -0.050  1.00 41.30 ? 381 GLY A N   1 
ATOM   661  C  CA  . GLY A 1 86  ? 10.800  2.627   -0.304  1.00 40.86 ? 381 GLY A CA  1 
ATOM   662  C  C   . GLY A 1 86  ? 11.167  1.504   0.656   1.00 40.83 ? 381 GLY A C   1 
ATOM   663  O  O   . GLY A 1 86  ? 10.275  0.844   1.215   1.00 41.18 ? 381 GLY A O   1 
ATOM   664  N  N   . LEU A 1 87  ? 12.473  1.291   0.843   1.00 40.03 ? 382 LEU A N   1 
ATOM   665  C  CA  . LEU A 1 87  ? 12.984  0.246   1.730   1.00 39.42 ? 382 LEU A CA  1 
ATOM   666  C  C   . LEU A 1 87  ? 12.573  0.505   3.192   1.00 39.07 ? 382 LEU A C   1 
ATOM   667  O  O   . LEU A 1 87  ? 12.160  -0.401  3.912   1.00 38.72 ? 382 LEU A O   1 
ATOM   668  C  CB  . LEU A 1 87  ? 14.510  0.138   1.586   1.00 39.12 ? 382 LEU A CB  1 
ATOM   669  C  CG  . LEU A 1 87  ? 15.261  -0.980  2.342   1.00 40.07 ? 382 LEU A CG  1 
ATOM   670  C  CD1 . LEU A 1 87  ? 14.614  -2.386  2.187   1.00 37.80 ? 382 LEU A CD1 1 
ATOM   671  C  CD2 . LEU A 1 87  ? 16.794  -1.003  2.000   1.00 38.96 ? 382 LEU A CD2 1 
ATOM   672  N  N   . LEU A 1 88  ? 12.698  1.761   3.606   1.00 38.94 ? 383 LEU A N   1 
ATOM   673  C  CA  . LEU A 1 88  ? 12.235  2.226   4.903   1.00 38.71 ? 383 LEU A CA  1 
ATOM   674  C  C   . LEU A 1 88  ? 10.773  1.809   5.138   1.00 38.45 ? 383 LEU A C   1 
ATOM   675  O  O   . LEU A 1 88  ? 10.472  1.156   6.142   1.00 38.94 ? 383 LEU A O   1 
ATOM   676  C  CB  . LEU A 1 88  ? 12.389  3.747   4.996   1.00 38.61 ? 383 LEU A CB  1 
ATOM   677  C  CG  . LEU A 1 88  ? 12.620  4.421   6.350   1.00 39.01 ? 383 LEU A CG  1 
ATOM   678  C  CD1 . LEU A 1 88  ? 13.748  3.795   7.185   1.00 38.06 ? 383 LEU A CD1 1 
ATOM   679  C  CD2 . LEU A 1 88  ? 12.932  5.875   6.085   1.00 40.17 ? 383 LEU A CD2 1 
ATOM   680  N  N   . LEU A 1 89  ? 9.867   2.167   4.232   1.00 37.44 ? 384 LEU A N   1 
ATOM   681  C  CA  . LEU A 1 89  ? 8.470   1.729   4.373   1.00 37.52 ? 384 LEU A CA  1 
ATOM   682  C  C   . LEU A 1 89  ? 8.318   0.188   4.425   1.00 37.78 ? 384 LEU A C   1 
ATOM   683  O  O   . LEU A 1 89  ? 7.550   -0.346  5.243   1.00 38.19 ? 384 LEU A O   1 
ATOM   684  C  CB  . LEU A 1 89  ? 7.591   2.311   3.255   1.00 37.00 ? 384 LEU A CB  1 
ATOM   685  C  CG  . LEU A 1 89  ? 7.197   3.762   3.490   1.00 36.67 ? 384 LEU A CG  1 
ATOM   686  C  CD1 . LEU A 1 89  ? 6.695   4.375   2.214   1.00 34.65 ? 384 LEU A CD1 1 
ATOM   687  C  CD2 . LEU A 1 89  ? 6.173   3.880   4.629   1.00 34.23 ? 384 LEU A CD2 1 
ATOM   688  N  N   . LEU A 1 90  ? 9.038   -0.521  3.558   1.00 37.26 ? 385 LEU A N   1 
ATOM   689  C  CA  . LEU A 1 90  ? 8.899   -1.964  3.511   1.00 37.59 ? 385 LEU A CA  1 
ATOM   690  C  C   . LEU A 1 90  ? 9.325   -2.590  4.837   1.00 38.02 ? 385 LEU A C   1 
ATOM   691  O  O   . LEU A 1 90  ? 8.594   -3.401  5.400   1.00 37.83 ? 385 LEU A O   1 
ATOM   692  C  CB  . LEU A 1 90  ? 9.657   -2.569  2.321   1.00 37.35 ? 385 LEU A CB  1 
ATOM   693  C  CG  . LEU A 1 90  ? 9.870   -4.078  2.335   1.00 36.81 ? 385 LEU A CG  1 
ATOM   694  C  CD1 . LEU A 1 90  ? 8.557   -4.818  2.331   1.00 35.80 ? 385 LEU A CD1 1 
ATOM   695  C  CD2 . LEU A 1 90  ? 10.730  -4.498  1.164   1.00 37.08 ? 385 LEU A CD2 1 
ATOM   696  N  N   . ASN A 1 91  ? 10.482  -2.185  5.353   1.00 39.01 ? 386 ASN A N   1 
ATOM   697  C  CA  . ASN A 1 91  ? 10.985  -2.766  6.594   1.00 39.87 ? 386 ASN A CA  1 
ATOM   698  C  C   . ASN A 1 91  ? 10.079  -2.485  7.766   1.00 40.12 ? 386 ASN A C   1 
ATOM   699  O  O   . ASN A 1 91  ? 9.951   -3.311  8.661   1.00 40.45 ? 386 ASN A O   1 
ATOM   700  C  CB  . ASN A 1 91  ? 12.394  -2.290  6.884   1.00 39.92 ? 386 ASN A CB  1 
ATOM   701  C  CG  . ASN A 1 91  ? 13.425  -2.985  6.013   1.00 41.61 ? 386 ASN A CG  1 
ATOM   702  O  OD1 . ASN A 1 91  ? 14.524  -2.463  5.808   1.00 42.88 ? 386 ASN A OD1 1 
ATOM   703  N  ND2 . ASN A 1 91  ? 13.084  -4.179  5.502   1.00 42.14 ? 386 ASN A ND2 1 
ATOM   704  N  N   . TYR A 1 92  ? 9.453   -1.311  7.742   1.00 40.46 ? 387 TYR A N   1 
ATOM   705  C  CA  . TYR A 1 92  ? 8.474   -0.915  8.752   1.00 40.82 ? 387 TYR A CA  1 
ATOM   706  C  C   . TYR A 1 92  ? 7.224   -1.795  8.613   1.00 41.28 ? 387 TYR A C   1 
ATOM   707  O  O   . TYR A 1 92  ? 6.641   -2.230  9.604   1.00 41.39 ? 387 TYR A O   1 
ATOM   708  C  CB  . TYR A 1 92  ? 8.135   0.584   8.614   1.00 40.19 ? 387 TYR A CB  1 
ATOM   709  C  CG  . TYR A 1 92  ? 7.049   1.085   9.552   1.00 39.42 ? 387 TYR A CG  1 
ATOM   710  C  CD1 . TYR A 1 92  ? 7.355   1.857   10.672  1.00 37.47 ? 387 TYR A CD1 1 
ATOM   711  C  CD2 . TYR A 1 92  ? 5.709   0.790   9.305   1.00 39.81 ? 387 TYR A CD2 1 
ATOM   712  C  CE1 . TYR A 1 92  ? 6.338   2.313   11.535  1.00 38.38 ? 387 TYR A CE1 1 
ATOM   713  C  CE2 . TYR A 1 92  ? 4.695   1.237   10.155  1.00 39.68 ? 387 TYR A CE2 1 
ATOM   714  C  CZ  . TYR A 1 92  ? 5.008   2.000   11.261  1.00 39.01 ? 387 TYR A CZ  1 
ATOM   715  O  OH  . TYR A 1 92  ? 3.970   2.430   12.066  1.00 38.83 ? 387 TYR A OH  1 
HETATM 716  N  N   . MSE A 1 93  ? 6.823   -2.050  7.375   1.00 41.99 ? 388 MSE A N   1 
HETATM 717  C  CA  . MSE A 1 93  ? 5.693   -2.930  7.105   1.00 42.31 ? 388 MSE A CA  1 
HETATM 718  C  C   . MSE A 1 93  ? 6.026   -4.379  7.547   1.00 41.82 ? 388 MSE A C   1 
HETATM 719  O  O   . MSE A 1 93  ? 5.244   -5.018  8.250   1.00 41.00 ? 388 MSE A O   1 
HETATM 720  C  CB  . MSE A 1 93  ? 5.304   -2.858  5.615   1.00 42.49 ? 388 MSE A CB  1 
HETATM 721  C  CG  . MSE A 1 93  ? 4.642   -1.546  5.157   1.00 44.13 ? 388 MSE A CG  1 
HETATM 722  SE SE  . MSE A 1 93  ? 3.248   -0.954  6.376   0.60 48.51 ? 388 MSE A SE  1 
HETATM 723  C  CE  . MSE A 1 93  ? 2.275   0.088   5.084   1.00 46.33 ? 388 MSE A CE  1 
ATOM   724  N  N   . LYS A 1 94  ? 7.186   -4.881  7.133   1.00 41.73 ? 389 LYS A N   1 
ATOM   725  C  CA  . LYS A 1 94  ? 7.635   -6.194  7.563   1.00 42.28 ? 389 LYS A CA  1 
ATOM   726  C  C   . LYS A 1 94  ? 7.500   -6.310  9.080   1.00 43.12 ? 389 LYS A C   1 
ATOM   727  O  O   . LYS A 1 94  ? 6.821   -7.201  9.574   1.00 43.95 ? 389 LYS A O   1 
ATOM   728  C  CB  . LYS A 1 94  ? 9.086   -6.449  7.139   1.00 42.01 ? 389 LYS A CB  1 
ATOM   729  C  CG  . LYS A 1 94  ? 9.284   -6.660  5.644   1.00 41.11 ? 389 LYS A CG  1 
ATOM   730  C  CD  . LYS A 1 94  ? 10.754  -6.774  5.272   1.00 41.49 ? 389 LYS A CD  1 
ATOM   731  C  CE  . LYS A 1 94  ? 11.321  -8.093  5.738   1.00 41.02 ? 389 LYS A CE  1 
ATOM   732  N  NZ  . LYS A 1 94  ? 12.711  -8.211  5.319   1.00 42.69 ? 389 LYS A NZ  1 
ATOM   733  N  N   . HIS A 1 95  ? 8.113   -5.385  9.809   1.00 43.79 ? 390 HIS A N   1 
ATOM   734  C  CA  . HIS A 1 95  ? 8.119   -5.431  11.259  1.00 44.88 ? 390 HIS A CA  1 
ATOM   735  C  C   . HIS A 1 95  ? 6.722   -5.387  11.879  1.00 45.39 ? 390 HIS A C   1 
ATOM   736  O  O   . HIS A 1 95  ? 6.451   -6.088  12.863  1.00 45.70 ? 390 HIS A O   1 
ATOM   737  C  CB  . HIS A 1 95  ? 8.981   -4.318  11.835  1.00 44.74 ? 390 HIS A CB  1 
ATOM   738  C  CG  . HIS A 1 95  ? 9.105   -4.389  13.320  1.00 46.23 ? 390 HIS A CG  1 
ATOM   739  N  ND1 . HIS A 1 95  ? 8.558   -3.443  14.160  1.00 47.48 ? 390 HIS A ND1 1 
ATOM   740  C  CD2 . HIS A 1 95  ? 9.673   -5.322  14.122  1.00 47.79 ? 390 HIS A CD2 1 
ATOM   741  C  CE1 . HIS A 1 95  ? 8.814   -3.769  15.416  1.00 47.15 ? 390 HIS A CE1 1 
ATOM   742  N  NE2 . HIS A 1 95  ? 9.484   -4.907  15.421  1.00 47.82 ? 390 HIS A NE2 1 
ATOM   743  N  N   . ARG A 1 96  ? 5.848   -4.573  11.292  1.00 45.79 ? 391 ARG A N   1 
ATOM   744  C  CA  . ARG A 1 96  ? 4.479   -4.397  11.768  1.00 46.40 ? 391 ARG A CA  1 
ATOM   745  C  C   . ARG A 1 96  ? 3.624   -5.640  11.534  1.00 46.14 ? 391 ARG A C   1 
ATOM   746  O  O   . ARG A 1 96  ? 2.898   -6.064  12.443  1.00 46.44 ? 391 ARG A O   1 
ATOM   747  C  CB  . ARG A 1 96  ? 3.844   -3.164  11.116  1.00 46.23 ? 391 ARG A CB  1 
ATOM   748  C  CG  . ARG A 1 96  ? 2.401   -2.909  11.503  1.00 47.30 ? 391 ARG A CG  1 
ATOM   749  C  CD  . ARG A 1 96  ? 1.893   -1.589  10.913  1.00 48.17 ? 391 ARG A CD  1 
ATOM   750  N  NE  . ARG A 1 96  ? 0.712   -1.106  11.636  1.00 52.26 ? 391 ARG A NE  1 
ATOM   751  C  CZ  . ARG A 1 96  ? 0.745   -0.487  12.818  1.00 52.75 ? 391 ARG A CZ  1 
ATOM   752  N  NH1 . ARG A 1 96  ? 1.908   -0.252  13.426  1.00 53.03 ? 391 ARG A NH1 1 
ATOM   753  N  NH2 . ARG A 1 96  ? -0.388  -0.098  13.395  1.00 52.52 ? 391 ARG A NH2 1 
ATOM   754  N  N   . SER A 1 97  ? 3.720   -6.224  10.335  1.00 46.04 ? 392 SER A N   1 
ATOM   755  C  CA  . SER A 1 97  ? 2.994   -7.453  10.004  1.00 46.29 ? 392 SER A CA  1 
ATOM   756  C  C   . SER A 1 97  ? 3.367   -8.577  10.920  1.00 46.63 ? 392 SER A C   1 
ATOM   757  O  O   . SER A 1 97  ? 2.492   -9.295  11.369  1.00 46.68 ? 392 SER A O   1 
ATOM   758  C  CB  . SER A 1 97  ? 3.301   -7.925  8.597   1.00 46.03 ? 392 SER A CB  1 
ATOM   759  O  OG  . SER A 1 97  ? 2.925   -6.951  7.659   1.00 46.90 ? 392 SER A OG  1 
ATOM   760  N  N   . LYS A 1 98  ? 4.670   -8.742  11.158  1.00 47.36 ? 393 LYS A N   1 
ATOM   761  C  CA  . LYS A 1 98  ? 5.205   -9.781  12.035  1.00 48.25 ? 393 LYS A CA  1 
ATOM   762  C  C   . LYS A 1 98  ? 4.531   -9.721  13.394  1.00 48.21 ? 393 LYS A C   1 
ATOM   763  O  O   . LYS A 1 98  ? 4.132   -10.754 13.940  1.00 48.44 ? 393 LYS A O   1 
ATOM   764  C  CB  . LYS A 1 98  ? 6.708   -9.597  12.242  1.00 48.44 ? 393 LYS A CB  1 
ATOM   765  C  CG  . LYS A 1 98  ? 7.639   -10.324 11.266  1.00 49.66 ? 393 LYS A CG  1 
ATOM   766  C  CD  . LYS A 1 98  ? 9.119   -10.247 11.767  1.00 49.57 ? 393 LYS A CD  1 
ATOM   767  C  CE  . LYS A 1 98  ? 9.706   -8.787  11.806  1.00 51.92 ? 393 LYS A CE  1 
ATOM   768  N  NZ  . LYS A 1 98  ? 10.810  -8.511  12.832  1.00 51.38 ? 393 LYS A NZ  1 
ATOM   769  N  N   . SER A 1 99  ? 4.390   -8.508  13.928  1.00 48.14 ? 394 SER A N   1 
ATOM   770  C  CA  . SER A 1 99  ? 3.781   -8.337  15.236  1.00 48.09 ? 394 SER A CA  1 
ATOM   771  C  C   . SER A 1 99  ? 2.241   -8.511  15.261  1.00 48.17 ? 394 SER A C   1 
ATOM   772  O  O   . SER A 1 99  ? 1.630   -8.444  16.328  1.00 48.56 ? 394 SER A O   1 
ATOM   773  C  CB  . SER A 1 99  ? 4.191   -7.003  15.844  1.00 47.54 ? 394 SER A CB  1 
ATOM   774  O  OG  . SER A 1 99  ? 3.284   -6.005  15.441  1.00 48.24 ? 394 SER A OG  1 
ATOM   775  N  N   . GLU A 1 100 ? 1.614   -8.734  14.104  1.00 48.13 ? 395 GLU A N   1 
ATOM   776  C  CA  . GLU A 1 100 ? 0.170   -9.048  14.044  1.00 47.96 ? 395 GLU A CA  1 
ATOM   777  C  C   . GLU A 1 100 ? -0.096  -10.487 13.598  1.00 46.71 ? 395 GLU A C   1 
ATOM   778  O  O   . GLU A 1 100 ? -1.195  -10.804 13.122  1.00 46.64 ? 395 GLU A O   1 
ATOM   779  C  CB  . GLU A 1 100 ? -0.577  -8.060  13.150  1.00 47.86 ? 395 GLU A CB  1 
ATOM   780  C  CG  . GLU A 1 100 ? -0.796  -6.689  13.782  1.00 49.62 ? 395 GLU A CG  1 
ATOM   781  C  CD  . GLU A 1 100 ? -1.100  -5.591  12.750  1.00 50.39 ? 395 GLU A CD  1 
ATOM   782  O  OE1 . GLU A 1 100 ? -1.339  -5.924  11.554  1.00 53.26 ? 395 GLU A OE1 1 
ATOM   783  O  OE2 . GLU A 1 100 ? -1.100  -4.388  13.138  1.00 53.55 ? 395 GLU A OE2 1 
ATOM   784  N  N   . ASN A 1 101 ? 0.921   -11.338 13.767  1.00 45.60 ? 396 ASN A N   1 
ATOM   785  C  CA  . ASN A 1 101 ? 0.855   -12.771 13.481  0.50 44.58 ? 396 ASN A CA  1 
ATOM   786  C  C   . ASN A 1 101 ? 0.784   -13.096 11.976  1.00 44.19 ? 396 ASN A C   1 
ATOM   787  O  O   . ASN A 1 101 ? 0.338   -14.171 11.585  1.00 44.72 ? 396 ASN A O   1 
ATOM   788  C  CB  . ASN A 1 101 ? -0.290  -13.421 14.270  0.50 44.23 ? 396 ASN A CB  1 
ATOM   789  C  CG  . ASN A 1 101 ? -0.339  -14.911 14.095  0.50 43.40 ? 396 ASN A CG  1 
ATOM   790  O  OD1 . ASN A 1 101 ? 0.694   -15.566 14.004  0.50 42.56 ? 396 ASN A OD1 1 
ATOM   791  N  ND2 . ASN A 1 101 ? -1.542  -15.458 14.029  0.50 42.74 ? 396 ASN A ND2 1 
ATOM   792  N  N   . ILE A 1 102 ? 1.248   -12.161 11.147  1.00 43.26 ? 397 ILE A N   1 
ATOM   793  C  CA  . ILE A 1 102 ? 1.276   -12.285 9.681   1.00 42.29 ? 397 ILE A CA  1 
ATOM   794  C  C   . ILE A 1 102 ? 2.682   -12.645 9.202   1.00 41.89 ? 397 ILE A C   1 
ATOM   795  O  O   . ILE A 1 102 ? 3.654   -12.026 9.642   1.00 41.76 ? 397 ILE A O   1 
ATOM   796  C  CB  . ILE A 1 102 ? 0.795   -10.972 9.027   1.00 42.26 ? 397 ILE A CB  1 
ATOM   797  C  CG1 . ILE A 1 102 ? -0.736  -10.924 9.082   1.00 42.08 ? 397 ILE A CG1 1 
ATOM   798  C  CG2 . ILE A 1 102 ? 1.268   -10.853 7.577   1.00 41.99 ? 397 ILE A CG2 1 
ATOM   799  C  CD1 . ILE A 1 102 ? -1.304  -9.537  9.075   1.00 43.34 ? 397 ILE A CD1 1 
ATOM   800  N  N   . ASN A 1 103 ? 2.803   -13.639 8.317   1.00 41.16 ? 398 ASN A N   1 
ATOM   801  C  CA  . ASN A 1 103 ? 4.131   -14.132 7.950   1.00 41.00 ? 398 ASN A CA  1 
ATOM   802  C  C   . ASN A 1 103 ? 4.488   -13.960 6.482   1.00 40.79 ? 398 ASN A C   1 
ATOM   803  O  O   . ASN A 1 103 ? 5.555   -14.427 6.061   1.00 40.57 ? 398 ASN A O   1 
ATOM   804  C  CB  . ASN A 1 103 ? 4.345   -15.591 8.397   1.00 41.36 ? 398 ASN A CB  1 
ATOM   805  C  CG  . ASN A 1 103 ? 3.356   -16.561 7.750   1.00 42.53 ? 398 ASN A CG  1 
ATOM   806  O  OD1 . ASN A 1 103 ? 2.929   -16.360 6.613   1.00 45.00 ? 398 ASN A OD1 1 
ATOM   807  N  ND2 . ASN A 1 103 ? 2.986   -17.611 8.476   1.00 41.82 ? 398 ASN A ND2 1 
ATOM   808  N  N   . GLN A 1 104 ? 3.603   -13.308 5.716   1.00 40.01 ? 399 GLN A N   1 
ATOM   809  C  CA  . GLN A 1 104 ? 3.883   -12.958 4.318   1.00 39.67 ? 399 GLN A CA  1 
ATOM   810  C  C   . GLN A 1 104 ? 3.291   -11.641 3.898   1.00 39.29 ? 399 GLN A C   1 
ATOM   811  O  O   . GLN A 1 104 ? 2.176   -11.322 4.273   1.00 38.78 ? 399 GLN A O   1 
ATOM   812  C  CB  . GLN A 1 104 ? 3.364   -14.023 3.372   1.00 39.70 ? 399 GLN A CB  1 
ATOM   813  C  CG  . GLN A 1 104 ? 4.286   -15.183 3.276   1.00 41.54 ? 399 GLN A CG  1 
ATOM   814  C  CD  . GLN A 1 104 ? 3.721   -16.301 2.451   1.00 44.35 ? 399 GLN A CD  1 
ATOM   815  O  OE1 . GLN A 1 104 ? 2.587   -16.229 1.969   1.00 44.94 ? 399 GLN A OE1 1 
ATOM   816  N  NE2 . GLN A 1 104 ? 4.515   -17.357 2.276   1.00 43.87 ? 399 GLN A NE2 1 
ATOM   817  N  N   . ILE A 1 105 ? 4.059   -10.882 3.115   1.00 39.32 ? 400 ILE A N   1 
ATOM   818  C  CA  . ILE A 1 105 ? 3.569   -9.688  2.429   1.00 39.01 ? 400 ILE A CA  1 
ATOM   819  C  C   . ILE A 1 105 ? 3.540   -9.977  0.929   1.00 39.38 ? 400 ILE A C   1 
ATOM   820  O  O   . ILE A 1 105 ? 4.453   -10.629 0.394   1.00 39.48 ? 400 ILE A O   1 
ATOM   821  C  CB  . ILE A 1 105 ? 4.452   -8.454  2.705   1.00 38.90 ? 400 ILE A CB  1 
ATOM   822  C  CG1 . ILE A 1 105 ? 4.374   -8.084  4.190   1.00 38.74 ? 400 ILE A CG1 1 
ATOM   823  C  CG2 . ILE A 1 105 ? 4.048   -7.254  1.815   1.00 37.89 ? 400 ILE A CG2 1 
ATOM   824  C  CD1 . ILE A 1 105 ? 4.890   -6.693  4.513   1.00 35.68 ? 400 ILE A CD1 1 
ATOM   825  N  N   . PHE A 1 106 ? 2.497   -9.500  0.258   1.00 39.08 ? 401 PHE A N   1 
ATOM   826  C  CA  . PHE A 1 106 ? 2.451   -9.581  -1.182  1.00 39.18 ? 401 PHE A CA  1 
ATOM   827  C  C   . PHE A 1 106 ? 2.093   -8.262  -1.785  1.00 39.57 ? 401 PHE A C   1 
ATOM   828  O  O   . PHE A 1 106 ? 1.455   -7.433  -1.149  1.00 39.67 ? 401 PHE A O   1 
ATOM   829  C  CB  . PHE A 1 106 ? 1.488   -10.667 -1.660  1.00 39.37 ? 401 PHE A CB  1 
ATOM   830  C  CG  . PHE A 1 106 ? 0.027   -10.414 -1.331  1.00 39.36 ? 401 PHE A CG  1 
ATOM   831  C  CD1 . PHE A 1 106 ? -0.809  -9.792  -2.249  1.00 39.75 ? 401 PHE A CD1 1 
ATOM   832  C  CD2 . PHE A 1 106 ? -0.527  -10.867 -0.120  1.00 38.56 ? 401 PHE A CD2 1 
ATOM   833  C  CE1 . PHE A 1 106 ? -2.180  -9.595  -1.956  1.00 39.94 ? 401 PHE A CE1 1 
ATOM   834  C  CE2 . PHE A 1 106 ? -1.881  -10.683 0.182   1.00 36.61 ? 401 PHE A CE2 1 
ATOM   835  C  CZ  . PHE A 1 106 ? -2.710  -10.047 -0.739  1.00 39.16 ? 401 PHE A CZ  1 
ATOM   836  N  N   . VAL A 1 107 ? 2.532   -8.062  -3.015  1.00 40.28 ? 402 VAL A N   1 
ATOM   837  C  CA  . VAL A 1 107 ? 2.232   -6.849  -3.761  1.00 40.91 ? 402 VAL A CA  1 
ATOM   838  C  C   . VAL A 1 107 ? 1.745   -7.253  -5.153  1.00 42.12 ? 402 VAL A C   1 
ATOM   839  O  O   . VAL A 1 107 ? 2.075   -8.336  -5.650  1.00 41.92 ? 402 VAL A O   1 
ATOM   840  C  CB  . VAL A 1 107 ? 3.471   -5.931  -3.889  1.00 40.58 ? 402 VAL A CB  1 
ATOM   841  C  CG1 . VAL A 1 107 ? 3.984   -5.485  -2.521  1.00 39.63 ? 402 VAL A CG1 1 
ATOM   842  C  CG2 . VAL A 1 107 ? 4.571   -6.615  -4.658  1.00 40.03 ? 402 VAL A CG2 1 
ATOM   843  N  N   . LEU A 1 108 ? 0.935   -6.398  -5.762  1.00 43.86 ? 403 LEU A N   1 
ATOM   844  C  CA  . LEU A 1 108 ? 0.497   -6.560  -7.157  1.00 45.49 ? 403 LEU A CA  1 
ATOM   845  C  C   . LEU A 1 108 ? 1.141   -5.435  -7.901  1.00 46.28 ? 403 LEU A C   1 
ATOM   846  O  O   . LEU A 1 108 ? 0.865   -4.274  -7.622  1.00 46.74 ? 403 LEU A O   1 
ATOM   847  C  CB  . LEU A 1 108 ? -1.016  -6.435  -7.259  1.00 45.38 ? 403 LEU A CB  1 
ATOM   848  C  CG  . LEU A 1 108 ? -1.831  -7.669  -6.851  1.00 47.85 ? 403 LEU A CG  1 
ATOM   849  C  CD1 . LEU A 1 108 ? -1.402  -8.319  -5.531  1.00 47.96 ? 403 LEU A CD1 1 
ATOM   850  C  CD2 . LEU A 1 108 ? -3.301  -7.288  -6.788  1.00 50.51 ? 403 LEU A CD2 1 
ATOM   851  N  N   . THR A 1 109 ? 2.034   -5.754  -8.823  1.00 47.61 ? 404 THR A N   1 
ATOM   852  C  CA  . THR A 1 109 ? 2.875   -4.718  -9.414  1.00 48.30 ? 404 THR A CA  1 
ATOM   853  C  C   . THR A 1 109 ? 3.104   -4.971  -10.887 1.00 49.24 ? 404 THR A C   1 
ATOM   854  O  O   . THR A 1 109 ? 3.025   -6.108  -11.347 1.00 49.59 ? 404 THR A O   1 
ATOM   855  C  CB  . THR A 1 109 ? 4.243   -4.645  -8.703  1.00 48.36 ? 404 THR A CB  1 
ATOM   856  O  OG1 . THR A 1 109 ? 5.020   -3.543  -9.219  1.00 49.35 ? 404 THR A OG1 1 
ATOM   857  C  CG2 . THR A 1 109 ? 5.022   -5.946  -8.889  1.00 47.77 ? 404 THR A CG2 1 
ATOM   858  N  N   . THR A 1 110 ? 3.392   -3.901  -11.615 1.00 50.41 ? 405 THR A N   1 
ATOM   859  C  CA  . THR A 1 110 ? 3.829   -3.988  -13.004 1.00 51.56 ? 405 THR A CA  1 
ATOM   860  C  C   . THR A 1 110 ? 5.198   -3.318  -13.100 1.00 52.14 ? 405 THR A C   1 
ATOM   861  O  O   . THR A 1 110 ? 5.832   -3.332  -14.146 1.00 52.18 ? 405 THR A O   1 
ATOM   862  C  CB  . THR A 1 110 ? 2.847   -3.253  -13.955 1.00 51.63 ? 405 THR A CB  1 
ATOM   863  O  OG1 . THR A 1 110 ? 2.707   -1.896  -13.528 1.00 52.25 ? 405 THR A OG1 1 
ATOM   864  C  CG2 . THR A 1 110 ? 1.464   -3.901  -13.951 1.00 51.75 ? 405 THR A CG2 1 
ATOM   865  N  N   . HIS A 1 111 ? 5.634   -2.748  -11.980 1.00 52.96 ? 406 HIS A N   1 
ATOM   866  C  CA  . HIS A 1 111 ? 6.809   -1.888  -11.889 0.50 53.93 ? 406 HIS A CA  1 
ATOM   867  C  C   . HIS A 1 111 ? 7.810   -2.498  -10.904 1.00 54.49 ? 406 HIS A C   1 
ATOM   868  O  O   . HIS A 1 111 ? 7.417   -3.186  -9.957  1.00 54.94 ? 406 HIS A O   1 
ATOM   869  C  CB  . HIS A 1 111 ? 6.375   -0.494  -11.394 0.50 53.82 ? 406 HIS A CB  1 
ATOM   870  C  CG  . HIS A 1 111 ? 5.537   -0.532  -10.147 0.50 55.06 ? 406 HIS A CG  1 
ATOM   871  N  ND1 . HIS A 1 111 ? 4.165   -0.697  -10.172 0.50 56.19 ? 406 HIS A ND1 1 
ATOM   872  C  CD2 . HIS A 1 111 ? 5.881   -0.472  -8.837  0.50 55.37 ? 406 HIS A CD2 1 
ATOM   873  C  CE1 . HIS A 1 111 ? 3.702   -0.723  -8.933  0.50 55.60 ? 406 HIS A CE1 1 
ATOM   874  N  NE2 . HIS A 1 111 ? 4.722   -0.590  -8.104  0.50 54.49 ? 406 HIS A NE2 1 
ATOM   875  N  N   . SER A 1 112 ? 9.099   -2.259  -11.135 1.00 55.23 ? 407 SER A N   1 
ATOM   876  C  CA  . SER A 1 112 ? 10.164  -2.509  -10.136 1.00 55.64 ? 407 SER A CA  1 
ATOM   877  C  C   . SER A 1 112 ? 10.445  -3.979  -9.794  1.00 55.47 ? 407 SER A C   1 
ATOM   878  O  O   . SER A 1 112 ? 10.715  -4.299  -8.621  1.00 55.64 ? 407 SER A O   1 
ATOM   879  C  CB  . SER A 1 112 ? 9.887   -1.741  -8.826  1.00 55.93 ? 407 SER A CB  1 
ATOM   880  O  OG  . SER A 1 112 ? 9.676   -0.362  -9.051  1.00 57.08 ? 407 SER A OG  1 
ATOM   881  N  N   . LEU A 1 113 ? 10.415  -4.867  -10.787 1.00 54.81 ? 408 LEU A N   1 
ATOM   882  C  CA  . LEU A 1 113 ? 10.740  -6.260  -10.499 1.00 54.42 ? 408 LEU A CA  1 
ATOM   883  C  C   . LEU A 1 113 ? 12.129  -6.489  -9.901  1.00 53.68 ? 408 LEU A C   1 
ATOM   884  O  O   . LEU A 1 113 ? 12.265  -7.249  -8.946  1.00 53.60 ? 408 LEU A O   1 
ATOM   885  C  CB  . LEU A 1 113 ? 10.510  -7.169  -11.697 1.00 55.06 ? 408 LEU A CB  1 
ATOM   886  C  CG  . LEU A 1 113 ? 9.239   -7.999  -11.465 1.00 56.95 ? 408 LEU A CG  1 
ATOM   887  C  CD1 . LEU A 1 113 ? 8.091   -7.427  -12.329 1.00 58.35 ? 408 LEU A CD1 1 
ATOM   888  C  CD2 . LEU A 1 113 ? 9.462   -9.533  -11.689 1.00 56.80 ? 408 LEU A CD2 1 
ATOM   889  N  N   . HIS A 1 114 ? 13.148  -5.830  -10.453 1.00 52.99 ? 409 HIS A N   1 
ATOM   890  C  CA  . HIS A 1 114 ? 14.514  -5.978  -9.960  0.50 52.04 ? 409 HIS A CA  1 
ATOM   891  C  C   . HIS A 1 114 ? 14.597  -5.672  -8.463  1.00 51.61 ? 409 HIS A C   1 
ATOM   892  O  O   . HIS A 1 114 ? 15.186  -6.450  -7.699  1.00 51.72 ? 409 HIS A O   1 
ATOM   893  C  CB  . HIS A 1 114 ? 15.491  -5.106  -10.757 0.50 51.91 ? 409 HIS A CB  1 
ATOM   894  C  CG  . HIS A 1 114 ? 16.927  -5.395  -10.459 0.50 51.40 ? 409 HIS A CG  1 
ATOM   895  N  ND1 . HIS A 1 114 ? 17.470  -6.659  -10.563 0.50 50.94 ? 409 HIS A ND1 1 
ATOM   896  C  CD2 . HIS A 1 114 ? 17.935  -4.586  -10.059 0.50 51.03 ? 409 HIS A CD2 1 
ATOM   897  C  CE1 . HIS A 1 114 ? 18.749  -6.616  -10.242 0.50 50.54 ? 409 HIS A CE1 1 
ATOM   898  N  NE2 . HIS A 1 114 ? 19.058  -5.370  -9.933  0.50 50.79 ? 409 HIS A NE2 1 
ATOM   899  N  N   . TRP A 1 115 ? 13.978  -4.560  -8.056  1.00 50.84 ? 410 TRP A N   1 
ATOM   900  C  CA  . TRP A 1 115 ? 13.974  -4.112  -6.661  1.00 49.97 ? 410 TRP A CA  1 
ATOM   901  C  C   . TRP A 1 115 ? 13.261  -5.081  -5.731  1.00 49.43 ? 410 TRP A C   1 
ATOM   902  O  O   . TRP A 1 115 ? 13.755  -5.401  -4.647  1.00 49.31 ? 410 TRP A O   1 
ATOM   903  C  CB  . TRP A 1 115 ? 13.314  -2.745  -6.534  1.00 49.52 ? 410 TRP A CB  1 
ATOM   904  C  CG  . TRP A 1 115 ? 13.475  -2.135  -5.156  1.00 49.77 ? 410 TRP A CG  1 
ATOM   905  C  CD1 . TRP A 1 115 ? 14.562  -1.444  -4.688  1.00 49.47 ? 410 TRP A CD1 1 
ATOM   906  C  CD2 . TRP A 1 115 ? 12.525  -2.157  -4.078  1.00 48.67 ? 410 TRP A CD2 1 
ATOM   907  N  NE1 . TRP A 1 115 ? 14.343  -1.032  -3.397  1.00 48.93 ? 410 TRP A NE1 1 
ATOM   908  C  CE2 . TRP A 1 115 ? 13.105  -1.452  -2.996  1.00 48.32 ? 410 TRP A CE2 1 
ATOM   909  C  CE3 . TRP A 1 115 ? 11.248  -2.702  -3.923  1.00 47.73 ? 410 TRP A CE3 1 
ATOM   910  C  CZ2 . TRP A 1 115 ? 12.452  -1.272  -1.781  1.00 47.70 ? 410 TRP A CZ2 1 
ATOM   911  C  CZ3 . TRP A 1 115 ? 10.599  -2.529  -2.708  1.00 48.66 ? 410 TRP A CZ3 1 
ATOM   912  C  CH2 . TRP A 1 115 ? 11.206  -1.817  -1.651  1.00 48.83 ? 410 TRP A CH2 1 
ATOM   913  N  N   . PHE A 1 116 ? 12.087  -5.528  -6.153  1.00 49.04 ? 411 PHE A N   1 
ATOM   914  C  CA  . PHE A 1 116 ? 11.339  -6.483  -5.365  1.00 48.62 ? 411 PHE A CA  1 
ATOM   915  C  C   . PHE A 1 116 ? 12.100  -7.786  -5.195  1.00 48.64 ? 411 PHE A C   1 
ATOM   916  O  O   . PHE A 1 116 ? 12.230  -8.271  -4.070  1.00 48.68 ? 411 PHE A O   1 
ATOM   917  C  CB  . PHE A 1 116 ? 9.946   -6.704  -5.938  1.00 48.31 ? 411 PHE A CB  1 
ATOM   918  C  CG  . PHE A 1 116 ? 8.968   -5.616  -5.584  1.00 48.05 ? 411 PHE A CG  1 
ATOM   919  C  CD1 . PHE A 1 116 ? 8.499   -5.473  -4.280  1.00 47.78 ? 411 PHE A CD1 1 
ATOM   920  C  CD2 . PHE A 1 116 ? 8.497   -4.738  -6.560  1.00 48.28 ? 411 PHE A CD2 1 
ATOM   921  C  CE1 . PHE A 1 116 ? 7.582   -4.461  -3.955  1.00 48.09 ? 411 PHE A CE1 1 
ATOM   922  C  CE2 . PHE A 1 116 ? 7.572   -3.725  -6.238  1.00 46.93 ? 411 PHE A CE2 1 
ATOM   923  C  CZ  . PHE A 1 116 ? 7.121   -3.594  -4.939  1.00 47.15 ? 411 PHE A CZ  1 
ATOM   924  N  N   . ARG A 1 117 ? 12.625  -8.331  -6.293  1.00 48.75 ? 412 ARG A N   1 
ATOM   925  C  CA  . ARG A 1 117 ? 13.439  -9.550  -6.228  1.00 49.54 ? 412 ARG A CA  1 
ATOM   926  C  C   . ARG A 1 117 ? 14.603  -9.354  -5.253  1.00 48.65 ? 412 ARG A C   1 
ATOM   927  O  O   . ARG A 1 117 ? 14.887  -10.219 -4.416  1.00 48.20 ? 412 ARG A O   1 
ATOM   928  C  CB  . ARG A 1 117 ? 13.933  -9.973  -7.621  1.00 49.33 ? 412 ARG A CB  1 
ATOM   929  C  CG  . ARG A 1 117 ? 14.965  -11.152 -7.622  1.00 52.08 ? 412 ARG A CG  1 
ATOM   930  C  CD  . ARG A 1 117 ? 14.914  -12.024 -8.911  1.00 52.10 ? 412 ARG A CD  1 
ATOM   931  N  NE  . ARG A 1 117 ? 13.552  -12.530 -9.141  1.00 58.44 ? 412 ARG A NE  1 
ATOM   932  C  CZ  . ARG A 1 117 ? 12.731  -12.110 -10.111 1.00 60.82 ? 412 ARG A CZ  1 
ATOM   933  N  NH1 . ARG A 1 117 ? 13.140  -11.184 -10.977 1.00 61.04 ? 412 ARG A NH1 1 
ATOM   934  N  NH2 . ARG A 1 117 ? 11.500  -12.625 -10.226 1.00 61.27 ? 412 ARG A NH2 1 
ATOM   935  N  N   . GLU A 1 118 ? 15.249  -8.196  -5.355  1.00 48.12 ? 413 GLU A N   1 
ATOM   936  C  CA  . GLU A 1 118 ? 16.339  -7.849  -4.462  1.00 48.14 ? 413 GLU A CA  1 
ATOM   937  C  C   . GLU A 1 118 ? 15.944  -7.854  -2.993  1.00 46.55 ? 413 GLU A C   1 
ATOM   938  O  O   . GLU A 1 118 ? 16.810  -8.029  -2.140  1.00 46.62 ? 413 GLU A O   1 
ATOM   939  C  CB  . GLU A 1 118 ? 16.947  -6.499  -4.827  1.00 48.04 ? 413 GLU A CB  1 
ATOM   940  C  CG  . GLU A 1 118 ? 17.996  -6.582  -5.918  1.00 49.97 ? 413 GLU A CG  1 
ATOM   941  C  CD  . GLU A 1 118 ? 18.540  -5.203  -6.297  1.00 50.73 ? 413 GLU A CD  1 
ATOM   942  O  OE1 . GLU A 1 118 ? 17.743  -4.328  -6.741  1.00 53.83 ? 413 GLU A OE1 1 
ATOM   943  O  OE2 . GLU A 1 118 ? 19.772  -4.993  -6.146  1.00 54.52 ? 413 GLU A OE2 1 
ATOM   944  N  N   . GLN A 1 119 ? 14.663  -7.659  -2.685  1.00 44.64 ? 414 GLN A N   1 
ATOM   945  C  CA  . GLN A 1 119 ? 14.246  -7.715  -1.283  1.00 42.83 ? 414 GLN A CA  1 
ATOM   946  C  C   . GLN A 1 119 ? 13.814  -9.108  -0.824  1.00 41.59 ? 414 GLN A C   1 
ATOM   947  O  O   . GLN A 1 119 ? 13.531  -9.306  0.360   1.00 41.10 ? 414 GLN A O   1 
ATOM   948  C  CB  . GLN A 1 119 ? 13.179  -6.678  -0.956  1.00 42.63 ? 414 GLN A CB  1 
ATOM   949  C  CG  . GLN A 1 119 ? 13.483  -5.281  -1.442  1.00 43.34 ? 414 GLN A CG  1 
ATOM   950  C  CD  . GLN A 1 119 ? 14.823  -4.754  -0.979  1.00 44.73 ? 414 GLN A CD  1 
ATOM   951  O  OE1 . GLN A 1 119 ? 15.509  -4.076  -1.741  1.00 46.11 ? 414 GLN A OE1 1 
ATOM   952  N  NE2 . GLN A 1 119 ? 15.207  -5.052  0.271   1.00 43.97 ? 414 GLN A NE2 1 
ATOM   953  N  N   . GLY A 1 120 ? 13.798  -10.067 -1.750  1.00 40.36 ? 415 GLY A N   1 
ATOM   954  C  CA  . GLY A 1 120 ? 13.484  -11.452 -1.430  1.00 39.22 ? 415 GLY A CA  1 
ATOM   955  C  C   . GLY A 1 120 ? 12.057  -11.813 -1.802  1.00 38.86 ? 415 GLY A C   1 
ATOM   956  O  O   . GLY A 1 120 ? 11.568  -12.883 -1.429  1.00 38.76 ? 415 GLY A O   1 
ATOM   957  N  N   . PHE A 1 121 ? 11.387  -10.920 -2.526  1.00 38.01 ? 416 PHE A N   1 
ATOM   958  C  CA  . PHE A 1 121 ? 10.074  -11.209 -3.110  1.00 37.56 ? 416 PHE A CA  1 
ATOM   959  C  C   . PHE A 1 121 ? 10.205  -12.249 -4.222  1.00 37.25 ? 416 PHE A C   1 
ATOM   960  O  O   . PHE A 1 121 ? 11.173  -12.218 -4.983  1.00 37.13 ? 416 PHE A O   1 
ATOM   961  C  CB  . PHE A 1 121 ? 9.459   -9.938  -3.716  1.00 37.35 ? 416 PHE A CB  1 
ATOM   962  C  CG  . PHE A 1 121 ? 8.760   -9.038  -2.716  1.00 36.63 ? 416 PHE A CG  1 
ATOM   963  C  CD1 . PHE A 1 121 ? 7.383   -9.123  -2.523  1.00 34.65 ? 416 PHE A CD1 1 
ATOM   964  C  CD2 . PHE A 1 121 ? 9.473   -8.090  -1.993  1.00 36.22 ? 416 PHE A CD2 1 
ATOM   965  C  CE1 . PHE A 1 121 ? 6.744   -8.289  -1.622  1.00 34.63 ? 416 PHE A CE1 1 
ATOM   966  C  CE2 . PHE A 1 121 ? 8.827   -7.257  -1.080  1.00 35.16 ? 416 PHE A CE2 1 
ATOM   967  C  CZ  . PHE A 1 121 ? 7.467   -7.356  -0.902  1.00 34.67 ? 416 PHE A CZ  1 
ATOM   968  N  N   . TYR A 1 122 ? 9.227   -13.150 -4.319  1.00 36.54 ? 417 TYR A N   1 
ATOM   969  C  CA  . TYR A 1 122 ? 9.174   -14.119 -5.407  1.00 36.28 ? 417 TYR A CA  1 
ATOM   970  C  C   . TYR A 1 122 ? 7.776   -14.090 -6.041  1.00 35.73 ? 417 TYR A C   1 
ATOM   971  O  O   . TYR A 1 122 ? 6.801   -13.677 -5.403  1.00 34.72 ? 417 TYR A O   1 
ATOM   972  C  CB  . TYR A 1 122 ? 9.574   -15.545 -4.948  1.00 36.11 ? 417 TYR A CB  1 
ATOM   973  C  CG  . TYR A 1 122 ? 8.756   -16.045 -3.782  1.00 36.86 ? 417 TYR A CG  1 
ATOM   974  C  CD1 . TYR A 1 122 ? 7.592   -16.812 -3.974  1.00 34.76 ? 417 TYR A CD1 1 
ATOM   975  C  CD2 . TYR A 1 122 ? 9.123   -15.718 -2.470  1.00 38.45 ? 417 TYR A CD2 1 
ATOM   976  C  CE1 . TYR A 1 122 ? 6.832   -17.250 -2.886  1.00 35.26 ? 417 TYR A CE1 1 
ATOM   977  C  CE2 . TYR A 1 122 ? 8.363   -16.140 -1.373  1.00 37.55 ? 417 TYR A CE2 1 
ATOM   978  C  CZ  . TYR A 1 122 ? 7.227   -16.911 -1.581  1.00 37.18 ? 417 TYR A CZ  1 
ATOM   979  O  OH  . TYR A 1 122 ? 6.513   -17.322 -0.459  1.00 36.60 ? 417 TYR A OH  1 
ATOM   980  N  N   . GLU A 1 123 ? 7.694   -14.515 -7.302  1.00 35.08 ? 418 GLU A N   1 
ATOM   981  C  CA  . GLU A 1 123 ? 6.450   -14.425 -8.013  1.00 34.78 ? 418 GLU A CA  1 
ATOM   982  C  C   . GLU A 1 123 ? 5.576   -15.622 -7.709  1.00 34.90 ? 418 GLU A C   1 
ATOM   983  O  O   . GLU A 1 123 ? 6.057   -16.770 -7.695  1.00 35.03 ? 418 GLU A O   1 
ATOM   984  C  CB  . GLU A 1 123 ? 6.665   -14.315 -9.518  1.00 34.65 ? 418 GLU A CB  1 
ATOM   985  C  CG  . GLU A 1 123 ? 5.378   -13.884 -10.234 1.00 34.62 ? 418 GLU A CG  1 
ATOM   986  C  CD  . GLU A 1 123 ? 5.480   -13.873 -11.749 1.00 34.33 ? 418 GLU A CD  1 
ATOM   987  O  OE1 . GLU A 1 123 ? 6.567   -14.158 -12.284 1.00 34.11 ? 418 GLU A OE1 1 
ATOM   988  O  OE2 . GLU A 1 123 ? 4.452   -13.582 -12.408 1.00 34.95 ? 418 GLU A OE2 1 
ATOM   989  N  N   . VAL A 1 124 ? 4.290   -15.354 -7.498  1.00 34.78 ? 419 VAL A N   1 
ATOM   990  C  CA  . VAL A 1 124 ? 3.308   -16.418 -7.273  1.00 34.78 ? 419 VAL A CA  1 
ATOM   991  C  C   . VAL A 1 124 ? 2.171   -16.309 -8.286  1.00 34.91 ? 419 VAL A C   1 
ATOM   992  O  O   . VAL A 1 124 ? 2.044   -15.282 -8.957  1.00 35.61 ? 419 VAL A O   1 
ATOM   993  C  CB  . VAL A 1 124 ? 2.789   -16.390 -5.826  1.00 34.46 ? 419 VAL A CB  1 
ATOM   994  C  CG1 . VAL A 1 124 ? 3.928   -16.680 -4.864  1.00 33.21 ? 419 VAL A CG1 1 
ATOM   995  C  CG2 . VAL A 1 124 ? 2.154   -15.045 -5.505  1.00 34.58 ? 419 VAL A CG2 1 
ATOM   996  N  N   . GLY A 1 125 ? 1.379   -17.371 -8.422  1.00 35.31 ? 420 GLY A N   1 
ATOM   997  C  CA  . GLY A 1 125 ? 0.180   -17.368 -9.283  1.00 35.79 ? 420 GLY A CA  1 
ATOM   998  C  C   . GLY A 1 125 ? -1.075  -16.852 -8.572  1.00 36.30 ? 420 GLY A C   1 
ATOM   999  O  O   . GLY A 1 125 ? -1.054  -16.679 -7.340  1.00 36.14 ? 420 GLY A O   1 
ATOM   1000 N  N   . VAL A 1 126 ? -2.165  -16.625 -9.326  1.00 36.42 ? 421 VAL A N   1 
ATOM   1001 C  CA  . VAL A 1 126 ? -3.393  -16.031 -8.759  1.00 36.77 ? 421 VAL A CA  1 
ATOM   1002 C  C   . VAL A 1 126 ? -4.011  -16.866 -7.669  1.00 36.75 ? 421 VAL A C   1 
ATOM   1003 O  O   . VAL A 1 126 ? -4.663  -16.326 -6.789  1.00 36.87 ? 421 VAL A O   1 
ATOM   1004 C  CB  . VAL A 1 126 ? -4.496  -15.744 -9.795  1.00 36.98 ? 421 VAL A CB  1 
ATOM   1005 C  CG1 . VAL A 1 126 ? -4.229  -14.416 -10.536 1.00 38.01 ? 421 VAL A CG1 1 
ATOM   1006 C  CG2 . VAL A 1 126 ? -4.666  -16.929 -10.746 1.00 36.44 ? 421 VAL A CG2 1 
ATOM   1007 N  N   . ASP A 1 127 ? -3.801  -18.180 -7.721  1.00 37.38 ? 422 ASP A N   1 
ATOM   1008 C  CA  . ASP A 1 127 ? -4.294  -19.081 -6.667  1.00 37.93 ? 422 ASP A CA  1 
ATOM   1009 C  C   . ASP A 1 127 ? -3.742  -18.786 -5.287  1.00 38.02 ? 422 ASP A C   1 
ATOM   1010 O  O   . ASP A 1 127 ? -4.313  -19.207 -4.304  1.00 38.55 ? 422 ASP A O   1 
ATOM   1011 C  CB  . ASP A 1 127 ? -3.974  -20.525 -6.992  1.00 37.70 ? 422 ASP A CB  1 
ATOM   1012 C  CG  . ASP A 1 127 ? -4.683  -21.007 -8.217  1.00 39.28 ? 422 ASP A CG  1 
ATOM   1013 O  OD1 . ASP A 1 127 ? -5.390  -20.187 -8.846  1.00 39.66 ? 422 ASP A OD1 1 
ATOM   1014 O  OD2 . ASP A 1 127 ? -4.530  -22.212 -8.556  1.00 41.29 ? 422 ASP A OD2 1 
ATOM   1015 N  N   . TYR A 1 128 ? -2.606  -18.106 -5.217  1.00 38.36 ? 423 TYR A N   1 
ATOM   1016 C  CA  . TYR A 1 128 ? -2.002  -17.784 -3.958  1.00 38.54 ? 423 TYR A CA  1 
ATOM   1017 C  C   . TYR A 1 128 ? -2.828  -16.713 -3.231  1.00 39.19 ? 423 TYR A C   1 
ATOM   1018 O  O   . TYR A 1 128 ? -2.867  -16.688 -2.004  1.00 39.78 ? 423 TYR A O   1 
ATOM   1019 C  CB  . TYR A 1 128 ? -0.581  -17.308 -4.218  1.00 38.59 ? 423 TYR A CB  1 
ATOM   1020 C  CG  . TYR A 1 128 ? 0.039   -16.550 -3.071  1.00 39.25 ? 423 TYR A CG  1 
ATOM   1021 C  CD1 . TYR A 1 128 ? 0.969   -17.164 -2.223  1.00 38.08 ? 423 TYR A CD1 1 
ATOM   1022 C  CD2 . TYR A 1 128 ? -0.305  -15.205 -2.826  1.00 39.55 ? 423 TYR A CD2 1 
ATOM   1023 C  CE1 . TYR A 1 128 ? 1.542   -16.464 -1.160  1.00 38.22 ? 423 TYR A CE1 1 
ATOM   1024 C  CE2 . TYR A 1 128 ? 0.265   -14.495 -1.762  1.00 40.49 ? 423 TYR A CE2 1 
ATOM   1025 C  CZ  . TYR A 1 128 ? 1.185   -15.133 -0.931  1.00 39.43 ? 423 TYR A CZ  1 
ATOM   1026 O  OH  . TYR A 1 128 ? 1.745   -14.428 0.121   1.00 40.31 ? 423 TYR A OH  1 
ATOM   1027 N  N   . LEU A 1 129 ? -3.484  -15.824 -3.977  1.00 39.29 ? 424 LEU A N   1 
ATOM   1028 C  CA  . LEU A 1 129 ? -4.266  -14.737 -3.368  1.00 39.44 ? 424 LEU A CA  1 
ATOM   1029 C  C   . LEU A 1 129 ? -5.318  -15.210 -2.360  1.00 39.93 ? 424 LEU A C   1 
ATOM   1030 O  O   . LEU A 1 129 ? -6.028  -16.206 -2.591  1.00 39.87 ? 424 LEU A O   1 
ATOM   1031 C  CB  . LEU A 1 129 ? -4.913  -13.851 -4.437  1.00 38.92 ? 424 LEU A CB  1 
ATOM   1032 C  CG  . LEU A 1 129 ? -3.928  -13.133 -5.380  1.00 39.52 ? 424 LEU A CG  1 
ATOM   1033 C  CD1 . LEU A 1 129 ? -4.638  -12.400 -6.509  1.00 38.18 ? 424 LEU A CD1 1 
ATOM   1034 C  CD2 . LEU A 1 129 ? -3.004  -12.176 -4.636  1.00 37.85 ? 424 LEU A CD2 1 
ATOM   1035 N  N   . PRO A 1 130 ? -5.430  -14.493 -1.230  1.00 40.30 ? 425 PRO A N   1 
ATOM   1036 C  CA  . PRO A 1 130 ? -6.463  -14.831 -0.251  1.00 40.91 ? 425 PRO A CA  1 
ATOM   1037 C  C   . PRO A 1 130 ? -7.827  -14.701 -0.912  1.00 41.80 ? 425 PRO A C   1 
ATOM   1038 O  O   . PRO A 1 130 ? -8.058  -13.692 -1.593  1.00 41.96 ? 425 PRO A O   1 
ATOM   1039 C  CB  . PRO A 1 130 ? -6.309  -13.750 0.813   1.00 40.33 ? 425 PRO A CB  1 
ATOM   1040 C  CG  . PRO A 1 130 ? -4.963  -13.241 0.649   1.00 39.91 ? 425 PRO A CG  1 
ATOM   1041 C  CD  . PRO A 1 130 ? -4.635  -13.336 -0.808  1.00 40.24 ? 425 PRO A CD  1 
ATOM   1042 N  N   . GLY A 1 131 ? -8.703  -15.700 -0.713  1.00 42.29 ? 426 GLY A N   1 
ATOM   1043 C  CA  . GLY A 1 131 ? -10.021 -15.783 -1.374  1.00 42.18 ? 426 GLY A CA  1 
ATOM   1044 C  C   . GLY A 1 131 ? -10.779 -14.481 -1.591  1.00 42.60 ? 426 GLY A C   1 
ATOM   1045 O  O   . GLY A 1 131 ? -11.453 -14.305 -2.608  1.00 42.24 ? 426 GLY A O   1 
ATOM   1046 N  N   . ALA A 1 132 ? -10.680 -13.559 -0.643  1.00 43.48 ? 427 ALA A N   1 
ATOM   1047 C  CA  . ALA A 1 132 ? -11.407 -12.302 -0.775  1.00 45.31 ? 427 ALA A CA  1 
ATOM   1048 C  C   . ALA A 1 132 ? -10.915 -11.559 -2.002  1.00 46.63 ? 427 ALA A C   1 
ATOM   1049 O  O   . ALA A 1 132 ? -11.706 -10.988 -2.756  1.00 47.17 ? 427 ALA A O   1 
ATOM   1050 C  CB  . ALA A 1 132 ? -11.231 -11.443 0.460   1.00 45.12 ? 427 ALA A CB  1 
ATOM   1051 N  N   . LYS A 1 133 ? -9.598  -11.617 -2.198  1.00 47.91 ? 428 LYS A N   1 
ATOM   1052 C  CA  . LYS A 1 133 ? -8.891  -10.878 -3.229  1.00 49.15 ? 428 LYS A CA  1 
ATOM   1053 C  C   . LYS A 1 133 ? -8.896  -11.642 -4.572  1.00 50.16 ? 428 LYS A C   1 
ATOM   1054 O  O   . LYS A 1 133 ? -8.359  -11.143 -5.577  1.00 50.48 ? 428 LYS A O   1 
ATOM   1055 C  CB  . LYS A 1 133 ? -7.450  -10.598 -2.759  1.00 49.03 ? 428 LYS A CB  1 
ATOM   1056 C  CG  . LYS A 1 133 ? -7.027  -9.114  -2.784  1.00 49.43 ? 428 LYS A CG  1 
ATOM   1057 C  CD  . LYS A 1 133 ? -6.499  -8.663  -4.142  1.00 48.11 ? 428 LYS A CD  1 
ATOM   1058 C  CE  . LYS A 1 133 ? -5.619  -7.417  -4.044  1.00 48.18 ? 428 LYS A CE  1 
ATOM   1059 N  NZ  . LYS A 1 133 ? -6.320  -6.080  -4.160  1.00 48.22 ? 428 LYS A NZ  1 
ATOM   1060 N  N   . GLN A 1 134 ? -9.514  -12.830 -4.593  1.00 50.91 ? 429 GLN A N   1 
ATOM   1061 C  CA  . GLN A 1 134 ? -9.610  -13.643 -5.815  1.00 51.96 ? 429 GLN A CA  1 
ATOM   1062 C  C   . GLN A 1 134 ? -10.668 -13.164 -6.819  1.00 52.14 ? 429 GLN A C   1 
ATOM   1063 O  O   . GLN A 1 134 ? -10.379 -13.071 -8.015  1.00 52.05 ? 429 GLN A O   1 
ATOM   1064 C  CB  . GLN A 1 134 ? -9.795  -15.134 -5.498  1.00 51.85 ? 429 GLN A CB  1 
ATOM   1065 C  CG  . GLN A 1 134 ? -8.500  -15.958 -5.640  1.00 53.07 ? 429 GLN A CG  1 
ATOM   1066 C  CD  . GLN A 1 134 ? -8.582  -17.315 -4.941  1.00 52.65 ? 429 GLN A CD  1 
ATOM   1067 O  OE1 . GLN A 1 134 ? -9.680  -17.827 -4.682  1.00 53.55 ? 429 GLN A OE1 1 
ATOM   1068 N  NE2 . GLN A 1 134 ? -7.424  -17.896 -4.629  1.00 51.91 ? 429 GLN A NE2 1 
ATOM   1069 N  N   . GLY A 1 135 ? -11.875 -12.866 -6.341  1.00 52.56 ? 430 GLY A N   1 
ATOM   1070 C  CA  . GLY A 1 135 ? -12.936 -12.323 -7.209  1.00 53.14 ? 430 GLY A CA  1 
ATOM   1071 C  C   . GLY A 1 135 ? -12.497 -11.190 -8.141  1.00 53.27 ? 430 GLY A C   1 
ATOM   1072 O  O   . GLY A 1 135 ? -13.076 -11.011 -9.223  1.00 53.51 ? 430 GLY A O   1 
ATOM   1073 N  N   . LEU A 1 136 ? -11.457 -10.453 -7.730  1.00 53.25 ? 431 LEU A N   1 
ATOM   1074 C  CA  . LEU A 1 136 ? -10.980 -9.248  -8.424  1.00 53.25 ? 431 LEU A CA  1 
ATOM   1075 C  C   . LEU A 1 136 ? -9.827  -9.452  -9.418  1.00 53.50 ? 431 LEU A C   1 
ATOM   1076 O  O   . LEU A 1 136 ? -9.812  -8.801  -10.483 1.00 53.78 ? 431 LEU A O   1 
ATOM   1077 C  CB  . LEU A 1 136 ? -10.599 -8.185  -7.416  1.00 53.15 ? 431 LEU A CB  1 
ATOM   1078 N  N   . TYR A 1 137 ? -8.859  -10.316 -9.071  1.00 53.40 ? 432 TYR A N   1 
ATOM   1079 C  CA  . TYR A 1 137 ? -7.724  -10.636 -9.958  1.00 52.97 ? 432 TYR A CA  1 
ATOM   1080 C  C   . TYR A 1 137 ? -8.230  -11.207 -11.279 1.00 52.68 ? 432 TYR A C   1 
ATOM   1081 O  O   . TYR A 1 137 ? -7.705  -10.886 -12.342 1.00 52.79 ? 432 TYR A O   1 
ATOM   1082 C  CB  . TYR A 1 137 ? -6.752  -11.604 -9.284  1.00 53.04 ? 432 TYR A CB  1 
ATOM   1083 N  N   . ASN A 1 138 ? -9.277  -12.024 -11.195 1.00 52.25 ? 433 ASN A N   1 
ATOM   1084 C  CA  . ASN A 1 138 ? -9.895  -12.626 -12.361 1.00 51.90 ? 433 ASN A CA  1 
ATOM   1085 C  C   . ASN A 1 138 ? -11.031 -11.756 -12.915 1.00 51.62 ? 433 ASN A C   1 
ATOM   1086 O  O   . ASN A 1 138 ? -12.014 -12.284 -13.438 1.00 51.46 ? 433 ASN A O   1 
ATOM   1087 C  CB  . ASN A 1 138 ? -10.386 -14.048 -12.028 1.00 51.92 ? 433 ASN A CB  1 
ATOM   1088 N  N   . PHE A 1 139 ? -10.870 -10.433 -12.809 1.00 51.30 ? 434 PHE A N   1 
ATOM   1089 C  CA  . PHE A 1 139 ? -11.836 -9.428  -13.321 1.00 51.19 ? 434 PHE A CA  1 
ATOM   1090 C  C   . PHE A 1 139 ? -12.531 -9.837  -14.633 1.00 50.97 ? 434 PHE A C   1 
ATOM   1091 O  O   . PHE A 1 139 ? -12.306 -9.264  -15.703 1.00 50.90 ? 434 PHE A O   1 
ATOM   1092 C  CB  . PHE A 1 139 ? -11.156 -8.048  -13.459 1.00 51.07 ? 434 PHE A CB  1 
ATOM   1093 C  CG  . PHE A 1 139 ? -12.119 -6.879  -13.529 1.00 50.90 ? 434 PHE A CG  1 
ATOM   1094 C  CD1 . PHE A 1 139 ? -12.385 -6.244  -14.750 1.00 51.45 ? 434 PHE A CD1 1 
ATOM   1095 C  CD2 . PHE A 1 139 ? -12.743 -6.394  -12.375 1.00 50.23 ? 434 PHE A CD2 1 
ATOM   1096 C  CE1 . PHE A 1 139 ? -13.273 -5.153  -14.822 1.00 51.17 ? 434 PHE A CE1 1 
ATOM   1097 C  CE2 . PHE A 1 139 ? -13.632 -5.305  -12.434 1.00 50.26 ? 434 PHE A CE2 1 
ATOM   1098 C  CZ  . PHE A 1 139 ? -13.896 -4.684  -13.657 1.00 50.59 ? 434 PHE A CZ  1 
ATOM   1099 N  N   . ARG A 1 141 ? -12.770 -7.720  -18.094 1.00 63.65 ? 436 ARG A N   1 
ATOM   1100 C  CA  . ARG A 1 141 ? -13.139 -6.969  -19.325 1.00 63.64 ? 436 ARG A CA  1 
ATOM   1101 C  C   . ARG A 1 141 ? -14.641 -6.616  -19.385 1.00 62.96 ? 436 ARG A C   1 
ATOM   1102 O  O   . ARG A 1 141 ? -15.031 -5.523  -18.956 1.00 63.28 ? 436 ARG A O   1 
ATOM   1103 C  CB  . ARG A 1 141 ? -12.664 -7.675  -20.615 1.00 63.60 ? 436 ARG A CB  1 
ATOM   1104 C  CG  . ARG A 1 141 ? -12.936 -9.184  -20.677 1.00 64.22 ? 436 ARG A CG  1 
ATOM   1105 C  CD  . ARG A 1 141 ? -12.285 -9.805  -21.902 1.00 64.34 ? 436 ARG A CD  1 
ATOM   1106 N  NE  . ARG A 1 141 ? -13.189 -9.785  -23.051 1.00 66.23 ? 436 ARG A NE  1 
ATOM   1107 C  CZ  . ARG A 1 141 ? -12.807 -9.728  -24.327 1.00 66.90 ? 436 ARG A CZ  1 
ATOM   1108 N  NH1 . ARG A 1 141 ? -11.516 -9.667  -24.647 1.00 67.20 ? 436 ARG A NH1 1 
ATOM   1109 N  NH2 . ARG A 1 141 ? -13.720 -9.720  -25.291 1.00 66.83 ? 436 ARG A NH2 1 
ATOM   1110 N  N   . LYS A 1 142 ? -15.478 -7.528  -19.895 1.00 61.79 ? 437 LYS A N   1 
ATOM   1111 C  CA  . LYS A 1 142 ? -16.937 -7.367  -19.808 1.00 60.29 ? 437 LYS A CA  1 
ATOM   1112 C  C   . LYS A 1 142 ? -17.471 -7.636  -18.365 1.00 59.20 ? 437 LYS A C   1 
ATOM   1113 O  O   . LYS A 1 142 ? -18.571 -8.188  -18.181 1.00 59.13 ? 437 LYS A O   1 
ATOM   1114 C  CB  . LYS A 1 142 ? -17.641 -8.253  -20.860 1.00 60.54 ? 437 LYS A CB  1 
ATOM   1115 N  N   . SER A 1 143 ? -16.697 -7.196  -17.360 1.00 57.22 ? 438 SER A N   1 
ATOM   1116 C  CA  . SER A 1 143 ? -16.886 -7.569  -15.945 1.00 55.06 ? 438 SER A CA  1 
ATOM   1117 C  C   . SER A 1 143 ? -17.458 -6.424  -15.068 1.00 53.48 ? 438 SER A C   1 
ATOM   1118 O  O   . SER A 1 143 ? -16.796 -5.410  -14.822 1.00 54.12 ? 438 SER A O   1 
ATOM   1119 C  CB  . SER A 1 143 ? -15.553 -8.094  -15.387 1.00 54.81 ? 438 SER A CB  1 
ATOM   1120 O  OG  . SER A 1 143 ? -15.682 -8.572  -14.063 1.00 54.72 ? 438 SER A OG  1 
ATOM   1121 N  N   . LYS A 1 144 ? -18.682 -6.584  -14.583 1.00 50.69 ? 439 LYS A N   1 
ATOM   1122 C  CA  . LYS A 1 144 ? -19.356 -5.473  -13.933 1.00 47.83 ? 439 LYS A CA  1 
ATOM   1123 C  C   . LYS A 1 144 ? -19.308 -5.563  -12.417 1.00 46.23 ? 439 LYS A C   1 
ATOM   1124 O  O   . LYS A 1 144 ? -19.263 -6.664  -11.842 1.00 46.62 ? 439 LYS A O   1 
ATOM   1125 C  CB  . LYS A 1 144 ? -20.790 -5.381  -14.435 1.00 47.58 ? 439 LYS A CB  1 
ATOM   1126 C  CG  . LYS A 1 144 ? -20.899 -5.549  -15.939 1.00 47.21 ? 439 LYS A CG  1 
ATOM   1127 C  CD  . LYS A 1 144 ? -21.977 -4.659  -16.545 1.00 47.53 ? 439 LYS A CD  1 
ATOM   1128 C  CE  . LYS A 1 144 ? -21.911 -4.643  -18.072 1.00 47.24 ? 439 LYS A CE  1 
ATOM   1129 N  NZ  . LYS A 1 144 ? -20.548 -4.295  -18.552 1.00 48.19 ? 439 LYS A NZ  1 
ATOM   1130 N  N   . ILE A 1 145 ? -19.282 -4.399  -11.780 1.00 43.50 ? 440 ILE A N   1 
ATOM   1131 C  CA  . ILE A 1 145 ? -19.414 -4.286  -10.345 1.00 41.37 ? 440 ILE A CA  1 
ATOM   1132 C  C   . ILE A 1 145 ? -20.841 -3.830  -10.036 1.00 40.50 ? 440 ILE A C   1 
ATOM   1133 O  O   . ILE A 1 145 ? -21.261 -2.758  -10.469 1.00 40.11 ? 440 ILE A O   1 
ATOM   1134 C  CB  . ILE A 1 145 ? -18.435 -3.238  -9.752  1.00 41.84 ? 440 ILE A CB  1 
ATOM   1135 C  CG1 . ILE A 1 145 ? -17.004 -3.475  -10.243 1.00 41.03 ? 440 ILE A CG1 1 
ATOM   1136 C  CG2 . ILE A 1 145 ? -18.498 -3.229  -8.201  1.00 40.48 ? 440 ILE A CG2 1 
ATOM   1137 C  CD1 . ILE A 1 145 ? -16.095 -2.238  -10.113 1.00 40.64 ? 440 ILE A CD1 1 
ATOM   1138 N  N   . LEU A 1 146 ? -21.575 -4.619  -9.257  1.00 39.01 ? 441 LEU A N   1 
ATOM   1139 C  CA  . LEU A 1 146 ? -22.950 -4.259  -8.912  1.00 37.58 ? 441 LEU A CA  1 
ATOM   1140 C  C   . LEU A 1 146 ? -23.130 -4.090  -7.401  1.00 36.97 ? 441 LEU A C   1 
ATOM   1141 O  O   . LEU A 1 146 ? -22.617 -4.905  -6.625  1.00 36.86 ? 441 LEU A O   1 
ATOM   1142 C  CB  . LEU A 1 146 ? -23.928 -5.301  -9.466  1.00 37.10 ? 441 LEU A CB  1 
ATOM   1143 C  CG  . LEU A 1 146 ? -23.839 -5.658  -10.960 1.00 36.38 ? 441 LEU A CG  1 
ATOM   1144 C  CD1 . LEU A 1 146 ? -24.899 -6.676  -11.280 1.00 35.58 ? 441 LEU A CD1 1 
ATOM   1145 C  CD2 . LEU A 1 146 ? -24.004 -4.453  -11.896 1.00 33.87 ? 441 LEU A CD2 1 
ATOM   1146 N  N   . ALA A 1 147 ? -23.836 -3.036  -6.990  1.00 35.68 ? 442 ALA A N   1 
ATOM   1147 C  CA  . ALA A 1 147 ? -24.086 -2.791  -5.573  1.00 35.71 ? 442 ALA A CA  1 
ATOM   1148 C  C   . ALA A 1 147 ? -25.569 -2.836  -5.201  1.00 35.78 ? 442 ALA A C   1 
ATOM   1149 O  O   . ALA A 1 147 ? -26.436 -2.539  -6.022  1.00 35.42 ? 442 ALA A O   1 
ATOM   1150 C  CB  . ALA A 1 147 ? -23.468 -1.463  -5.134  1.00 35.81 ? 442 ALA A CB  1 
ATOM   1151 N  N   . LEU A 1 148 ? -25.840 -3.200  -3.953  1.00 36.15 ? 443 LEU A N   1 
ATOM   1152 C  CA  . LEU A 1 148 ? -27.206 -3.320  -3.440  1.00 36.96 ? 443 LEU A CA  1 
ATOM   1153 C  C   . LEU A 1 148 ? -27.306 -2.604  -2.094  1.00 37.73 ? 443 LEU A C   1 
ATOM   1154 O  O   . LEU A 1 148 ? -26.548 -2.910  -1.170  1.00 38.36 ? 443 LEU A O   1 
ATOM   1155 C  CB  . LEU A 1 148 ? -27.582 -4.793  -3.275  1.00 36.71 ? 443 LEU A CB  1 
ATOM   1156 C  CG  . LEU A 1 148 ? -28.928 -5.109  -2.618  1.00 37.02 ? 443 LEU A CG  1 
ATOM   1157 C  CD1 . LEU A 1 148 ? -30.082 -4.729  -3.541  1.00 35.42 ? 443 LEU A CD1 1 
ATOM   1158 C  CD2 . LEU A 1 148 ? -29.004 -6.586  -2.231  1.00 36.26 ? 443 LEU A CD2 1 
ATOM   1159 N  N   . ASP A 1 149 ? -28.226 -1.645  -2.002  1.00 38.10 ? 444 ASP A N   1 
ATOM   1160 C  CA  . ASP A 1 149 ? -28.526 -0.958  -0.752  1.00 38.74 ? 444 ASP A CA  1 
ATOM   1161 C  C   . ASP A 1 149 ? -29.373 -1.841  0.171   1.00 38.63 ? 444 ASP A C   1 
ATOM   1162 O  O   . ASP A 1 149 ? -30.481 -2.276  -0.187  1.00 38.70 ? 444 ASP A O   1 
ATOM   1163 C  CB  . ASP A 1 149 ? -29.252 0.361   -1.040  1.00 39.01 ? 444 ASP A CB  1 
ATOM   1164 C  CG  . ASP A 1 149 ? -28.382 1.363   -1.806  1.00 41.47 ? 444 ASP A CG  1 
ATOM   1165 O  OD1 . ASP A 1 149 ? -27.139 1.188   -1.903  1.00 44.59 ? 444 ASP A OD1 1 
ATOM   1166 O  OD2 . ASP A 1 149 ? -28.948 2.355   -2.311  1.00 44.73 ? 444 ASP A OD2 1 
ATOM   1167 N  N   . LEU A 1 150 ? -28.845 -2.121  1.355   1.00 38.47 ? 445 LEU A N   1 
ATOM   1168 C  CA  . LEU A 1 150 ? -29.546 -2.983  2.302   1.00 38.33 ? 445 LEU A CA  1 
ATOM   1169 C  C   . LEU A 1 150 ? -30.495 -2.135  3.122   1.00 38.99 ? 445 LEU A C   1 
ATOM   1170 O  O   . LEU A 1 150 ? -30.527 -0.911  2.983   1.00 39.47 ? 445 LEU A O   1 
ATOM   1171 C  CB  . LEU A 1 150 ? -28.567 -3.722  3.223   1.00 37.46 ? 445 LEU A CB  1 
ATOM   1172 C  CG  . LEU A 1 150 ? -27.446 -4.521  2.555   1.00 35.82 ? 445 LEU A CG  1 
ATOM   1173 C  CD1 . LEU A 1 150 ? -26.580 -5.194  3.574   1.00 31.56 ? 445 LEU A CD1 1 
ATOM   1174 C  CD2 . LEU A 1 150 ? -28.032 -5.534  1.625   1.00 36.64 ? 445 LEU A CD2 1 
ATOM   1175 O  OXT . LEU A 1 150 ? -31.245 -2.651  3.958   1.00 39.93 ? 445 LEU A OXT 1 
HETATM 1176 S  S   . SO4 B 2 .   ? 12.877  5.074   -3.676  1.00 77.83 ? 501 SO4 A S   1 
HETATM 1177 O  O1  . SO4 B 2 .   ? 13.126  4.958   -2.229  1.00 77.16 ? 501 SO4 A O1  1 
HETATM 1178 O  O2  . SO4 B 2 .   ? 14.139  4.980   -4.411  1.00 78.99 ? 501 SO4 A O2  1 
HETATM 1179 O  O3  . SO4 B 2 .   ? 11.921  4.067   -4.144  1.00 78.54 ? 501 SO4 A O3  1 
HETATM 1180 O  O4  . SO4 B 2 .   ? 12.286  6.367   -3.997  1.00 80.02 ? 501 SO4 A O4  1 
HETATM 1181 C  C1  . EDO C 3 .   ? -8.362  -5.455  4.276   1.00 66.38 ? 502 EDO A C1  1 
HETATM 1182 O  O1  . EDO C 3 .   ? -7.488  -6.027  5.254   1.00 65.88 ? 502 EDO A O1  1 
HETATM 1183 C  C2  . EDO C 3 .   ? -8.884  -6.569  3.379   1.00 65.87 ? 502 EDO A C2  1 
HETATM 1184 O  O2  . EDO C 3 .   ? -10.301 -6.698  3.552   0.50 64.25 ? 502 EDO A O2  1 
HETATM 1185 C  C1  . EDO D 3 .   ? 8.290   -20.713 -2.222  1.00 81.99 ? 503 EDO A C1  1 
HETATM 1186 O  O1  . EDO D 3 .   ? 9.641   -20.276 -1.995  1.00 80.65 ? 503 EDO A O1  1 
HETATM 1187 C  C2  . EDO D 3 .   ? 8.068   -20.888 -3.725  1.00 81.49 ? 503 EDO A C2  1 
HETATM 1188 O  O2  . EDO D 3 .   ? 9.347   -20.869 -4.383  1.00 81.15 ? 503 EDO A O2  1 
HETATM 1189 O  O   . HOH E 4 .   ? -3.972  -24.526 -6.571  1.00 56.96 ? 1   HOH A O   1 
HETATM 1190 O  O   . HOH E 4 .   ? 0.497   -1.191  -11.234 1.00 58.87 ? 2   HOH A O   1 
HETATM 1191 O  O   . HOH E 4 .   ? -3.626  12.947  12.517  1.00 54.91 ? 3   HOH A O   1 
HETATM 1192 O  O   . HOH E 4 .   ? -9.125  2.650   9.447   1.00 51.13 ? 4   HOH A O   1 
HETATM 1193 O  O   . HOH E 4 .   ? -3.760  18.752  7.970   1.00 60.27 ? 5   HOH A O   1 
HETATM 1194 O  O   . HOH E 4 .   ? 14.160  2.106   -1.263  1.00 47.54 ? 6   HOH A O   1 
HETATM 1195 O  O   . HOH E 4 .   ? 10.479  -14.305 0.580   1.00 43.31 ? 7   HOH A O   1 
HETATM 1196 O  O   . HOH E 4 .   ? -8.152  -10.093 8.330   1.00 47.03 ? 8   HOH A O   1 
HETATM 1197 O  O   . HOH E 4 .   ? -0.080  -4.278  -3.768  1.00 38.25 ? 9   HOH A O   1 
HETATM 1198 O  O   . HOH E 4 .   ? 7.129   -1.222  12.011  1.00 53.89 ? 10  HOH A O   1 
HETATM 1199 O  O   . HOH E 4 .   ? 2.411   15.110  0.360   1.00 37.44 ? 11  HOH A O   1 
HETATM 1200 O  O   . HOH E 4 .   ? 3.824   11.109  -5.868  1.00 49.20 ? 12  HOH A O   1 
HETATM 1201 O  O   . HOH E 4 .   ? -1.447  -16.415 -12.268 1.00 51.62 ? 13  HOH A O   1 
HETATM 1202 O  O   . HOH E 4 .   ? 14.242  -10.773 2.123   1.00 45.78 ? 14  HOH A O   1 
HETATM 1203 O  O   . HOH E 4 .   ? -4.966  17.106  -1.160  1.00 57.23 ? 15  HOH A O   1 
HETATM 1204 O  O   . HOH E 4 .   ? -9.811  14.731  6.155   1.00 57.57 ? 16  HOH A O   1 
HETATM 1205 O  O   . HOH E 4 .   ? -3.128  -2.700  8.580   1.00 47.55 ? 17  HOH A O   1 
HETATM 1206 O  O   . HOH E 4 .   ? -2.391  16.524  5.331   1.00 46.30 ? 18  HOH A O   1 
HETATM 1207 O  O   . HOH E 4 .   ? 2.148   17.175  3.551   1.00 37.80 ? 19  HOH A O   1 
HETATM 1208 O  O   . HOH E 4 .   ? -7.333  16.751  -2.543  1.00 64.24 ? 20  HOH A O   1 
HETATM 1209 O  O   . HOH E 4 .   ? 18.077  12.199  0.839   1.00 55.03 ? 21  HOH A O   1 
HETATM 1210 O  O   . HOH E 4 .   ? 10.611  15.903  10.149  1.00 46.09 ? 22  HOH A O   1 
HETATM 1211 O  O   . HOH E 4 .   ? -6.046  5.590   -5.167  1.00 53.74 ? 23  HOH A O   1 
HETATM 1212 O  O   . HOH E 4 .   ? 14.013  7.273   -1.541  1.00 62.53 ? 24  HOH A O   1 
HETATM 1213 O  O   . HOH E 4 .   ? 0.179   0.589   7.875   1.00 56.54 ? 25  HOH A O   1 
HETATM 1214 O  O   . HOH E 4 .   ? 3.191   -1.817  -4.328  1.00 56.52 ? 26  HOH A O   1 
HETATM 1215 O  O   . HOH E 4 .   ? 14.133  7.593   8.804   1.00 55.90 ? 27  HOH A O   1 
HETATM 1216 O  O   . HOH E 4 .   ? 6.357   -17.414 4.980   1.00 58.35 ? 28  HOH A O   1 
HETATM 1217 O  O   . HOH E 4 .   ? 1.652   17.628  1.224   1.00 35.71 ? 29  HOH A O   1 
HETATM 1218 O  O   . HOH E 4 .   ? 2.141   19.835  -0.180  1.00 44.12 ? 30  HOH A O   1 
HETATM 1219 O  O   . HOH E 4 .   ? 6.674   6.402   -5.920  1.00 50.83 ? 31  HOH A O   1 
HETATM 1220 O  O   . HOH E 4 .   ? 0.240   1.676   16.527  1.00 61.68 ? 32  HOH A O   1 
HETATM 1221 O  O   . HOH E 4 .   ? 3.134   5.171   14.567  1.00 49.43 ? 33  HOH A O   1 
HETATM 1222 O  O   . HOH E 4 .   ? 0.632   8.711   14.368  1.00 64.60 ? 34  HOH A O   1 
HETATM 1223 O  O   . HOH E 4 .   ? 0.079   16.885  5.419   1.00 40.11 ? 35  HOH A O   1 
HETATM 1224 O  O   . HOH E 4 .   ? 0.845   15.934  8.151   1.00 45.44 ? 36  HOH A O   1 
HETATM 1225 O  O   . HOH E 4 .   ? 3.080   15.992  -1.924  1.00 47.52 ? 37  HOH A O   1 
HETATM 1226 O  O   . HOH E 4 .   ? -10.167 -0.207  2.573   1.00 50.62 ? 38  HOH A O   1 
HETATM 1227 O  O   . HOH E 4 .   ? -0.778  -19.547 -0.048  1.00 46.45 ? 39  HOH A O   1 
HETATM 1228 O  O   . HOH E 4 .   ? 10.946  -3.364  -13.261 1.00 62.12 ? 40  HOH A O   1 
HETATM 1229 O  O   . HOH E 4 .   ? 12.506  -11.243 5.085   1.00 70.11 ? 41  HOH A O   1 
HETATM 1230 O  O   . HOH E 4 .   ? 3.486   13.929  -5.135  1.00 59.32 ? 42  HOH A O   1 
HETATM 1231 O  O   . HOH E 4 .   ? 7.178   3.928   -5.186  1.00 65.38 ? 43  HOH A O   1 
HETATM 1232 O  O   . HOH E 4 .   ? -8.053  -11.750 -14.962 1.00 53.42 ? 44  HOH A O   1 
HETATM 1233 O  O   . HOH E 4 .   ? -4.681  -0.196  -3.959  1.00 52.82 ? 45  HOH A O   1 
HETATM 1234 O  O   . HOH E 4 .   ? -1.634  -0.489  -5.224  1.00 56.82 ? 46  HOH A O   1 
HETATM 1235 O  O   . HOH E 4 .   ? -5.763  -6.365  -0.032  1.00 49.45 ? 47  HOH A O   1 
HETATM 1236 O  O   . HOH E 4 .   ? 12.357  19.649  4.168   1.00 65.52 ? 48  HOH A O   1 
HETATM 1237 O  O   . HOH E 4 .   ? 15.117  8.321   5.403   1.00 62.48 ? 49  HOH A O   1 
HETATM 1238 O  O   . HOH E 4 .   ? -8.531  0.247   9.625   1.00 51.27 ? 50  HOH A O   1 
HETATM 1239 O  O   . HOH E 4 .   ? -6.385  -6.910  -26.004 0.50 63.60 ? 51  HOH A O   1 
# 
